data_3BDR
# 
_entry.id   3BDR 
# 
_audit_conform.dict_name       mmcif_pdbx.dic 
_audit_conform.dict_version    5.398 
_audit_conform.dict_location   http://mmcif.pdb.org/dictionaries/ascii/mmcif_pdbx.dic 
# 
loop_
_database_2.database_id 
_database_2.database_code 
_database_2.pdbx_database_accession 
_database_2.pdbx_DOI 
PDB   3BDR         pdb_00003bdr 10.2210/pdb3bdr/pdb 
RCSB  RCSB045392   ?            ?                   
WWPDB D_1000045392 ?            ?                   
# 
loop_
_pdbx_audit_revision_history.ordinal 
_pdbx_audit_revision_history.data_content_type 
_pdbx_audit_revision_history.major_revision 
_pdbx_audit_revision_history.minor_revision 
_pdbx_audit_revision_history.revision_date 
1 'Structure model' 1 0 2007-11-27 
2 'Structure model' 1 1 2011-07-13 
3 'Structure model' 1 2 2017-10-25 
4 'Structure model' 1 3 2018-01-24 
5 'Structure model' 1 4 2024-10-30 
# 
_pdbx_audit_revision_details.ordinal             1 
_pdbx_audit_revision_details.revision_ordinal    1 
_pdbx_audit_revision_details.data_content_type   'Structure model' 
_pdbx_audit_revision_details.provider            repository 
_pdbx_audit_revision_details.type                'Initial release' 
_pdbx_audit_revision_details.description         ? 
_pdbx_audit_revision_details.details             ? 
# 
loop_
_pdbx_audit_revision_group.ordinal 
_pdbx_audit_revision_group.revision_ordinal 
_pdbx_audit_revision_group.data_content_type 
_pdbx_audit_revision_group.group 
1 2 'Structure model' 'Version format compliance' 
2 3 'Structure model' 'Refinement description'    
3 4 'Structure model' 'Database references'       
4 4 'Structure model' 'Structure summary'         
5 5 'Structure model' 'Data collection'           
6 5 'Structure model' 'Database references'       
7 5 'Structure model' 'Derived calculations'      
8 5 'Structure model' 'Structure summary'         
# 
loop_
_pdbx_audit_revision_category.ordinal 
_pdbx_audit_revision_category.revision_ordinal 
_pdbx_audit_revision_category.data_content_type 
_pdbx_audit_revision_category.category 
1  3 'Structure model' software                  
2  4 'Structure model' audit_author              
3  4 'Structure model' citation_author           
4  5 'Structure model' chem_comp_atom            
5  5 'Structure model' chem_comp_bond            
6  5 'Structure model' database_2                
7  5 'Structure model' pdbx_entry_details        
8  5 'Structure model' pdbx_modification_feature 
9  5 'Structure model' struct_conn               
10 5 'Structure model' struct_ref_seq_dif        
11 5 'Structure model' struct_site               
# 
loop_
_pdbx_audit_revision_item.ordinal 
_pdbx_audit_revision_item.revision_ordinal 
_pdbx_audit_revision_item.data_content_type 
_pdbx_audit_revision_item.item 
1  3 'Structure model' '_software.name'                      
2  4 'Structure model' '_audit_author.name'                  
3  4 'Structure model' '_citation_author.name'               
4  5 'Structure model' '_database_2.pdbx_DOI'                
5  5 'Structure model' '_database_2.pdbx_database_accession' 
6  5 'Structure model' '_struct_conn.pdbx_leaving_atom_flag' 
7  5 'Structure model' '_struct_ref_seq_dif.details'         
8  5 'Structure model' '_struct_site.pdbx_auth_asym_id'      
9  5 'Structure model' '_struct_site.pdbx_auth_comp_id'      
10 5 'Structure model' '_struct_site.pdbx_auth_seq_id'       
# 
_pdbx_database_status.status_code                     REL 
_pdbx_database_status.entry_id                        3BDR 
_pdbx_database_status.recvd_initial_deposition_date   2007-11-15 
_pdbx_database_status.deposit_site                    RCSB 
_pdbx_database_status.process_site                    RCSB 
_pdbx_database_status.status_code_sf                  REL 
_pdbx_database_status.status_code_mr                  ? 
_pdbx_database_status.SG_entry                        Y 
_pdbx_database_status.pdb_format_compatible           Y 
_pdbx_database_status.status_code_cs                  ? 
_pdbx_database_status.methods_development_category    ? 
_pdbx_database_status.status_code_nmr_data            ? 
# 
_pdbx_database_related.db_name        TargetDB 
_pdbx_database_related.db_id          TeR13 
_pdbx_database_related.details        . 
_pdbx_database_related.content_type   unspecified 
# 
loop_
_audit_author.name 
_audit_author.pdbx_ordinal 
'Kuzin, A.P.'                                     1  
'Su, M.'                                          2  
'Seetharaman, J.'                                 3  
'Forouhar, F.'                                    4  
'Wang, D.'                                        5  
'Janjua, H.'                                      6  
'Cunningham, K.'                                  7  
'Ma, L.-C.'                                       8  
'Xiao, R.'                                        9  
'Liu, J.'                                         10 
'Baran, M.C.'                                     11 
'Acton, T.B.'                                     12 
'Rost, B.'                                        13 
'Montelione, G.T.'                                14 
'Tong, L.'                                        15 
'Hunt, J.F.'                                      16 
'Northeast Structural Genomics Consortium (NESG)' 17 
# 
_citation.id                        primary 
_citation.title                     
'The crystal structure of fatty acid-binding protein-like Ycf58 from Thermosynecoccus elongatus.' 
_citation.journal_abbrev            'To be Published' 
_citation.journal_volume            ? 
_citation.page_first                ? 
_citation.page_last                 ? 
_citation.year                      ? 
_citation.journal_id_ASTM           ? 
_citation.country                   ? 
_citation.journal_id_ISSN           ? 
_citation.journal_id_CSD            0353 
_citation.book_publisher            ? 
_citation.pdbx_database_id_PubMed   ? 
_citation.pdbx_database_id_DOI      ? 
# 
loop_
_citation_author.citation_id 
_citation_author.name 
_citation_author.ordinal 
_citation_author.identifier_ORCID 
primary 'Kuzin, A.P.'      1  ? 
primary 'Su, M.'           2  ? 
primary 'Seetharaman, J.'  3  ? 
primary 'Forouhar, F.'     4  ? 
primary 'Wang, D.'         5  ? 
primary 'Janjua, H.'       6  ? 
primary 'Cunningham, K.'   7  ? 
primary 'Ma, L.-C.'        8  ? 
primary 'Xiao, R.'         9  ? 
primary 'Liu, J.'          10 ? 
primary 'Baran, M.C.'      11 ? 
primary 'Acton, T.B.'      12 ? 
primary 'Rost, B.'         13 ? 
primary 'Montelione, G.T.' 14 ? 
primary 'Tong, L.'         15 ? 
primary 'Hunt, J.F.'       16 ? 
# 
loop_
_entity.id 
_entity.type 
_entity.src_method 
_entity.pdbx_description 
_entity.formula_weight 
_entity.pdbx_number_of_molecules 
_entity.pdbx_ec 
_entity.pdbx_mutation 
_entity.pdbx_fragment 
_entity.details 
1 polymer     man 'Ycf58 protein' 21877.332 1 ? ? ? ? 
2 non-polymer syn 'PHOSPHATE ION' 94.971    1 ? ? ? ? 
3 water       nat water           18.015    1 ? ? ? ? 
# 
_entity_poly.entity_id                      1 
_entity_poly.type                           'polypeptide(L)' 
_entity_poly.nstd_linkage                   no 
_entity_poly.nstd_monomer                   yes 
_entity_poly.pdbx_seq_one_letter_code       
;(MSE)CIG(MSE)DIRDFFAQSAGRWFSQRTSHHLAFKQTESGKSQLTIELLSVDDPAVIALCQQYD(MSE)DPAWAVCG
ARVSWDGT(MSE)EWDNEKHEGSTVLVPI(MSE)DQGSR(MSE)EGKLLRE(MSE)GYAEKAPVAGRFS(MSE)GSDGAL
TLITEYETIYSEERLWFASPNLRLRTSILKRFGGFS(MSE)ASFCSEIRLGVTQPANSLEHHHHHH
;
_entity_poly.pdbx_seq_one_letter_code_can   
;MCIGMDIRDFFAQSAGRWFSQRTSHHLAFKQTESGKSQLTIELLSVDDPAVIALCQQYDMDPAWAVCGARVSWDGTMEWD
NEKHEGSTVLVPIMDQGSRMEGKLLREMGYAEKAPVAGRFSMGSDGALTLITEYETIYSEERLWFASPNLRLRTSILKRF
GGFSMASFCSEIRLGVTQPANSLEHHHHHH
;
_entity_poly.pdbx_strand_id                 A 
_entity_poly.pdbx_target_identifier         TeR13 
# 
loop_
_pdbx_entity_nonpoly.entity_id 
_pdbx_entity_nonpoly.name 
_pdbx_entity_nonpoly.comp_id 
2 'PHOSPHATE ION' PO4 
3 water           HOH 
# 
loop_
_entity_poly_seq.entity_id 
_entity_poly_seq.num 
_entity_poly_seq.mon_id 
_entity_poly_seq.hetero 
1 1   MSE n 
1 2   CYS n 
1 3   ILE n 
1 4   GLY n 
1 5   MSE n 
1 6   ASP n 
1 7   ILE n 
1 8   ARG n 
1 9   ASP n 
1 10  PHE n 
1 11  PHE n 
1 12  ALA n 
1 13  GLN n 
1 14  SER n 
1 15  ALA n 
1 16  GLY n 
1 17  ARG n 
1 18  TRP n 
1 19  PHE n 
1 20  SER n 
1 21  GLN n 
1 22  ARG n 
1 23  THR n 
1 24  SER n 
1 25  HIS n 
1 26  HIS n 
1 27  LEU n 
1 28  ALA n 
1 29  PHE n 
1 30  LYS n 
1 31  GLN n 
1 32  THR n 
1 33  GLU n 
1 34  SER n 
1 35  GLY n 
1 36  LYS n 
1 37  SER n 
1 38  GLN n 
1 39  LEU n 
1 40  THR n 
1 41  ILE n 
1 42  GLU n 
1 43  LEU n 
1 44  LEU n 
1 45  SER n 
1 46  VAL n 
1 47  ASP n 
1 48  ASP n 
1 49  PRO n 
1 50  ALA n 
1 51  VAL n 
1 52  ILE n 
1 53  ALA n 
1 54  LEU n 
1 55  CYS n 
1 56  GLN n 
1 57  GLN n 
1 58  TYR n 
1 59  ASP n 
1 60  MSE n 
1 61  ASP n 
1 62  PRO n 
1 63  ALA n 
1 64  TRP n 
1 65  ALA n 
1 66  VAL n 
1 67  CYS n 
1 68  GLY n 
1 69  ALA n 
1 70  ARG n 
1 71  VAL n 
1 72  SER n 
1 73  TRP n 
1 74  ASP n 
1 75  GLY n 
1 76  THR n 
1 77  MSE n 
1 78  GLU n 
1 79  TRP n 
1 80  ASP n 
1 81  ASN n 
1 82  GLU n 
1 83  LYS n 
1 84  HIS n 
1 85  GLU n 
1 86  GLY n 
1 87  SER n 
1 88  THR n 
1 89  VAL n 
1 90  LEU n 
1 91  VAL n 
1 92  PRO n 
1 93  ILE n 
1 94  MSE n 
1 95  ASP n 
1 96  GLN n 
1 97  GLY n 
1 98  SER n 
1 99  ARG n 
1 100 MSE n 
1 101 GLU n 
1 102 GLY n 
1 103 LYS n 
1 104 LEU n 
1 105 LEU n 
1 106 ARG n 
1 107 GLU n 
1 108 MSE n 
1 109 GLY n 
1 110 TYR n 
1 111 ALA n 
1 112 GLU n 
1 113 LYS n 
1 114 ALA n 
1 115 PRO n 
1 116 VAL n 
1 117 ALA n 
1 118 GLY n 
1 119 ARG n 
1 120 PHE n 
1 121 SER n 
1 122 MSE n 
1 123 GLY n 
1 124 SER n 
1 125 ASP n 
1 126 GLY n 
1 127 ALA n 
1 128 LEU n 
1 129 THR n 
1 130 LEU n 
1 131 ILE n 
1 132 THR n 
1 133 GLU n 
1 134 TYR n 
1 135 GLU n 
1 136 THR n 
1 137 ILE n 
1 138 TYR n 
1 139 SER n 
1 140 GLU n 
1 141 GLU n 
1 142 ARG n 
1 143 LEU n 
1 144 TRP n 
1 145 PHE n 
1 146 ALA n 
1 147 SER n 
1 148 PRO n 
1 149 ASN n 
1 150 LEU n 
1 151 ARG n 
1 152 LEU n 
1 153 ARG n 
1 154 THR n 
1 155 SER n 
1 156 ILE n 
1 157 LEU n 
1 158 LYS n 
1 159 ARG n 
1 160 PHE n 
1 161 GLY n 
1 162 GLY n 
1 163 PHE n 
1 164 SER n 
1 165 MSE n 
1 166 ALA n 
1 167 SER n 
1 168 PHE n 
1 169 CYS n 
1 170 SER n 
1 171 GLU n 
1 172 ILE n 
1 173 ARG n 
1 174 LEU n 
1 175 GLY n 
1 176 VAL n 
1 177 THR n 
1 178 GLN n 
1 179 PRO n 
1 180 ALA n 
1 181 ASN n 
1 182 SER n 
1 183 LEU n 
1 184 GLU n 
1 185 HIS n 
1 186 HIS n 
1 187 HIS n 
1 188 HIS n 
1 189 HIS n 
1 190 HIS n 
# 
_entity_src_gen.entity_id                          1 
_entity_src_gen.pdbx_src_id                        1 
_entity_src_gen.pdbx_alt_source_flag               sample 
_entity_src_gen.pdbx_seq_type                      ? 
_entity_src_gen.pdbx_beg_seq_num                   ? 
_entity_src_gen.pdbx_end_seq_num                   ? 
_entity_src_gen.gene_src_common_name               ? 
_entity_src_gen.gene_src_genus                     Synechococcus 
_entity_src_gen.pdbx_gene_src_gene                 'ycf58, tll1699' 
_entity_src_gen.gene_src_species                   ? 
_entity_src_gen.gene_src_strain                    BP-1 
_entity_src_gen.gene_src_tissue                    ? 
_entity_src_gen.gene_src_tissue_fraction           ? 
_entity_src_gen.gene_src_details                   ? 
_entity_src_gen.pdbx_gene_src_fragment             ? 
_entity_src_gen.pdbx_gene_src_scientific_name      'Synechococcus elongatus' 
_entity_src_gen.pdbx_gene_src_ncbi_taxonomy_id     32046 
_entity_src_gen.pdbx_gene_src_variant              ? 
_entity_src_gen.pdbx_gene_src_cell_line            ? 
_entity_src_gen.pdbx_gene_src_atcc                 ? 
_entity_src_gen.pdbx_gene_src_organ                ? 
_entity_src_gen.pdbx_gene_src_organelle            ? 
_entity_src_gen.pdbx_gene_src_cell                 ? 
_entity_src_gen.pdbx_gene_src_cellular_location    ? 
_entity_src_gen.host_org_common_name               ? 
_entity_src_gen.pdbx_host_org_scientific_name      'Escherichia coli' 
_entity_src_gen.pdbx_host_org_ncbi_taxonomy_id     562 
_entity_src_gen.host_org_genus                     Escherichia 
_entity_src_gen.pdbx_host_org_gene                 ? 
_entity_src_gen.pdbx_host_org_organ                ? 
_entity_src_gen.host_org_species                   ? 
_entity_src_gen.pdbx_host_org_tissue               ? 
_entity_src_gen.pdbx_host_org_tissue_fraction      ? 
_entity_src_gen.pdbx_host_org_strain               ? 
_entity_src_gen.pdbx_host_org_variant              ? 
_entity_src_gen.pdbx_host_org_cell_line            ? 
_entity_src_gen.pdbx_host_org_atcc                 ? 
_entity_src_gen.pdbx_host_org_culture_collection   ? 
_entity_src_gen.pdbx_host_org_cell                 ? 
_entity_src_gen.pdbx_host_org_organelle            ? 
_entity_src_gen.pdbx_host_org_cellular_location    ? 
_entity_src_gen.pdbx_host_org_vector_type          ? 
_entity_src_gen.pdbx_host_org_vector               ? 
_entity_src_gen.host_org_details                   ? 
_entity_src_gen.expression_system_id               ? 
_entity_src_gen.plasmid_name                       ? 
_entity_src_gen.plasmid_details                    ? 
_entity_src_gen.pdbx_description                   ? 
# 
loop_
_chem_comp.id 
_chem_comp.type 
_chem_comp.mon_nstd_flag 
_chem_comp.name 
_chem_comp.pdbx_synonyms 
_chem_comp.formula 
_chem_comp.formula_weight 
ALA 'L-peptide linking' y ALANINE          ? 'C3 H7 N O2'     89.093  
ARG 'L-peptide linking' y ARGININE         ? 'C6 H15 N4 O2 1' 175.209 
ASN 'L-peptide linking' y ASPARAGINE       ? 'C4 H8 N2 O3'    132.118 
ASP 'L-peptide linking' y 'ASPARTIC ACID'  ? 'C4 H7 N O4'     133.103 
CYS 'L-peptide linking' y CYSTEINE         ? 'C3 H7 N O2 S'   121.158 
GLN 'L-peptide linking' y GLUTAMINE        ? 'C5 H10 N2 O3'   146.144 
GLU 'L-peptide linking' y 'GLUTAMIC ACID'  ? 'C5 H9 N O4'     147.129 
GLY 'peptide linking'   y GLYCINE          ? 'C2 H5 N O2'     75.067  
HIS 'L-peptide linking' y HISTIDINE        ? 'C6 H10 N3 O2 1' 156.162 
HOH non-polymer         . WATER            ? 'H2 O'           18.015  
ILE 'L-peptide linking' y ISOLEUCINE       ? 'C6 H13 N O2'    131.173 
LEU 'L-peptide linking' y LEUCINE          ? 'C6 H13 N O2'    131.173 
LYS 'L-peptide linking' y LYSINE           ? 'C6 H15 N2 O2 1' 147.195 
MSE 'L-peptide linking' n SELENOMETHIONINE ? 'C5 H11 N O2 Se' 196.106 
PHE 'L-peptide linking' y PHENYLALANINE    ? 'C9 H11 N O2'    165.189 
PO4 non-polymer         . 'PHOSPHATE ION'  ? 'O4 P -3'        94.971  
PRO 'L-peptide linking' y PROLINE          ? 'C5 H9 N O2'     115.130 
SER 'L-peptide linking' y SERINE           ? 'C3 H7 N O3'     105.093 
THR 'L-peptide linking' y THREONINE        ? 'C4 H9 N O3'     119.119 
TRP 'L-peptide linking' y TRYPTOPHAN       ? 'C11 H12 N2 O2'  204.225 
TYR 'L-peptide linking' y TYROSINE         ? 'C9 H11 N O3'    181.189 
VAL 'L-peptide linking' y VALINE           ? 'C5 H11 N O2'    117.146 
# 
loop_
_pdbx_poly_seq_scheme.asym_id 
_pdbx_poly_seq_scheme.entity_id 
_pdbx_poly_seq_scheme.seq_id 
_pdbx_poly_seq_scheme.mon_id 
_pdbx_poly_seq_scheme.ndb_seq_num 
_pdbx_poly_seq_scheme.pdb_seq_num 
_pdbx_poly_seq_scheme.auth_seq_num 
_pdbx_poly_seq_scheme.pdb_mon_id 
_pdbx_poly_seq_scheme.auth_mon_id 
_pdbx_poly_seq_scheme.pdb_strand_id 
_pdbx_poly_seq_scheme.pdb_ins_code 
_pdbx_poly_seq_scheme.hetero 
A 1 1   MSE 1   1   ?   ?   ?   A . n 
A 1 2   CYS 2   2   ?   ?   ?   A . n 
A 1 3   ILE 3   3   ?   ?   ?   A . n 
A 1 4   GLY 4   4   4   GLY GLY A . n 
A 1 5   MSE 5   5   5   MSE MSE A . n 
A 1 6   ASP 6   6   6   ASP ASP A . n 
A 1 7   ILE 7   7   7   ILE ILE A . n 
A 1 8   ARG 8   8   8   ARG ARG A . n 
A 1 9   ASP 9   9   9   ASP ASP A . n 
A 1 10  PHE 10  10  10  PHE PHE A . n 
A 1 11  PHE 11  11  11  PHE PHE A . n 
A 1 12  ALA 12  12  12  ALA ALA A . n 
A 1 13  GLN 13  13  13  GLN GLN A . n 
A 1 14  SER 14  14  14  SER SER A . n 
A 1 15  ALA 15  15  15  ALA ALA A . n 
A 1 16  GLY 16  16  16  GLY GLY A . n 
A 1 17  ARG 17  17  17  ARG ARG A . n 
A 1 18  TRP 18  18  18  TRP TRP A . n 
A 1 19  PHE 19  19  19  PHE PHE A . n 
A 1 20  SER 20  20  20  SER SER A . n 
A 1 21  GLN 21  21  21  GLN GLN A . n 
A 1 22  ARG 22  22  22  ARG ARG A . n 
A 1 23  THR 23  23  23  THR THR A . n 
A 1 24  SER 24  24  24  SER SER A . n 
A 1 25  HIS 25  25  25  HIS HIS A . n 
A 1 26  HIS 26  26  26  HIS HIS A . n 
A 1 27  LEU 27  27  27  LEU LEU A . n 
A 1 28  ALA 28  28  28  ALA ALA A . n 
A 1 29  PHE 29  29  29  PHE PHE A . n 
A 1 30  LYS 30  30  30  LYS LYS A . n 
A 1 31  GLN 31  31  31  GLN GLN A . n 
A 1 32  THR 32  32  32  THR THR A . n 
A 1 33  GLU 33  33  33  GLU GLU A . n 
A 1 34  SER 34  34  34  SER SER A . n 
A 1 35  GLY 35  35  35  GLY GLY A . n 
A 1 36  LYS 36  36  36  LYS LYS A . n 
A 1 37  SER 37  37  37  SER SER A . n 
A 1 38  GLN 38  38  38  GLN GLN A . n 
A 1 39  LEU 39  39  39  LEU LEU A . n 
A 1 40  THR 40  40  40  THR THR A . n 
A 1 41  ILE 41  41  41  ILE ILE A . n 
A 1 42  GLU 42  42  42  GLU GLU A . n 
A 1 43  LEU 43  43  43  LEU LEU A . n 
A 1 44  LEU 44  44  44  LEU LEU A . n 
A 1 45  SER 45  45  45  SER SER A . n 
A 1 46  VAL 46  46  46  VAL VAL A . n 
A 1 47  ASP 47  47  47  ASP ASP A . n 
A 1 48  ASP 48  48  48  ASP ASP A . n 
A 1 49  PRO 49  49  49  PRO PRO A . n 
A 1 50  ALA 50  50  50  ALA ALA A . n 
A 1 51  VAL 51  51  51  VAL VAL A . n 
A 1 52  ILE 52  52  52  ILE ILE A . n 
A 1 53  ALA 53  53  53  ALA ALA A . n 
A 1 54  LEU 54  54  54  LEU LEU A . n 
A 1 55  CYS 55  55  55  CYS CYS A . n 
A 1 56  GLN 56  56  56  GLN GLN A . n 
A 1 57  GLN 57  57  57  GLN GLN A . n 
A 1 58  TYR 58  58  58  TYR TYR A . n 
A 1 59  ASP 59  59  59  ASP ASP A . n 
A 1 60  MSE 60  60  60  MSE MSE A . n 
A 1 61  ASP 61  61  61  ASP ASP A . n 
A 1 62  PRO 62  62  62  PRO PRO A . n 
A 1 63  ALA 63  63  63  ALA ALA A . n 
A 1 64  TRP 64  64  64  TRP TRP A . n 
A 1 65  ALA 65  65  65  ALA ALA A . n 
A 1 66  VAL 66  66  66  VAL VAL A . n 
A 1 67  CYS 67  67  67  CYS CYS A . n 
A 1 68  GLY 68  68  68  GLY GLY A . n 
A 1 69  ALA 69  69  69  ALA ALA A . n 
A 1 70  ARG 70  70  70  ARG ARG A . n 
A 1 71  VAL 71  71  71  VAL VAL A . n 
A 1 72  SER 72  72  72  SER SER A . n 
A 1 73  TRP 73  73  73  TRP TRP A . n 
A 1 74  ASP 74  74  74  ASP ASP A . n 
A 1 75  GLY 75  75  75  GLY GLY A . n 
A 1 76  THR 76  76  76  THR THR A . n 
A 1 77  MSE 77  77  ?   ?   ?   A . n 
A 1 78  GLU 78  78  ?   ?   ?   A . n 
A 1 79  TRP 79  79  ?   ?   ?   A . n 
A 1 80  ASP 80  80  ?   ?   ?   A . n 
A 1 81  ASN 81  81  ?   ?   ?   A . n 
A 1 82  GLU 82  82  ?   ?   ?   A . n 
A 1 83  LYS 83  83  ?   ?   ?   A . n 
A 1 84  HIS 84  84  84  HIS HIS A . n 
A 1 85  GLU 85  85  85  GLU GLU A . n 
A 1 86  GLY 86  86  86  GLY GLY A . n 
A 1 87  SER 87  87  87  SER SER A . n 
A 1 88  THR 88  88  88  THR THR A . n 
A 1 89  VAL 89  89  89  VAL VAL A . n 
A 1 90  LEU 90  90  90  LEU LEU A . n 
A 1 91  VAL 91  91  91  VAL VAL A . n 
A 1 92  PRO 92  92  92  PRO PRO A . n 
A 1 93  ILE 93  93  93  ILE ILE A . n 
A 1 94  MSE 94  94  94  MSE MSE A . n 
A 1 95  ASP 95  95  95  ASP ASP A . n 
A 1 96  GLN 96  96  96  GLN GLN A . n 
A 1 97  GLY 97  97  97  GLY GLY A . n 
A 1 98  SER 98  98  98  SER SER A . n 
A 1 99  ARG 99  99  99  ARG ARG A . n 
A 1 100 MSE 100 100 100 MSE MSE A . n 
A 1 101 GLU 101 101 101 GLU GLU A . n 
A 1 102 GLY 102 102 102 GLY GLY A . n 
A 1 103 LYS 103 103 103 LYS LYS A . n 
A 1 104 LEU 104 104 104 LEU LEU A . n 
A 1 105 LEU 105 105 105 LEU LEU A . n 
A 1 106 ARG 106 106 106 ARG ARG A . n 
A 1 107 GLU 107 107 107 GLU GLU A . n 
A 1 108 MSE 108 108 ?   ?   ?   A . n 
A 1 109 GLY 109 109 ?   ?   ?   A . n 
A 1 110 TYR 110 110 ?   ?   ?   A . n 
A 1 111 ALA 111 111 ?   ?   ?   A . n 
A 1 112 GLU 112 112 ?   ?   ?   A . n 
A 1 113 LYS 113 113 ?   ?   ?   A . n 
A 1 114 ALA 114 114 ?   ?   ?   A . n 
A 1 115 PRO 115 115 ?   ?   ?   A . n 
A 1 116 VAL 116 116 ?   ?   ?   A . n 
A 1 117 ALA 117 117 ?   ?   ?   A . n 
A 1 118 GLY 118 118 118 GLY GLY A . n 
A 1 119 ARG 119 119 119 ARG ARG A . n 
A 1 120 PHE 120 120 120 PHE PHE A . n 
A 1 121 SER 121 121 121 SER SER A . n 
A 1 122 MSE 122 122 122 MSE MSE A . n 
A 1 123 GLY 123 123 123 GLY GLY A . n 
A 1 124 SER 124 124 124 SER SER A . n 
A 1 125 ASP 125 125 125 ASP ASP A . n 
A 1 126 GLY 126 126 126 GLY GLY A . n 
A 1 127 ALA 127 127 127 ALA ALA A . n 
A 1 128 LEU 128 128 128 LEU LEU A . n 
A 1 129 THR 129 129 129 THR THR A . n 
A 1 130 LEU 130 130 130 LEU LEU A . n 
A 1 131 ILE 131 131 131 ILE ILE A . n 
A 1 132 THR 132 132 132 THR THR A . n 
A 1 133 GLU 133 133 133 GLU GLU A . n 
A 1 134 TYR 134 134 134 TYR TYR A . n 
A 1 135 GLU 135 135 135 GLU GLU A . n 
A 1 136 THR 136 136 136 THR THR A . n 
A 1 137 ILE 137 137 137 ILE ILE A . n 
A 1 138 TYR 138 138 138 TYR TYR A . n 
A 1 139 SER 139 139 139 SER SER A . n 
A 1 140 GLU 140 140 140 GLU GLU A . n 
A 1 141 GLU 141 141 141 GLU GLU A . n 
A 1 142 ARG 142 142 142 ARG ARG A . n 
A 1 143 LEU 143 143 143 LEU LEU A . n 
A 1 144 TRP 144 144 144 TRP TRP A . n 
A 1 145 PHE 145 145 145 PHE PHE A . n 
A 1 146 ALA 146 146 146 ALA ALA A . n 
A 1 147 SER 147 147 147 SER SER A . n 
A 1 148 PRO 148 148 148 PRO PRO A . n 
A 1 149 ASN 149 149 149 ASN ASN A . n 
A 1 150 LEU 150 150 150 LEU LEU A . n 
A 1 151 ARG 151 151 151 ARG ARG A . n 
A 1 152 LEU 152 152 152 LEU LEU A . n 
A 1 153 ARG 153 153 153 ARG ARG A . n 
A 1 154 THR 154 154 154 THR THR A . n 
A 1 155 SER 155 155 155 SER SER A . n 
A 1 156 ILE 156 156 156 ILE ILE A . n 
A 1 157 LEU 157 157 157 LEU LEU A . n 
A 1 158 LYS 158 158 158 LYS LYS A . n 
A 1 159 ARG 159 159 159 ARG ARG A . n 
A 1 160 PHE 160 160 160 PHE PHE A . n 
A 1 161 GLY 161 161 161 GLY GLY A . n 
A 1 162 GLY 162 162 162 GLY GLY A . n 
A 1 163 PHE 163 163 163 PHE PHE A . n 
A 1 164 SER 164 164 164 SER SER A . n 
A 1 165 MSE 165 165 165 MSE MSE A . n 
A 1 166 ALA 166 166 166 ALA ALA A . n 
A 1 167 SER 167 167 167 SER SER A . n 
A 1 168 PHE 168 168 168 PHE PHE A . n 
A 1 169 CYS 169 169 169 CYS CYS A . n 
A 1 170 SER 170 170 170 SER SER A . n 
A 1 171 GLU 171 171 171 GLU GLU A . n 
A 1 172 ILE 172 172 172 ILE ILE A . n 
A 1 173 ARG 173 173 173 ARG ARG A . n 
A 1 174 LEU 174 174 174 LEU LEU A . n 
A 1 175 GLY 175 175 175 GLY GLY A . n 
A 1 176 VAL 176 176 176 VAL VAL A . n 
A 1 177 THR 177 177 ?   ?   ?   A . n 
A 1 178 GLN 178 178 ?   ?   ?   A . n 
A 1 179 PRO 179 179 ?   ?   ?   A . n 
A 1 180 ALA 180 180 ?   ?   ?   A . n 
A 1 181 ASN 181 181 ?   ?   ?   A . n 
A 1 182 SER 182 182 ?   ?   ?   A . n 
A 1 183 LEU 183 183 ?   ?   ?   A . n 
A 1 184 GLU 184 184 ?   ?   ?   A . n 
A 1 185 HIS 185 185 ?   ?   ?   A . n 
A 1 186 HIS 186 186 ?   ?   ?   A . n 
A 1 187 HIS 187 187 ?   ?   ?   A . n 
A 1 188 HIS 188 188 ?   ?   ?   A . n 
A 1 189 HIS 189 189 ?   ?   ?   A . n 
A 1 190 HIS 190 190 ?   ?   ?   A . n 
# 
loop_
_pdbx_nonpoly_scheme.asym_id 
_pdbx_nonpoly_scheme.entity_id 
_pdbx_nonpoly_scheme.mon_id 
_pdbx_nonpoly_scheme.ndb_seq_num 
_pdbx_nonpoly_scheme.pdb_seq_num 
_pdbx_nonpoly_scheme.auth_seq_num 
_pdbx_nonpoly_scheme.pdb_mon_id 
_pdbx_nonpoly_scheme.auth_mon_id 
_pdbx_nonpoly_scheme.pdb_strand_id 
_pdbx_nonpoly_scheme.pdb_ins_code 
B 2 PO4 1 201 201 PO4 PO4 A . 
C 3 HOH 1 202 202 HOH HOH A . 
# 
loop_
_software.name 
_software.classification 
_software.version 
_software.citation_id 
_software.pdbx_ordinal 
CNS       refinement        1.2     ? 1 
ADSC      'data collection' Quantum ? 2 
HKL-2000  'data reduction'  .       ? 3 
SCALEPACK 'data scaling'    .       ? 4 
SnB       phasing           .       ? 5 
# 
_cell.entry_id           3BDR 
_cell.length_a           75.014 
_cell.length_b           75.014 
_cell.length_c           83.359 
_cell.angle_alpha        90.00 
_cell.angle_beta         90.00 
_cell.angle_gamma        90.00 
_cell.Z_PDB              8 
_cell.pdbx_unique_axis   ? 
_cell.length_a_esd       ? 
_cell.length_b_esd       ? 
_cell.length_c_esd       ? 
_cell.angle_alpha_esd    ? 
_cell.angle_beta_esd     ? 
_cell.angle_gamma_esd    ? 
# 
_symmetry.entry_id                         3BDR 
_symmetry.space_group_name_H-M             'P 41 21 2' 
_symmetry.pdbx_full_space_group_name_H-M   ? 
_symmetry.cell_setting                     ? 
_symmetry.Int_Tables_number                92 
_symmetry.space_group_name_Hall            ? 
# 
_exptl.entry_id          3BDR 
_exptl.method            'X-RAY DIFFRACTION' 
_exptl.crystals_number   ? 
# 
_exptl_crystal.id                    1 
_exptl_crystal.density_meas          ? 
_exptl_crystal.density_Matthews      2.68 
_exptl_crystal.density_percent_sol   54.11 
_exptl_crystal.description           ? 
_exptl_crystal.F_000                 ? 
_exptl_crystal.preparation           ? 
# 
_exptl_crystal_grow.crystal_id      1 
_exptl_crystal_grow.method          'VAPOR DIFFUSION, HANGING DROP' 
_exptl_crystal_grow.temp            293 
_exptl_crystal_grow.temp_details    ? 
_exptl_crystal_grow.pH              10.0 
_exptl_crystal_grow.pdbx_details    
'18% PEG 20000, 0.1M NH4H2PO4, 0.1M CAPS, 20% Glycerol, pH 10.0, VAPOR DIFFUSION, HANGING DROP, temperature 293K' 
_exptl_crystal_grow.pdbx_pH_range   . 
# 
_diffrn.id                     1 
_diffrn.ambient_temp           100 
_diffrn.ambient_temp_details   ? 
_diffrn.crystal_id             1 
# 
_diffrn_detector.diffrn_id              1 
_diffrn_detector.detector               CCD 
_diffrn_detector.type                   'ADSC QUANTUM 210' 
_diffrn_detector.pdbx_collection_date   2007-07-06 
_diffrn_detector.details                ? 
# 
_diffrn_radiation.diffrn_id                        1 
_diffrn_radiation.wavelength_id                    1 
_diffrn_radiation.pdbx_monochromatic_or_laue_m_l   M 
_diffrn_radiation.monochromator                    ? 
_diffrn_radiation.pdbx_diffrn_protocol             'SINGLE WAVELENGTH' 
_diffrn_radiation.pdbx_scattering_type             x-ray 
# 
_diffrn_radiation_wavelength.id           1 
_diffrn_radiation_wavelength.wavelength   0.97900 
_diffrn_radiation_wavelength.wt           1.0 
# 
_diffrn_source.diffrn_id                   1 
_diffrn_source.source                      SYNCHROTRON 
_diffrn_source.type                        'NSLS BEAMLINE X4A' 
_diffrn_source.pdbx_synchrotron_site       NSLS 
_diffrn_source.pdbx_synchrotron_beamline   X4A 
_diffrn_source.pdbx_wavelength             ? 
_diffrn_source.pdbx_wavelength_list        0.97900 
# 
_reflns.entry_id                     3BDR 
_reflns.observed_criterion_sigma_I   -3.0 
_reflns.observed_criterion_sigma_F   ? 
_reflns.d_resolution_low             30 
_reflns.d_resolution_high            2.8 
_reflns.number_obs                   11252 
_reflns.number_all                   ? 
_reflns.percent_possible_obs         99.9 
_reflns.pdbx_Rmerge_I_obs            0.081 
_reflns.pdbx_Rsym_value              ? 
_reflns.pdbx_netI_over_sigmaI        28.2 
_reflns.B_iso_Wilson_estimate        47.3 
_reflns.pdbx_redundancy              10.1 
_reflns.R_free_details               ? 
_reflns.limit_h_max                  ? 
_reflns.limit_h_min                  ? 
_reflns.limit_k_max                  ? 
_reflns.limit_k_min                  ? 
_reflns.limit_l_max                  ? 
_reflns.limit_l_min                  ? 
_reflns.observed_criterion_F_max     ? 
_reflns.observed_criterion_F_min     ? 
_reflns.pdbx_chi_squared             ? 
_reflns.pdbx_scaling_rejects         ? 
_reflns.pdbx_diffrn_id               1 
_reflns.pdbx_ordinal                 1 
# 
_reflns_shell.d_res_high             2.80 
_reflns_shell.d_res_low              2.90 
_reflns_shell.percent_possible_all   100 
_reflns_shell.Rmerge_I_obs           0.691 
_reflns_shell.pdbx_Rsym_value        ? 
_reflns_shell.meanI_over_sigI_obs    4.6 
_reflns_shell.pdbx_redundancy        ? 
_reflns_shell.percent_possible_obs   ? 
_reflns_shell.number_unique_all      1113 
_reflns_shell.number_measured_all    ? 
_reflns_shell.number_measured_obs    ? 
_reflns_shell.number_unique_obs      ? 
_reflns_shell.pdbx_chi_squared       ? 
_reflns_shell.pdbx_diffrn_id         ? 
_reflns_shell.pdbx_ordinal           1 
# 
_refine.entry_id                                 3BDR 
_refine.ls_number_reflns_obs                     10246 
_refine.ls_number_reflns_all                     ? 
_refine.pdbx_ls_sigma_I                          ? 
_refine.pdbx_ls_sigma_F                          1.0 
_refine.pdbx_data_cutoff_high_absF               105173.90 
_refine.pdbx_data_cutoff_low_absF                0.000000 
_refine.pdbx_data_cutoff_high_rms_absF           ? 
_refine.ls_d_res_low                             19.40 
_refine.ls_d_res_high                            2.80 
_refine.ls_percent_reflns_obs                    91.7 
_refine.ls_R_factor_obs                          0.236 
_refine.ls_R_factor_all                          ? 
_refine.ls_R_factor_R_work                       0.236 
_refine.ls_R_factor_R_free                       0.262 
_refine.ls_R_factor_R_free_error                 0.011 
_refine.ls_R_factor_R_free_error_details         ? 
_refine.ls_percent_reflns_R_free                 5.1 
_refine.ls_number_reflns_R_free                  522 
_refine.ls_number_parameters                     ? 
_refine.ls_number_restraints                     ? 
_refine.occupancy_min                            ? 
_refine.occupancy_max                            ? 
_refine.correlation_coeff_Fo_to_Fc               ? 
_refine.correlation_coeff_Fo_to_Fc_free          ? 
_refine.B_iso_mean                               66.6 
_refine.aniso_B[1][1]                            -2.62 
_refine.aniso_B[2][2]                            -2.62 
_refine.aniso_B[3][3]                            5.24 
_refine.aniso_B[1][2]                            0.00 
_refine.aniso_B[1][3]                            0.00 
_refine.aniso_B[2][3]                            0.00 
_refine.solvent_model_details                    'FLAT MODEL' 
_refine.solvent_model_param_ksol                 0.35 
_refine.solvent_model_param_bsol                 46.7207 
_refine.pdbx_solvent_vdw_probe_radii             ? 
_refine.pdbx_solvent_ion_probe_radii             ? 
_refine.pdbx_solvent_shrinkage_radii             ? 
_refine.pdbx_ls_cross_valid_method               THROUGHOUT 
_refine.details                                  'The Friedel pairs were used in phasing. BULK SOLVENT MODEL USED in refinement' 
_refine.pdbx_starting_model                      ? 
_refine.pdbx_method_to_determine_struct          SAD 
_refine.pdbx_isotropic_thermal_model             RESTRAINED 
_refine.pdbx_stereochemistry_target_values       'Engh & Huber' 
_refine.pdbx_stereochem_target_val_spec_case     ? 
_refine.pdbx_R_Free_selection_details            RANDOM 
_refine.pdbx_overall_ESU_R                       ? 
_refine.pdbx_overall_ESU_R_Free                  ? 
_refine.overall_SU_ML                            ? 
_refine.overall_SU_B                             ? 
_refine.ls_redundancy_reflns_obs                 ? 
_refine.B_iso_min                                ? 
_refine.B_iso_max                                ? 
_refine.overall_SU_R_Cruickshank_DPI             ? 
_refine.overall_SU_R_free                        ? 
_refine.ls_wR_factor_R_free                      ? 
_refine.ls_wR_factor_R_work                      ? 
_refine.overall_FOM_free_R_set                   ? 
_refine.overall_FOM_work_R_set                   ? 
_refine.pdbx_refine_id                           'X-RAY DIFFRACTION' 
_refine.pdbx_diffrn_id                           1 
_refine.pdbx_TLS_residual_ADP_flag               ? 
_refine.pdbx_overall_phase_error                 ? 
_refine.pdbx_overall_SU_R_free_Cruickshank_DPI   ? 
_refine.pdbx_overall_SU_R_Blow_DPI               ? 
_refine.pdbx_overall_SU_R_free_Blow_DPI          ? 
# 
_refine_analyze.entry_id                        3BDR 
_refine_analyze.Luzzati_coordinate_error_obs    0.37 
_refine_analyze.Luzzati_sigma_a_obs             0.41 
_refine_analyze.Luzzati_d_res_low_obs           5.00 
_refine_analyze.Luzzati_coordinate_error_free   0.44 
_refine_analyze.Luzzati_sigma_a_free            0.58 
_refine_analyze.Luzzati_d_res_low_free          ? 
_refine_analyze.number_disordered_residues      ? 
_refine_analyze.occupancy_sum_hydrogen          ? 
_refine_analyze.occupancy_sum_non_hydrogen      ? 
_refine_analyze.pdbx_Luzzati_d_res_high_obs     ? 
_refine_analyze.pdbx_refine_id                  'X-RAY DIFFRACTION' 
# 
_refine_hist.pdbx_refine_id                   'X-RAY DIFFRACTION' 
_refine_hist.cycle_id                         LAST 
_refine_hist.pdbx_number_atoms_protein        1225 
_refine_hist.pdbx_number_atoms_nucleic_acid   0 
_refine_hist.pdbx_number_atoms_ligand         5 
_refine_hist.number_atoms_solvent             1 
_refine_hist.number_atoms_total               1231 
_refine_hist.d_res_high                       2.80 
_refine_hist.d_res_low                        19.40 
# 
loop_
_refine_ls_restr.type 
_refine_ls_restr.dev_ideal 
_refine_ls_restr.dev_ideal_target 
_refine_ls_restr.weight 
_refine_ls_restr.number 
_refine_ls_restr.pdbx_refine_id 
_refine_ls_restr.pdbx_restraint_function 
c_bond_d           0.008 ? ? ? 'X-RAY DIFFRACTION' ? 
c_angle_deg        1.4   ? ? ? 'X-RAY DIFFRACTION' ? 
c_dihedral_angle_d 26.7  ? ? ? 'X-RAY DIFFRACTION' ? 
c_improper_angle_d 0.78  ? ? ? 'X-RAY DIFFRACTION' ? 
# 
_refine_ls_shell.pdbx_total_number_of_bins_used   6 
_refine_ls_shell.d_res_high                       2.80 
_refine_ls_shell.d_res_low                        2.97 
_refine_ls_shell.number_reflns_R_work             1410 
_refine_ls_shell.R_factor_R_work                  0.312 
_refine_ls_shell.percent_reflns_obs               79.9 
_refine_ls_shell.R_factor_R_free                  0.395 
_refine_ls_shell.R_factor_R_free_error            0.044 
_refine_ls_shell.percent_reflns_R_free            5.3 
_refine_ls_shell.number_reflns_R_free             79 
_refine_ls_shell.number_reflns_all                ? 
_refine_ls_shell.R_factor_all                     ? 
_refine_ls_shell.number_reflns_obs                ? 
_refine_ls_shell.redundancy_reflns_obs            ? 
_refine_ls_shell.pdbx_refine_id                   'X-RAY DIFFRACTION' 
# 
loop_
_pdbx_xplor_file.serial_no 
_pdbx_xplor_file.param_file 
_pdbx_xplor_file.topol_file 
_pdbx_xplor_file.pdbx_refine_id 
1 protein_rep.param protein.top 'X-RAY DIFFRACTION' 
2 water.param       water.top   'X-RAY DIFFRACTION' 
3 ion.param         ion.top     'X-RAY DIFFRACTION' 
# 
_struct.entry_id                  3BDR 
_struct.title                     
;Crystal structure of fatty acid-binding protein-like Ycf58 from Thermosynecoccus elongatus. Northeast Structural Genomics Consortium target TeR13.
;
_struct.pdbx_model_details        ? 
_struct.pdbx_CASP_flag            N 
_struct.pdbx_model_type_details   ? 
# 
_struct_keywords.entry_id        3BDR 
_struct_keywords.pdbx_keywords   'STRUCTURAL GENOMICS, UNKNOWN FUNCTION' 
_struct_keywords.text            
;NESG, Ycf58, Q8DI91, Structural Genomics, PSI-2, Protein Structure Initiative, Northeast Structural Genomics Consortium, UNKNOWN FUNCTION
;
# 
loop_
_struct_asym.id 
_struct_asym.pdbx_blank_PDB_chainid_flag 
_struct_asym.pdbx_modified 
_struct_asym.entity_id 
_struct_asym.details 
A N N 1 ? 
B N N 2 ? 
C N N 3 ? 
# 
_struct_ref.id                         1 
_struct_ref.db_name                    UNP 
_struct_ref.db_code                    Q8DI91_SYNEL 
_struct_ref.pdbx_db_accession          Q8DI91 
_struct_ref.entity_id                  1 
_struct_ref.pdbx_seq_one_letter_code   
;MCIGMDIRDFFAQSAGRWFSQRTSHHLAFKQTESGKSQLTIELLSVDDPAVIALCQQYDMDPAWAVCGARVSWDGTMEWD
NEKHEGSTVLVPIMDQGSRMEGKLLREMGYAEKAPVAGRFSMGSDGALTLITEYETIYSEERLWFASPNLRLRTSILKRF
GGFSMASFCSEIRLGVTQPANS
;
_struct_ref.pdbx_align_begin           1 
_struct_ref.pdbx_db_isoform            ? 
# 
_struct_ref_seq.align_id                      1 
_struct_ref_seq.ref_id                        1 
_struct_ref_seq.pdbx_PDB_id_code              3BDR 
_struct_ref_seq.pdbx_strand_id                A 
_struct_ref_seq.seq_align_beg                 1 
_struct_ref_seq.pdbx_seq_align_beg_ins_code   ? 
_struct_ref_seq.seq_align_end                 182 
_struct_ref_seq.pdbx_seq_align_end_ins_code   ? 
_struct_ref_seq.pdbx_db_accession             Q8DI91 
_struct_ref_seq.db_align_beg                  1 
_struct_ref_seq.pdbx_db_align_beg_ins_code    ? 
_struct_ref_seq.db_align_end                  182 
_struct_ref_seq.pdbx_db_align_end_ins_code    ? 
_struct_ref_seq.pdbx_auth_seq_align_beg       1 
_struct_ref_seq.pdbx_auth_seq_align_end       182 
# 
loop_
_struct_ref_seq_dif.align_id 
_struct_ref_seq_dif.pdbx_pdb_id_code 
_struct_ref_seq_dif.mon_id 
_struct_ref_seq_dif.pdbx_pdb_strand_id 
_struct_ref_seq_dif.seq_num 
_struct_ref_seq_dif.pdbx_pdb_ins_code 
_struct_ref_seq_dif.pdbx_seq_db_name 
_struct_ref_seq_dif.pdbx_seq_db_accession_code 
_struct_ref_seq_dif.db_mon_id 
_struct_ref_seq_dif.pdbx_seq_db_seq_num 
_struct_ref_seq_dif.details 
_struct_ref_seq_dif.pdbx_auth_seq_num 
_struct_ref_seq_dif.pdbx_ordinal 
1 3BDR LEU A 183 ? UNP Q8DI91 ? ? 'expression tag' 183 1 
1 3BDR GLU A 184 ? UNP Q8DI91 ? ? 'expression tag' 184 2 
1 3BDR HIS A 185 ? UNP Q8DI91 ? ? 'expression tag' 185 3 
1 3BDR HIS A 186 ? UNP Q8DI91 ? ? 'expression tag' 186 4 
1 3BDR HIS A 187 ? UNP Q8DI91 ? ? 'expression tag' 187 5 
1 3BDR HIS A 188 ? UNP Q8DI91 ? ? 'expression tag' 188 6 
1 3BDR HIS A 189 ? UNP Q8DI91 ? ? 'expression tag' 189 7 
1 3BDR HIS A 190 ? UNP Q8DI91 ? ? 'expression tag' 190 8 
# 
_pdbx_struct_assembly.id                   1 
_pdbx_struct_assembly.details              software_defined_assembly 
_pdbx_struct_assembly.method_details       PISA 
_pdbx_struct_assembly.oligomeric_details   dimeric 
_pdbx_struct_assembly.oligomeric_count     2 
# 
_pdbx_struct_assembly_prop.biol_id   1 
_pdbx_struct_assembly_prop.type      'ABSA (A^2)' 
_pdbx_struct_assembly_prop.value     1980 
_pdbx_struct_assembly_prop.details   ? 
# 
_pdbx_struct_assembly_gen.assembly_id       1 
_pdbx_struct_assembly_gen.oper_expression   1,2 
_pdbx_struct_assembly_gen.asym_id_list      A,B,C 
# 
loop_
_pdbx_struct_oper_list.id 
_pdbx_struct_oper_list.type 
_pdbx_struct_oper_list.name 
_pdbx_struct_oper_list.symmetry_operation 
_pdbx_struct_oper_list.matrix[1][1] 
_pdbx_struct_oper_list.matrix[1][2] 
_pdbx_struct_oper_list.matrix[1][3] 
_pdbx_struct_oper_list.vector[1] 
_pdbx_struct_oper_list.matrix[2][1] 
_pdbx_struct_oper_list.matrix[2][2] 
_pdbx_struct_oper_list.matrix[2][3] 
_pdbx_struct_oper_list.vector[2] 
_pdbx_struct_oper_list.matrix[3][1] 
_pdbx_struct_oper_list.matrix[3][2] 
_pdbx_struct_oper_list.matrix[3][3] 
_pdbx_struct_oper_list.vector[3] 
1 'identity operation'         1_555 x,y,z    1.0000000000  0.0000000000  0.0000000000  0.0000000000   0.0000000000  1.0000000000  0.0000000000 0.0000000000  0.0000000000  0.0000000000 1.0000000000  0.0000000000   
2 'crystal symmetry operation' 7_556 y,x,-z+1 -0.3476431049 -0.7822152670 -0.5169947270 -21.2229115167 -0.7822152670 -0.0620767122 0.6199078624 -6.1673840868 -0.5169947270 0.6199078624 -0.5902801829 -17.4483223939 
# 
_struct_biol.id        1 
_struct_biol.details   ? 
# 
loop_
_struct_conf.conf_type_id 
_struct_conf.id 
_struct_conf.pdbx_PDB_helix_id 
_struct_conf.beg_label_comp_id 
_struct_conf.beg_label_asym_id 
_struct_conf.beg_label_seq_id 
_struct_conf.pdbx_beg_PDB_ins_code 
_struct_conf.end_label_comp_id 
_struct_conf.end_label_asym_id 
_struct_conf.end_label_seq_id 
_struct_conf.pdbx_end_PDB_ins_code 
_struct_conf.beg_auth_comp_id 
_struct_conf.beg_auth_asym_id 
_struct_conf.beg_auth_seq_id 
_struct_conf.end_auth_comp_id 
_struct_conf.end_auth_asym_id 
_struct_conf.end_auth_seq_id 
_struct_conf.pdbx_PDB_helix_class 
_struct_conf.details 
_struct_conf.pdbx_PDB_helix_length 
HELX_P HELX_P1 1 ASP A 6  ? ALA A 15 ? ASP A 6  ALA A 15 1 ? 10 
HELX_P HELX_P2 2 ASP A 48 ? TYR A 58 ? ASP A 48 TYR A 58 1 ? 11 
# 
_struct_conf_type.id          HELX_P 
_struct_conf_type.criteria    ? 
_struct_conf_type.reference   ? 
# 
loop_
_struct_conn.id 
_struct_conn.conn_type_id 
_struct_conn.pdbx_leaving_atom_flag 
_struct_conn.pdbx_PDB_id 
_struct_conn.ptnr1_label_asym_id 
_struct_conn.ptnr1_label_comp_id 
_struct_conn.ptnr1_label_seq_id 
_struct_conn.ptnr1_label_atom_id 
_struct_conn.pdbx_ptnr1_label_alt_id 
_struct_conn.pdbx_ptnr1_PDB_ins_code 
_struct_conn.pdbx_ptnr1_standard_comp_id 
_struct_conn.ptnr1_symmetry 
_struct_conn.ptnr2_label_asym_id 
_struct_conn.ptnr2_label_comp_id 
_struct_conn.ptnr2_label_seq_id 
_struct_conn.ptnr2_label_atom_id 
_struct_conn.pdbx_ptnr2_label_alt_id 
_struct_conn.pdbx_ptnr2_PDB_ins_code 
_struct_conn.ptnr1_auth_asym_id 
_struct_conn.ptnr1_auth_comp_id 
_struct_conn.ptnr1_auth_seq_id 
_struct_conn.ptnr2_auth_asym_id 
_struct_conn.ptnr2_auth_comp_id 
_struct_conn.ptnr2_auth_seq_id 
_struct_conn.ptnr2_symmetry 
_struct_conn.pdbx_ptnr3_label_atom_id 
_struct_conn.pdbx_ptnr3_label_seq_id 
_struct_conn.pdbx_ptnr3_label_comp_id 
_struct_conn.pdbx_ptnr3_label_asym_id 
_struct_conn.pdbx_ptnr3_label_alt_id 
_struct_conn.pdbx_ptnr3_PDB_ins_code 
_struct_conn.details 
_struct_conn.pdbx_dist_value 
_struct_conn.pdbx_value_order 
_struct_conn.pdbx_role 
covale1  covale both ? A GLY 4   C ? ? ? 1_555 A MSE 5   N ? ? A GLY 4   A MSE 5   1_555 ? ? ? ? ? ? ? 1.336 ? ? 
covale2  covale both ? A MSE 5   C ? ? ? 1_555 A ASP 6   N ? ? A MSE 5   A ASP 6   1_555 ? ? ? ? ? ? ? 1.337 ? ? 
covale3  covale both ? A ASP 59  C ? ? ? 1_555 A MSE 60  N ? ? A ASP 59  A MSE 60  1_555 ? ? ? ? ? ? ? 1.331 ? ? 
covale4  covale both ? A MSE 60  C ? ? ? 1_555 A ASP 61  N ? ? A MSE 60  A ASP 61  1_555 ? ? ? ? ? ? ? 1.328 ? ? 
covale5  covale both ? A ILE 93  C ? ? ? 1_555 A MSE 94  N ? ? A ILE 93  A MSE 94  1_555 ? ? ? ? ? ? ? 1.327 ? ? 
covale6  covale both ? A MSE 94  C ? ? ? 1_555 A ASP 95  N ? ? A MSE 94  A ASP 95  1_555 ? ? ? ? ? ? ? 1.327 ? ? 
covale7  covale both ? A ARG 99  C ? ? ? 1_555 A MSE 100 N ? ? A ARG 99  A MSE 100 1_555 ? ? ? ? ? ? ? 1.331 ? ? 
covale8  covale both ? A MSE 100 C ? ? ? 1_555 A GLU 101 N ? ? A MSE 100 A GLU 101 1_555 ? ? ? ? ? ? ? 1.324 ? ? 
covale9  covale both ? A SER 121 C ? ? ? 1_555 A MSE 122 N ? ? A SER 121 A MSE 122 1_555 ? ? ? ? ? ? ? 1.324 ? ? 
covale10 covale both ? A MSE 122 C ? ? ? 1_555 A GLY 123 N ? ? A MSE 122 A GLY 123 1_555 ? ? ? ? ? ? ? 1.322 ? ? 
covale11 covale both ? A SER 164 C ? ? ? 1_555 A MSE 165 N ? ? A SER 164 A MSE 165 1_555 ? ? ? ? ? ? ? 1.323 ? ? 
covale12 covale both ? A MSE 165 C ? ? ? 1_555 A ALA 166 N ? ? A MSE 165 A ALA 166 1_555 ? ? ? ? ? ? ? 1.330 ? ? 
# 
_struct_conn_type.id          covale 
_struct_conn_type.criteria    ? 
_struct_conn_type.reference   ? 
# 
loop_
_pdbx_modification_feature.ordinal 
_pdbx_modification_feature.label_comp_id 
_pdbx_modification_feature.label_asym_id 
_pdbx_modification_feature.label_seq_id 
_pdbx_modification_feature.label_alt_id 
_pdbx_modification_feature.modified_residue_label_comp_id 
_pdbx_modification_feature.modified_residue_label_asym_id 
_pdbx_modification_feature.modified_residue_label_seq_id 
_pdbx_modification_feature.modified_residue_label_alt_id 
_pdbx_modification_feature.auth_comp_id 
_pdbx_modification_feature.auth_asym_id 
_pdbx_modification_feature.auth_seq_id 
_pdbx_modification_feature.PDB_ins_code 
_pdbx_modification_feature.symmetry 
_pdbx_modification_feature.modified_residue_auth_comp_id 
_pdbx_modification_feature.modified_residue_auth_asym_id 
_pdbx_modification_feature.modified_residue_auth_seq_id 
_pdbx_modification_feature.modified_residue_PDB_ins_code 
_pdbx_modification_feature.modified_residue_symmetry 
_pdbx_modification_feature.comp_id_linking_atom 
_pdbx_modification_feature.modified_residue_id_linking_atom 
_pdbx_modification_feature.modified_residue_id 
_pdbx_modification_feature.ref_pcm_id 
_pdbx_modification_feature.ref_comp_id 
_pdbx_modification_feature.type 
_pdbx_modification_feature.category 
1 MSE A 5   ? . . . . MSE A 5   ? 1_555 . . . . . . . MET 1 MSE Selenomethionine 'Named protein modification' 
2 MSE A 60  ? . . . . MSE A 60  ? 1_555 . . . . . . . MET 1 MSE Selenomethionine 'Named protein modification' 
3 MSE A 94  ? . . . . MSE A 94  ? 1_555 . . . . . . . MET 1 MSE Selenomethionine 'Named protein modification' 
4 MSE A 100 ? . . . . MSE A 100 ? 1_555 . . . . . . . MET 1 MSE Selenomethionine 'Named protein modification' 
5 MSE A 122 ? . . . . MSE A 122 ? 1_555 . . . . . . . MET 1 MSE Selenomethionine 'Named protein modification' 
6 MSE A 165 ? . . . . MSE A 165 ? 1_555 . . . . . . . MET 1 MSE Selenomethionine 'Named protein modification' 
# 
_struct_sheet.id               A 
_struct_sheet.type             ? 
_struct_sheet.number_strands   11 
_struct_sheet.details          ? 
# 
loop_
_struct_sheet_order.sheet_id 
_struct_sheet_order.range_id_1 
_struct_sheet_order.range_id_2 
_struct_sheet_order.offset 
_struct_sheet_order.sense 
A 1  2  ? anti-parallel 
A 2  3  ? anti-parallel 
A 3  4  ? anti-parallel 
A 4  5  ? anti-parallel 
A 5  6  ? anti-parallel 
A 6  7  ? anti-parallel 
A 7  8  ? anti-parallel 
A 8  9  ? anti-parallel 
A 9  10 ? anti-parallel 
A 10 11 ? anti-parallel 
# 
loop_
_struct_sheet_range.sheet_id 
_struct_sheet_range.id 
_struct_sheet_range.beg_label_comp_id 
_struct_sheet_range.beg_label_asym_id 
_struct_sheet_range.beg_label_seq_id 
_struct_sheet_range.pdbx_beg_PDB_ins_code 
_struct_sheet_range.end_label_comp_id 
_struct_sheet_range.end_label_asym_id 
_struct_sheet_range.end_label_seq_id 
_struct_sheet_range.pdbx_end_PDB_ins_code 
_struct_sheet_range.beg_auth_comp_id 
_struct_sheet_range.beg_auth_asym_id 
_struct_sheet_range.beg_auth_seq_id 
_struct_sheet_range.end_auth_comp_id 
_struct_sheet_range.end_auth_asym_id 
_struct_sheet_range.end_auth_seq_id 
A 1  GLY A 16  ? HIS A 26  ? GLY A 16  HIS A 26  
A 2  GLN A 31  ? LEU A 44  ? GLN A 31  LEU A 44  
A 3  GLY A 68  ? ASP A 74  ? GLY A 68  ASP A 74  
A 4  GLU A 85  ? MSE A 94  ? GLU A 85  MSE A 94  
A 5  GLU A 101 ? ARG A 106 ? GLU A 101 ARG A 106 
A 6  ARG A 119 ? MSE A 122 ? ARG A 119 MSE A 122 
A 7  LEU A 128 ? GLU A 133 ? LEU A 128 GLU A 133 
A 8  TYR A 138 ? SER A 147 ? TYR A 138 SER A 147 
A 9  LEU A 150 ? ARG A 159 ? LEU A 150 ARG A 159 
A 10 GLY A 162 ? ARG A 173 ? GLY A 162 ARG A 173 
A 11 GLY A 16  ? HIS A 26  ? GLY A 16  HIS A 26  
# 
loop_
_pdbx_struct_sheet_hbond.sheet_id 
_pdbx_struct_sheet_hbond.range_id_1 
_pdbx_struct_sheet_hbond.range_id_2 
_pdbx_struct_sheet_hbond.range_1_label_atom_id 
_pdbx_struct_sheet_hbond.range_1_label_comp_id 
_pdbx_struct_sheet_hbond.range_1_label_asym_id 
_pdbx_struct_sheet_hbond.range_1_label_seq_id 
_pdbx_struct_sheet_hbond.range_1_PDB_ins_code 
_pdbx_struct_sheet_hbond.range_1_auth_atom_id 
_pdbx_struct_sheet_hbond.range_1_auth_comp_id 
_pdbx_struct_sheet_hbond.range_1_auth_asym_id 
_pdbx_struct_sheet_hbond.range_1_auth_seq_id 
_pdbx_struct_sheet_hbond.range_2_label_atom_id 
_pdbx_struct_sheet_hbond.range_2_label_comp_id 
_pdbx_struct_sheet_hbond.range_2_label_asym_id 
_pdbx_struct_sheet_hbond.range_2_label_seq_id 
_pdbx_struct_sheet_hbond.range_2_PDB_ins_code 
_pdbx_struct_sheet_hbond.range_2_auth_atom_id 
_pdbx_struct_sheet_hbond.range_2_auth_comp_id 
_pdbx_struct_sheet_hbond.range_2_auth_asym_id 
_pdbx_struct_sheet_hbond.range_2_auth_seq_id 
A 1  2  N SER A 20  ? N SER A 20  O SER A 37  ? O SER A 37  
A 2  3  N THR A 40  ? N THR A 40  O SER A 72  ? O SER A 72  
A 3  4  N VAL A 71  ? N VAL A 71  O THR A 88  ? O THR A 88  
A 4  5  N ILE A 93  ? N ILE A 93  O LYS A 103 ? O LYS A 103 
A 5  6  N GLY A 102 ? N GLY A 102 O PHE A 120 ? O PHE A 120 
A 6  7  N ARG A 119 ? N ARG A 119 O ILE A 131 ? O ILE A 131 
A 7  8  N LEU A 130 ? N LEU A 130 O GLU A 141 ? O GLU A 141 
A 8  9  N TRP A 144 ? N TRP A 144 O LEU A 152 ? O LEU A 152 
A 9  10 N LEU A 157 ? N LEU A 157 O SER A 164 ? O SER A 164 
A 10 11 O ALA A 166 ? O ALA A 166 N HIS A 25  ? N HIS A 25  
# 
_struct_site.id                   AC1 
_struct_site.pdbx_evidence_code   Software 
_struct_site.pdbx_auth_asym_id    A 
_struct_site.pdbx_auth_comp_id    PO4 
_struct_site.pdbx_auth_seq_id     201 
_struct_site.pdbx_auth_ins_code   ? 
_struct_site.pdbx_num_residues    2 
_struct_site.details              'BINDING SITE FOR RESIDUE PO4 A 201' 
# 
loop_
_struct_site_gen.id 
_struct_site_gen.site_id 
_struct_site_gen.pdbx_num_res 
_struct_site_gen.label_comp_id 
_struct_site_gen.label_asym_id 
_struct_site_gen.label_seq_id 
_struct_site_gen.pdbx_auth_ins_code 
_struct_site_gen.auth_comp_id 
_struct_site_gen.auth_asym_id 
_struct_site_gen.auth_seq_id 
_struct_site_gen.label_atom_id 
_struct_site_gen.label_alt_id 
_struct_site_gen.symmetry 
_struct_site_gen.details 
1 AC1 2 SER A 14  ? SER A 14  . ? 1_555 ? 
2 AC1 2 ARG A 151 ? ARG A 151 . ? 1_555 ? 
# 
_pdbx_entry_details.entry_id                   3BDR 
_pdbx_entry_details.compound_details           ? 
_pdbx_entry_details.source_details             ? 
_pdbx_entry_details.nonpolymer_details         ? 
_pdbx_entry_details.sequence_details           ? 
_pdbx_entry_details.has_ligand_of_interest     ? 
_pdbx_entry_details.has_protein_modification   Y 
# 
loop_
_pdbx_validate_torsion.id 
_pdbx_validate_torsion.PDB_model_num 
_pdbx_validate_torsion.auth_comp_id 
_pdbx_validate_torsion.auth_asym_id 
_pdbx_validate_torsion.auth_seq_id 
_pdbx_validate_torsion.PDB_ins_code 
_pdbx_validate_torsion.label_alt_id 
_pdbx_validate_torsion.phi 
_pdbx_validate_torsion.psi 
1 1 CYS A 67  ? ? 175.22  178.95 
2 1 ASP A 74  ? ? -171.58 120.78 
3 1 TYR A 134 ? ? -90.23  -83.92 
4 1 GLU A 135 ? ? -127.39 -62.71 
5 1 LEU A 174 ? ? -86.12  -73.72 
# 
_pdbx_SG_project.id                    1 
_pdbx_SG_project.project_name          'PSI, Protein Structure Initiative' 
_pdbx_SG_project.full_name_of_center   'Northeast Structural Genomics Consortium' 
_pdbx_SG_project.initial_of_center     NESG 
# 
loop_
_pdbx_struct_mod_residue.id 
_pdbx_struct_mod_residue.label_asym_id 
_pdbx_struct_mod_residue.label_comp_id 
_pdbx_struct_mod_residue.label_seq_id 
_pdbx_struct_mod_residue.auth_asym_id 
_pdbx_struct_mod_residue.auth_comp_id 
_pdbx_struct_mod_residue.auth_seq_id 
_pdbx_struct_mod_residue.PDB_ins_code 
_pdbx_struct_mod_residue.parent_comp_id 
_pdbx_struct_mod_residue.details 
1 A MSE 5   A MSE 5   ? MET SELENOMETHIONINE 
2 A MSE 60  A MSE 60  ? MET SELENOMETHIONINE 
3 A MSE 94  A MSE 94  ? MET SELENOMETHIONINE 
4 A MSE 100 A MSE 100 ? MET SELENOMETHIONINE 
5 A MSE 122 A MSE 122 ? MET SELENOMETHIONINE 
6 A MSE 165 A MSE 165 ? MET SELENOMETHIONINE 
# 
loop_
_pdbx_unobs_or_zero_occ_residues.id 
_pdbx_unobs_or_zero_occ_residues.PDB_model_num 
_pdbx_unobs_or_zero_occ_residues.polymer_flag 
_pdbx_unobs_or_zero_occ_residues.occupancy_flag 
_pdbx_unobs_or_zero_occ_residues.auth_asym_id 
_pdbx_unobs_or_zero_occ_residues.auth_comp_id 
_pdbx_unobs_or_zero_occ_residues.auth_seq_id 
_pdbx_unobs_or_zero_occ_residues.PDB_ins_code 
_pdbx_unobs_or_zero_occ_residues.label_asym_id 
_pdbx_unobs_or_zero_occ_residues.label_comp_id 
_pdbx_unobs_or_zero_occ_residues.label_seq_id 
1  1 Y 1 A MSE 1   ? A MSE 1   
2  1 Y 1 A CYS 2   ? A CYS 2   
3  1 Y 1 A ILE 3   ? A ILE 3   
4  1 Y 1 A MSE 77  ? A MSE 77  
5  1 Y 1 A GLU 78  ? A GLU 78  
6  1 Y 1 A TRP 79  ? A TRP 79  
7  1 Y 1 A ASP 80  ? A ASP 80  
8  1 Y 1 A ASN 81  ? A ASN 81  
9  1 Y 1 A GLU 82  ? A GLU 82  
10 1 Y 1 A LYS 83  ? A LYS 83  
11 1 Y 1 A MSE 108 ? A MSE 108 
12 1 Y 1 A GLY 109 ? A GLY 109 
13 1 Y 1 A TYR 110 ? A TYR 110 
14 1 Y 1 A ALA 111 ? A ALA 111 
15 1 Y 1 A GLU 112 ? A GLU 112 
16 1 Y 1 A LYS 113 ? A LYS 113 
17 1 Y 1 A ALA 114 ? A ALA 114 
18 1 Y 1 A PRO 115 ? A PRO 115 
19 1 Y 1 A VAL 116 ? A VAL 116 
20 1 Y 1 A ALA 117 ? A ALA 117 
21 1 Y 1 A THR 177 ? A THR 177 
22 1 Y 1 A GLN 178 ? A GLN 178 
23 1 Y 1 A PRO 179 ? A PRO 179 
24 1 Y 1 A ALA 180 ? A ALA 180 
25 1 Y 1 A ASN 181 ? A ASN 181 
26 1 Y 1 A SER 182 ? A SER 182 
27 1 Y 1 A LEU 183 ? A LEU 183 
28 1 Y 1 A GLU 184 ? A GLU 184 
29 1 Y 1 A HIS 185 ? A HIS 185 
30 1 Y 1 A HIS 186 ? A HIS 186 
31 1 Y 1 A HIS 187 ? A HIS 187 
32 1 Y 1 A HIS 188 ? A HIS 188 
33 1 Y 1 A HIS 189 ? A HIS 189 
34 1 Y 1 A HIS 190 ? A HIS 190 
# 
loop_
_chem_comp_atom.comp_id 
_chem_comp_atom.atom_id 
_chem_comp_atom.type_symbol 
_chem_comp_atom.pdbx_aromatic_flag 
_chem_comp_atom.pdbx_stereo_config 
_chem_comp_atom.pdbx_ordinal 
ALA N    N  N N 1   
ALA CA   C  N S 2   
ALA C    C  N N 3   
ALA O    O  N N 4   
ALA CB   C  N N 5   
ALA OXT  O  N N 6   
ALA H    H  N N 7   
ALA H2   H  N N 8   
ALA HA   H  N N 9   
ALA HB1  H  N N 10  
ALA HB2  H  N N 11  
ALA HB3  H  N N 12  
ALA HXT  H  N N 13  
ARG N    N  N N 14  
ARG CA   C  N S 15  
ARG C    C  N N 16  
ARG O    O  N N 17  
ARG CB   C  N N 18  
ARG CG   C  N N 19  
ARG CD   C  N N 20  
ARG NE   N  N N 21  
ARG CZ   C  N N 22  
ARG NH1  N  N N 23  
ARG NH2  N  N N 24  
ARG OXT  O  N N 25  
ARG H    H  N N 26  
ARG H2   H  N N 27  
ARG HA   H  N N 28  
ARG HB2  H  N N 29  
ARG HB3  H  N N 30  
ARG HG2  H  N N 31  
ARG HG3  H  N N 32  
ARG HD2  H  N N 33  
ARG HD3  H  N N 34  
ARG HE   H  N N 35  
ARG HH11 H  N N 36  
ARG HH12 H  N N 37  
ARG HH21 H  N N 38  
ARG HH22 H  N N 39  
ARG HXT  H  N N 40  
ASN N    N  N N 41  
ASN CA   C  N S 42  
ASN C    C  N N 43  
ASN O    O  N N 44  
ASN CB   C  N N 45  
ASN CG   C  N N 46  
ASN OD1  O  N N 47  
ASN ND2  N  N N 48  
ASN OXT  O  N N 49  
ASN H    H  N N 50  
ASN H2   H  N N 51  
ASN HA   H  N N 52  
ASN HB2  H  N N 53  
ASN HB3  H  N N 54  
ASN HD21 H  N N 55  
ASN HD22 H  N N 56  
ASN HXT  H  N N 57  
ASP N    N  N N 58  
ASP CA   C  N S 59  
ASP C    C  N N 60  
ASP O    O  N N 61  
ASP CB   C  N N 62  
ASP CG   C  N N 63  
ASP OD1  O  N N 64  
ASP OD2  O  N N 65  
ASP OXT  O  N N 66  
ASP H    H  N N 67  
ASP H2   H  N N 68  
ASP HA   H  N N 69  
ASP HB2  H  N N 70  
ASP HB3  H  N N 71  
ASP HD2  H  N N 72  
ASP HXT  H  N N 73  
CYS N    N  N N 74  
CYS CA   C  N R 75  
CYS C    C  N N 76  
CYS O    O  N N 77  
CYS CB   C  N N 78  
CYS SG   S  N N 79  
CYS OXT  O  N N 80  
CYS H    H  N N 81  
CYS H2   H  N N 82  
CYS HA   H  N N 83  
CYS HB2  H  N N 84  
CYS HB3  H  N N 85  
CYS HG   H  N N 86  
CYS HXT  H  N N 87  
GLN N    N  N N 88  
GLN CA   C  N S 89  
GLN C    C  N N 90  
GLN O    O  N N 91  
GLN CB   C  N N 92  
GLN CG   C  N N 93  
GLN CD   C  N N 94  
GLN OE1  O  N N 95  
GLN NE2  N  N N 96  
GLN OXT  O  N N 97  
GLN H    H  N N 98  
GLN H2   H  N N 99  
GLN HA   H  N N 100 
GLN HB2  H  N N 101 
GLN HB3  H  N N 102 
GLN HG2  H  N N 103 
GLN HG3  H  N N 104 
GLN HE21 H  N N 105 
GLN HE22 H  N N 106 
GLN HXT  H  N N 107 
GLU N    N  N N 108 
GLU CA   C  N S 109 
GLU C    C  N N 110 
GLU O    O  N N 111 
GLU CB   C  N N 112 
GLU CG   C  N N 113 
GLU CD   C  N N 114 
GLU OE1  O  N N 115 
GLU OE2  O  N N 116 
GLU OXT  O  N N 117 
GLU H    H  N N 118 
GLU H2   H  N N 119 
GLU HA   H  N N 120 
GLU HB2  H  N N 121 
GLU HB3  H  N N 122 
GLU HG2  H  N N 123 
GLU HG3  H  N N 124 
GLU HE2  H  N N 125 
GLU HXT  H  N N 126 
GLY N    N  N N 127 
GLY CA   C  N N 128 
GLY C    C  N N 129 
GLY O    O  N N 130 
GLY OXT  O  N N 131 
GLY H    H  N N 132 
GLY H2   H  N N 133 
GLY HA2  H  N N 134 
GLY HA3  H  N N 135 
GLY HXT  H  N N 136 
HIS N    N  N N 137 
HIS CA   C  N S 138 
HIS C    C  N N 139 
HIS O    O  N N 140 
HIS CB   C  N N 141 
HIS CG   C  Y N 142 
HIS ND1  N  Y N 143 
HIS CD2  C  Y N 144 
HIS CE1  C  Y N 145 
HIS NE2  N  Y N 146 
HIS OXT  O  N N 147 
HIS H    H  N N 148 
HIS H2   H  N N 149 
HIS HA   H  N N 150 
HIS HB2  H  N N 151 
HIS HB3  H  N N 152 
HIS HD1  H  N N 153 
HIS HD2  H  N N 154 
HIS HE1  H  N N 155 
HIS HE2  H  N N 156 
HIS HXT  H  N N 157 
HOH O    O  N N 158 
HOH H1   H  N N 159 
HOH H2   H  N N 160 
ILE N    N  N N 161 
ILE CA   C  N S 162 
ILE C    C  N N 163 
ILE O    O  N N 164 
ILE CB   C  N S 165 
ILE CG1  C  N N 166 
ILE CG2  C  N N 167 
ILE CD1  C  N N 168 
ILE OXT  O  N N 169 
ILE H    H  N N 170 
ILE H2   H  N N 171 
ILE HA   H  N N 172 
ILE HB   H  N N 173 
ILE HG12 H  N N 174 
ILE HG13 H  N N 175 
ILE HG21 H  N N 176 
ILE HG22 H  N N 177 
ILE HG23 H  N N 178 
ILE HD11 H  N N 179 
ILE HD12 H  N N 180 
ILE HD13 H  N N 181 
ILE HXT  H  N N 182 
LEU N    N  N N 183 
LEU CA   C  N S 184 
LEU C    C  N N 185 
LEU O    O  N N 186 
LEU CB   C  N N 187 
LEU CG   C  N N 188 
LEU CD1  C  N N 189 
LEU CD2  C  N N 190 
LEU OXT  O  N N 191 
LEU H    H  N N 192 
LEU H2   H  N N 193 
LEU HA   H  N N 194 
LEU HB2  H  N N 195 
LEU HB3  H  N N 196 
LEU HG   H  N N 197 
LEU HD11 H  N N 198 
LEU HD12 H  N N 199 
LEU HD13 H  N N 200 
LEU HD21 H  N N 201 
LEU HD22 H  N N 202 
LEU HD23 H  N N 203 
LEU HXT  H  N N 204 
LYS N    N  N N 205 
LYS CA   C  N S 206 
LYS C    C  N N 207 
LYS O    O  N N 208 
LYS CB   C  N N 209 
LYS CG   C  N N 210 
LYS CD   C  N N 211 
LYS CE   C  N N 212 
LYS NZ   N  N N 213 
LYS OXT  O  N N 214 
LYS H    H  N N 215 
LYS H2   H  N N 216 
LYS HA   H  N N 217 
LYS HB2  H  N N 218 
LYS HB3  H  N N 219 
LYS HG2  H  N N 220 
LYS HG3  H  N N 221 
LYS HD2  H  N N 222 
LYS HD3  H  N N 223 
LYS HE2  H  N N 224 
LYS HE3  H  N N 225 
LYS HZ1  H  N N 226 
LYS HZ2  H  N N 227 
LYS HZ3  H  N N 228 
LYS HXT  H  N N 229 
MSE N    N  N N 230 
MSE CA   C  N S 231 
MSE C    C  N N 232 
MSE O    O  N N 233 
MSE OXT  O  N N 234 
MSE CB   C  N N 235 
MSE CG   C  N N 236 
MSE SE   SE N N 237 
MSE CE   C  N N 238 
MSE H    H  N N 239 
MSE H2   H  N N 240 
MSE HA   H  N N 241 
MSE HXT  H  N N 242 
MSE HB2  H  N N 243 
MSE HB3  H  N N 244 
MSE HG2  H  N N 245 
MSE HG3  H  N N 246 
MSE HE1  H  N N 247 
MSE HE2  H  N N 248 
MSE HE3  H  N N 249 
PHE N    N  N N 250 
PHE CA   C  N S 251 
PHE C    C  N N 252 
PHE O    O  N N 253 
PHE CB   C  N N 254 
PHE CG   C  Y N 255 
PHE CD1  C  Y N 256 
PHE CD2  C  Y N 257 
PHE CE1  C  Y N 258 
PHE CE2  C  Y N 259 
PHE CZ   C  Y N 260 
PHE OXT  O  N N 261 
PHE H    H  N N 262 
PHE H2   H  N N 263 
PHE HA   H  N N 264 
PHE HB2  H  N N 265 
PHE HB3  H  N N 266 
PHE HD1  H  N N 267 
PHE HD2  H  N N 268 
PHE HE1  H  N N 269 
PHE HE2  H  N N 270 
PHE HZ   H  N N 271 
PHE HXT  H  N N 272 
PO4 P    P  N N 273 
PO4 O1   O  N N 274 
PO4 O2   O  N N 275 
PO4 O3   O  N N 276 
PO4 O4   O  N N 277 
PRO N    N  N N 278 
PRO CA   C  N S 279 
PRO C    C  N N 280 
PRO O    O  N N 281 
PRO CB   C  N N 282 
PRO CG   C  N N 283 
PRO CD   C  N N 284 
PRO OXT  O  N N 285 
PRO H    H  N N 286 
PRO HA   H  N N 287 
PRO HB2  H  N N 288 
PRO HB3  H  N N 289 
PRO HG2  H  N N 290 
PRO HG3  H  N N 291 
PRO HD2  H  N N 292 
PRO HD3  H  N N 293 
PRO HXT  H  N N 294 
SER N    N  N N 295 
SER CA   C  N S 296 
SER C    C  N N 297 
SER O    O  N N 298 
SER CB   C  N N 299 
SER OG   O  N N 300 
SER OXT  O  N N 301 
SER H    H  N N 302 
SER H2   H  N N 303 
SER HA   H  N N 304 
SER HB2  H  N N 305 
SER HB3  H  N N 306 
SER HG   H  N N 307 
SER HXT  H  N N 308 
THR N    N  N N 309 
THR CA   C  N S 310 
THR C    C  N N 311 
THR O    O  N N 312 
THR CB   C  N R 313 
THR OG1  O  N N 314 
THR CG2  C  N N 315 
THR OXT  O  N N 316 
THR H    H  N N 317 
THR H2   H  N N 318 
THR HA   H  N N 319 
THR HB   H  N N 320 
THR HG1  H  N N 321 
THR HG21 H  N N 322 
THR HG22 H  N N 323 
THR HG23 H  N N 324 
THR HXT  H  N N 325 
TRP N    N  N N 326 
TRP CA   C  N S 327 
TRP C    C  N N 328 
TRP O    O  N N 329 
TRP CB   C  N N 330 
TRP CG   C  Y N 331 
TRP CD1  C  Y N 332 
TRP CD2  C  Y N 333 
TRP NE1  N  Y N 334 
TRP CE2  C  Y N 335 
TRP CE3  C  Y N 336 
TRP CZ2  C  Y N 337 
TRP CZ3  C  Y N 338 
TRP CH2  C  Y N 339 
TRP OXT  O  N N 340 
TRP H    H  N N 341 
TRP H2   H  N N 342 
TRP HA   H  N N 343 
TRP HB2  H  N N 344 
TRP HB3  H  N N 345 
TRP HD1  H  N N 346 
TRP HE1  H  N N 347 
TRP HE3  H  N N 348 
TRP HZ2  H  N N 349 
TRP HZ3  H  N N 350 
TRP HH2  H  N N 351 
TRP HXT  H  N N 352 
TYR N    N  N N 353 
TYR CA   C  N S 354 
TYR C    C  N N 355 
TYR O    O  N N 356 
TYR CB   C  N N 357 
TYR CG   C  Y N 358 
TYR CD1  C  Y N 359 
TYR CD2  C  Y N 360 
TYR CE1  C  Y N 361 
TYR CE2  C  Y N 362 
TYR CZ   C  Y N 363 
TYR OH   O  N N 364 
TYR OXT  O  N N 365 
TYR H    H  N N 366 
TYR H2   H  N N 367 
TYR HA   H  N N 368 
TYR HB2  H  N N 369 
TYR HB3  H  N N 370 
TYR HD1  H  N N 371 
TYR HD2  H  N N 372 
TYR HE1  H  N N 373 
TYR HE2  H  N N 374 
TYR HH   H  N N 375 
TYR HXT  H  N N 376 
VAL N    N  N N 377 
VAL CA   C  N S 378 
VAL C    C  N N 379 
VAL O    O  N N 380 
VAL CB   C  N N 381 
VAL CG1  C  N N 382 
VAL CG2  C  N N 383 
VAL OXT  O  N N 384 
VAL H    H  N N 385 
VAL H2   H  N N 386 
VAL HA   H  N N 387 
VAL HB   H  N N 388 
VAL HG11 H  N N 389 
VAL HG12 H  N N 390 
VAL HG13 H  N N 391 
VAL HG21 H  N N 392 
VAL HG22 H  N N 393 
VAL HG23 H  N N 394 
VAL HXT  H  N N 395 
# 
loop_
_chem_comp_bond.comp_id 
_chem_comp_bond.atom_id_1 
_chem_comp_bond.atom_id_2 
_chem_comp_bond.value_order 
_chem_comp_bond.pdbx_aromatic_flag 
_chem_comp_bond.pdbx_stereo_config 
_chem_comp_bond.pdbx_ordinal 
ALA N   CA   sing N N 1   
ALA N   H    sing N N 2   
ALA N   H2   sing N N 3   
ALA CA  C    sing N N 4   
ALA CA  CB   sing N N 5   
ALA CA  HA   sing N N 6   
ALA C   O    doub N N 7   
ALA C   OXT  sing N N 8   
ALA CB  HB1  sing N N 9   
ALA CB  HB2  sing N N 10  
ALA CB  HB3  sing N N 11  
ALA OXT HXT  sing N N 12  
ARG N   CA   sing N N 13  
ARG N   H    sing N N 14  
ARG N   H2   sing N N 15  
ARG CA  C    sing N N 16  
ARG CA  CB   sing N N 17  
ARG CA  HA   sing N N 18  
ARG C   O    doub N N 19  
ARG C   OXT  sing N N 20  
ARG CB  CG   sing N N 21  
ARG CB  HB2  sing N N 22  
ARG CB  HB3  sing N N 23  
ARG CG  CD   sing N N 24  
ARG CG  HG2  sing N N 25  
ARG CG  HG3  sing N N 26  
ARG CD  NE   sing N N 27  
ARG CD  HD2  sing N N 28  
ARG CD  HD3  sing N N 29  
ARG NE  CZ   sing N N 30  
ARG NE  HE   sing N N 31  
ARG CZ  NH1  sing N N 32  
ARG CZ  NH2  doub N N 33  
ARG NH1 HH11 sing N N 34  
ARG NH1 HH12 sing N N 35  
ARG NH2 HH21 sing N N 36  
ARG NH2 HH22 sing N N 37  
ARG OXT HXT  sing N N 38  
ASN N   CA   sing N N 39  
ASN N   H    sing N N 40  
ASN N   H2   sing N N 41  
ASN CA  C    sing N N 42  
ASN CA  CB   sing N N 43  
ASN CA  HA   sing N N 44  
ASN C   O    doub N N 45  
ASN C   OXT  sing N N 46  
ASN CB  CG   sing N N 47  
ASN CB  HB2  sing N N 48  
ASN CB  HB3  sing N N 49  
ASN CG  OD1  doub N N 50  
ASN CG  ND2  sing N N 51  
ASN ND2 HD21 sing N N 52  
ASN ND2 HD22 sing N N 53  
ASN OXT HXT  sing N N 54  
ASP N   CA   sing N N 55  
ASP N   H    sing N N 56  
ASP N   H2   sing N N 57  
ASP CA  C    sing N N 58  
ASP CA  CB   sing N N 59  
ASP CA  HA   sing N N 60  
ASP C   O    doub N N 61  
ASP C   OXT  sing N N 62  
ASP CB  CG   sing N N 63  
ASP CB  HB2  sing N N 64  
ASP CB  HB3  sing N N 65  
ASP CG  OD1  doub N N 66  
ASP CG  OD2  sing N N 67  
ASP OD2 HD2  sing N N 68  
ASP OXT HXT  sing N N 69  
CYS N   CA   sing N N 70  
CYS N   H    sing N N 71  
CYS N   H2   sing N N 72  
CYS CA  C    sing N N 73  
CYS CA  CB   sing N N 74  
CYS CA  HA   sing N N 75  
CYS C   O    doub N N 76  
CYS C   OXT  sing N N 77  
CYS CB  SG   sing N N 78  
CYS CB  HB2  sing N N 79  
CYS CB  HB3  sing N N 80  
CYS SG  HG   sing N N 81  
CYS OXT HXT  sing N N 82  
GLN N   CA   sing N N 83  
GLN N   H    sing N N 84  
GLN N   H2   sing N N 85  
GLN CA  C    sing N N 86  
GLN CA  CB   sing N N 87  
GLN CA  HA   sing N N 88  
GLN C   O    doub N N 89  
GLN C   OXT  sing N N 90  
GLN CB  CG   sing N N 91  
GLN CB  HB2  sing N N 92  
GLN CB  HB3  sing N N 93  
GLN CG  CD   sing N N 94  
GLN CG  HG2  sing N N 95  
GLN CG  HG3  sing N N 96  
GLN CD  OE1  doub N N 97  
GLN CD  NE2  sing N N 98  
GLN NE2 HE21 sing N N 99  
GLN NE2 HE22 sing N N 100 
GLN OXT HXT  sing N N 101 
GLU N   CA   sing N N 102 
GLU N   H    sing N N 103 
GLU N   H2   sing N N 104 
GLU CA  C    sing N N 105 
GLU CA  CB   sing N N 106 
GLU CA  HA   sing N N 107 
GLU C   O    doub N N 108 
GLU C   OXT  sing N N 109 
GLU CB  CG   sing N N 110 
GLU CB  HB2  sing N N 111 
GLU CB  HB3  sing N N 112 
GLU CG  CD   sing N N 113 
GLU CG  HG2  sing N N 114 
GLU CG  HG3  sing N N 115 
GLU CD  OE1  doub N N 116 
GLU CD  OE2  sing N N 117 
GLU OE2 HE2  sing N N 118 
GLU OXT HXT  sing N N 119 
GLY N   CA   sing N N 120 
GLY N   H    sing N N 121 
GLY N   H2   sing N N 122 
GLY CA  C    sing N N 123 
GLY CA  HA2  sing N N 124 
GLY CA  HA3  sing N N 125 
GLY C   O    doub N N 126 
GLY C   OXT  sing N N 127 
GLY OXT HXT  sing N N 128 
HIS N   CA   sing N N 129 
HIS N   H    sing N N 130 
HIS N   H2   sing N N 131 
HIS CA  C    sing N N 132 
HIS CA  CB   sing N N 133 
HIS CA  HA   sing N N 134 
HIS C   O    doub N N 135 
HIS C   OXT  sing N N 136 
HIS CB  CG   sing N N 137 
HIS CB  HB2  sing N N 138 
HIS CB  HB3  sing N N 139 
HIS CG  ND1  sing Y N 140 
HIS CG  CD2  doub Y N 141 
HIS ND1 CE1  doub Y N 142 
HIS ND1 HD1  sing N N 143 
HIS CD2 NE2  sing Y N 144 
HIS CD2 HD2  sing N N 145 
HIS CE1 NE2  sing Y N 146 
HIS CE1 HE1  sing N N 147 
HIS NE2 HE2  sing N N 148 
HIS OXT HXT  sing N N 149 
HOH O   H1   sing N N 150 
HOH O   H2   sing N N 151 
ILE N   CA   sing N N 152 
ILE N   H    sing N N 153 
ILE N   H2   sing N N 154 
ILE CA  C    sing N N 155 
ILE CA  CB   sing N N 156 
ILE CA  HA   sing N N 157 
ILE C   O    doub N N 158 
ILE C   OXT  sing N N 159 
ILE CB  CG1  sing N N 160 
ILE CB  CG2  sing N N 161 
ILE CB  HB   sing N N 162 
ILE CG1 CD1  sing N N 163 
ILE CG1 HG12 sing N N 164 
ILE CG1 HG13 sing N N 165 
ILE CG2 HG21 sing N N 166 
ILE CG2 HG22 sing N N 167 
ILE CG2 HG23 sing N N 168 
ILE CD1 HD11 sing N N 169 
ILE CD1 HD12 sing N N 170 
ILE CD1 HD13 sing N N 171 
ILE OXT HXT  sing N N 172 
LEU N   CA   sing N N 173 
LEU N   H    sing N N 174 
LEU N   H2   sing N N 175 
LEU CA  C    sing N N 176 
LEU CA  CB   sing N N 177 
LEU CA  HA   sing N N 178 
LEU C   O    doub N N 179 
LEU C   OXT  sing N N 180 
LEU CB  CG   sing N N 181 
LEU CB  HB2  sing N N 182 
LEU CB  HB3  sing N N 183 
LEU CG  CD1  sing N N 184 
LEU CG  CD2  sing N N 185 
LEU CG  HG   sing N N 186 
LEU CD1 HD11 sing N N 187 
LEU CD1 HD12 sing N N 188 
LEU CD1 HD13 sing N N 189 
LEU CD2 HD21 sing N N 190 
LEU CD2 HD22 sing N N 191 
LEU CD2 HD23 sing N N 192 
LEU OXT HXT  sing N N 193 
LYS N   CA   sing N N 194 
LYS N   H    sing N N 195 
LYS N   H2   sing N N 196 
LYS CA  C    sing N N 197 
LYS CA  CB   sing N N 198 
LYS CA  HA   sing N N 199 
LYS C   O    doub N N 200 
LYS C   OXT  sing N N 201 
LYS CB  CG   sing N N 202 
LYS CB  HB2  sing N N 203 
LYS CB  HB3  sing N N 204 
LYS CG  CD   sing N N 205 
LYS CG  HG2  sing N N 206 
LYS CG  HG3  sing N N 207 
LYS CD  CE   sing N N 208 
LYS CD  HD2  sing N N 209 
LYS CD  HD3  sing N N 210 
LYS CE  NZ   sing N N 211 
LYS CE  HE2  sing N N 212 
LYS CE  HE3  sing N N 213 
LYS NZ  HZ1  sing N N 214 
LYS NZ  HZ2  sing N N 215 
LYS NZ  HZ3  sing N N 216 
LYS OXT HXT  sing N N 217 
MSE N   CA   sing N N 218 
MSE N   H    sing N N 219 
MSE N   H2   sing N N 220 
MSE CA  C    sing N N 221 
MSE CA  CB   sing N N 222 
MSE CA  HA   sing N N 223 
MSE C   O    doub N N 224 
MSE C   OXT  sing N N 225 
MSE OXT HXT  sing N N 226 
MSE CB  CG   sing N N 227 
MSE CB  HB2  sing N N 228 
MSE CB  HB3  sing N N 229 
MSE CG  SE   sing N N 230 
MSE CG  HG2  sing N N 231 
MSE CG  HG3  sing N N 232 
MSE SE  CE   sing N N 233 
MSE CE  HE1  sing N N 234 
MSE CE  HE2  sing N N 235 
MSE CE  HE3  sing N N 236 
PHE N   CA   sing N N 237 
PHE N   H    sing N N 238 
PHE N   H2   sing N N 239 
PHE CA  C    sing N N 240 
PHE CA  CB   sing N N 241 
PHE CA  HA   sing N N 242 
PHE C   O    doub N N 243 
PHE C   OXT  sing N N 244 
PHE CB  CG   sing N N 245 
PHE CB  HB2  sing N N 246 
PHE CB  HB3  sing N N 247 
PHE CG  CD1  doub Y N 248 
PHE CG  CD2  sing Y N 249 
PHE CD1 CE1  sing Y N 250 
PHE CD1 HD1  sing N N 251 
PHE CD2 CE2  doub Y N 252 
PHE CD2 HD2  sing N N 253 
PHE CE1 CZ   doub Y N 254 
PHE CE1 HE1  sing N N 255 
PHE CE2 CZ   sing Y N 256 
PHE CE2 HE2  sing N N 257 
PHE CZ  HZ   sing N N 258 
PHE OXT HXT  sing N N 259 
PO4 P   O1   doub N N 260 
PO4 P   O2   sing N N 261 
PO4 P   O3   sing N N 262 
PO4 P   O4   sing N N 263 
PRO N   CA   sing N N 264 
PRO N   CD   sing N N 265 
PRO N   H    sing N N 266 
PRO CA  C    sing N N 267 
PRO CA  CB   sing N N 268 
PRO CA  HA   sing N N 269 
PRO C   O    doub N N 270 
PRO C   OXT  sing N N 271 
PRO CB  CG   sing N N 272 
PRO CB  HB2  sing N N 273 
PRO CB  HB3  sing N N 274 
PRO CG  CD   sing N N 275 
PRO CG  HG2  sing N N 276 
PRO CG  HG3  sing N N 277 
PRO CD  HD2  sing N N 278 
PRO CD  HD3  sing N N 279 
PRO OXT HXT  sing N N 280 
SER N   CA   sing N N 281 
SER N   H    sing N N 282 
SER N   H2   sing N N 283 
SER CA  C    sing N N 284 
SER CA  CB   sing N N 285 
SER CA  HA   sing N N 286 
SER C   O    doub N N 287 
SER C   OXT  sing N N 288 
SER CB  OG   sing N N 289 
SER CB  HB2  sing N N 290 
SER CB  HB3  sing N N 291 
SER OG  HG   sing N N 292 
SER OXT HXT  sing N N 293 
THR N   CA   sing N N 294 
THR N   H    sing N N 295 
THR N   H2   sing N N 296 
THR CA  C    sing N N 297 
THR CA  CB   sing N N 298 
THR CA  HA   sing N N 299 
THR C   O    doub N N 300 
THR C   OXT  sing N N 301 
THR CB  OG1  sing N N 302 
THR CB  CG2  sing N N 303 
THR CB  HB   sing N N 304 
THR OG1 HG1  sing N N 305 
THR CG2 HG21 sing N N 306 
THR CG2 HG22 sing N N 307 
THR CG2 HG23 sing N N 308 
THR OXT HXT  sing N N 309 
TRP N   CA   sing N N 310 
TRP N   H    sing N N 311 
TRP N   H2   sing N N 312 
TRP CA  C    sing N N 313 
TRP CA  CB   sing N N 314 
TRP CA  HA   sing N N 315 
TRP C   O    doub N N 316 
TRP C   OXT  sing N N 317 
TRP CB  CG   sing N N 318 
TRP CB  HB2  sing N N 319 
TRP CB  HB3  sing N N 320 
TRP CG  CD1  doub Y N 321 
TRP CG  CD2  sing Y N 322 
TRP CD1 NE1  sing Y N 323 
TRP CD1 HD1  sing N N 324 
TRP CD2 CE2  doub Y N 325 
TRP CD2 CE3  sing Y N 326 
TRP NE1 CE2  sing Y N 327 
TRP NE1 HE1  sing N N 328 
TRP CE2 CZ2  sing Y N 329 
TRP CE3 CZ3  doub Y N 330 
TRP CE3 HE3  sing N N 331 
TRP CZ2 CH2  doub Y N 332 
TRP CZ2 HZ2  sing N N 333 
TRP CZ3 CH2  sing Y N 334 
TRP CZ3 HZ3  sing N N 335 
TRP CH2 HH2  sing N N 336 
TRP OXT HXT  sing N N 337 
TYR N   CA   sing N N 338 
TYR N   H    sing N N 339 
TYR N   H2   sing N N 340 
TYR CA  C    sing N N 341 
TYR CA  CB   sing N N 342 
TYR CA  HA   sing N N 343 
TYR C   O    doub N N 344 
TYR C   OXT  sing N N 345 
TYR CB  CG   sing N N 346 
TYR CB  HB2  sing N N 347 
TYR CB  HB3  sing N N 348 
TYR CG  CD1  doub Y N 349 
TYR CG  CD2  sing Y N 350 
TYR CD1 CE1  sing Y N 351 
TYR CD1 HD1  sing N N 352 
TYR CD2 CE2  doub Y N 353 
TYR CD2 HD2  sing N N 354 
TYR CE1 CZ   doub Y N 355 
TYR CE1 HE1  sing N N 356 
TYR CE2 CZ   sing Y N 357 
TYR CE2 HE2  sing N N 358 
TYR CZ  OH   sing N N 359 
TYR OH  HH   sing N N 360 
TYR OXT HXT  sing N N 361 
VAL N   CA   sing N N 362 
VAL N   H    sing N N 363 
VAL N   H2   sing N N 364 
VAL CA  C    sing N N 365 
VAL CA  CB   sing N N 366 
VAL CA  HA   sing N N 367 
VAL C   O    doub N N 368 
VAL C   OXT  sing N N 369 
VAL CB  CG1  sing N N 370 
VAL CB  CG2  sing N N 371 
VAL CB  HB   sing N N 372 
VAL CG1 HG11 sing N N 373 
VAL CG1 HG12 sing N N 374 
VAL CG1 HG13 sing N N 375 
VAL CG2 HG21 sing N N 376 
VAL CG2 HG22 sing N N 377 
VAL CG2 HG23 sing N N 378 
VAL OXT HXT  sing N N 379 
# 
_atom_sites.entry_id                    3BDR 
_atom_sites.fract_transf_matrix[1][1]   0.00857245 
_atom_sites.fract_transf_matrix[1][2]   0.00013132 
_atom_sites.fract_transf_matrix[1][3]   -0.01020840 
_atom_sites.fract_transf_matrix[2][1]   0.00219481 
_atom_sites.fract_transf_matrix[2][2]   -0.01304192 
_atom_sites.fract_transf_matrix[2][3]   0.00167531 
_atom_sites.fract_transf_matrix[3][1]   -0.00897205 
_atom_sites.fract_transf_matrix[3][2]   -0.00248182 
_atom_sites.fract_transf_matrix[3][3]   -0.00756616 
_atom_sites.fract_transf_vector[1]      0.705129 
_atom_sites.fract_transf_vector[2]      0.700506 
_atom_sites.fract_transf_vector[3]      0.331119 
# 
loop_
_atom_type.symbol 
C  
N  
O  
P  
S  
SE 
# 
loop_
_atom_site.group_PDB 
_atom_site.id 
_atom_site.type_symbol 
_atom_site.label_atom_id 
_atom_site.label_alt_id 
_atom_site.label_comp_id 
_atom_site.label_asym_id 
_atom_site.label_entity_id 
_atom_site.label_seq_id 
_atom_site.pdbx_PDB_ins_code 
_atom_site.Cartn_x 
_atom_site.Cartn_y 
_atom_site.Cartn_z 
_atom_site.occupancy 
_atom_site.B_iso_or_equiv 
_atom_site.pdbx_formal_charge 
_atom_site.auth_seq_id 
_atom_site.auth_comp_id 
_atom_site.auth_asym_id 
_atom_site.auth_atom_id 
_atom_site.pdbx_PDB_model_num 
ATOM   1    N  N   . GLY A 1 4   ? 3.787   -4.960  -16.856 1.00 80.54  ? 4   GLY A N   1 
ATOM   2    C  CA  . GLY A 1 4   ? 5.093   -5.697  -16.787 1.00 80.99  ? 4   GLY A CA  1 
ATOM   3    C  C   . GLY A 1 4   ? 6.120   -5.126  -15.809 1.00 81.22  ? 4   GLY A C   1 
ATOM   4    O  O   . GLY A 1 4   ? 7.286   -5.522  -15.847 1.00 80.91  ? 4   GLY A O   1 
HETATM 5    N  N   . MSE A 1 5   ? 5.689   -4.209  -14.938 1.00 80.54  ? 5   MSE A N   1 
HETATM 6    C  CA  . MSE A 1 5   ? 6.554   -3.580  -13.939 1.00 78.57  ? 5   MSE A CA  1 
HETATM 7    C  C   . MSE A 1 5   ? 6.643   -4.417  -12.664 1.00 75.94  ? 5   MSE A C   1 
HETATM 8    O  O   . MSE A 1 5   ? 5.793   -5.274  -12.430 1.00 75.83  ? 5   MSE A O   1 
HETATM 9    C  CB  . MSE A 1 5   ? 6.028   -2.179  -13.591 1.00 82.15  ? 5   MSE A CB  1 
HETATM 10   C  CG  . MSE A 1 5   ? 4.519   -2.102  -13.312 1.00 86.47  ? 5   MSE A CG  1 
HETATM 11   SE SE  . MSE A 1 5   ? 3.944   -0.441  -12.411 1.00 96.14  ? 5   MSE A SE  1 
HETATM 12   C  CE  . MSE A 1 5   ? 3.986   0.844   -13.865 1.00 91.98  ? 5   MSE A CE  1 
ATOM   13   N  N   . ASP A 1 6   ? 7.676   -4.181  -11.847 1.00 72.09  ? 6   ASP A N   1 
ATOM   14   C  CA  . ASP A 1 6   ? 7.840   -4.908  -10.583 1.00 69.20  ? 6   ASP A CA  1 
ATOM   15   C  C   . ASP A 1 6   ? 7.505   -3.987  -9.404  1.00 66.89  ? 6   ASP A C   1 
ATOM   16   O  O   . ASP A 1 6   ? 7.028   -2.870  -9.602  1.00 65.16  ? 6   ASP A O   1 
ATOM   17   C  CB  . ASP A 1 6   ? 9.269   -5.453  -10.423 1.00 69.47  ? 6   ASP A CB  1 
ATOM   18   C  CG  . ASP A 1 6   ? 10.317  -4.352  -10.308 1.00 71.36  ? 6   ASP A CG  1 
ATOM   19   O  OD1 . ASP A 1 6   ? 10.934  -3.999  -11.339 1.00 71.61  ? 6   ASP A OD1 1 
ATOM   20   O  OD2 . ASP A 1 6   ? 10.533  -3.834  -9.186  1.00 71.54  ? 6   ASP A OD2 1 
ATOM   21   N  N   . ILE A 1 7   ? 7.752   -4.440  -8.181  1.00 64.39  ? 7   ILE A N   1 
ATOM   22   C  CA  . ILE A 1 7   ? 7.428   -3.612  -7.027  1.00 64.37  ? 7   ILE A CA  1 
ATOM   23   C  C   . ILE A 1 7   ? 8.191   -2.307  -7.006  1.00 63.34  ? 7   ILE A C   1 
ATOM   24   O  O   . ILE A 1 7   ? 7.595   -1.236  -6.898  1.00 64.28  ? 7   ILE A O   1 
ATOM   25   C  CB  . ILE A 1 7   ? 7.709   -4.292  -5.682  1.00 65.19  ? 7   ILE A CB  1 
ATOM   26   C  CG1 . ILE A 1 7   ? 7.762   -5.808  -5.833  1.00 67.03  ? 7   ILE A CG1 1 
ATOM   27   C  CG2 . ILE A 1 7   ? 6.621   -3.883  -4.695  1.00 64.18  ? 7   ILE A CG2 1 
ATOM   28   C  CD1 . ILE A 1 7   ? 8.967   -6.316  -6.621  1.00 69.22  ? 7   ILE A CD1 1 
ATOM   29   N  N   . ARG A 1 8   ? 9.513   -2.400  -7.088  1.00 61.46  ? 8   ARG A N   1 
ATOM   30   C  CA  . ARG A 1 8   ? 10.358  -1.222  -7.073  1.00 59.79  ? 8   ARG A CA  1 
ATOM   31   C  C   . ARG A 1 8   ? 9.813   -0.211  -8.078  1.00 57.31  ? 8   ARG A C   1 
ATOM   32   O  O   . ARG A 1 8   ? 9.711   0.980   -7.781  1.00 56.30  ? 8   ARG A O   1 
ATOM   33   C  CB  . ARG A 1 8   ? 11.808  -1.620  -7.411  1.00 62.93  ? 8   ARG A CB  1 
ATOM   34   C  CG  . ARG A 1 8   ? 12.869  -0.560  -7.088  1.00 66.14  ? 8   ARG A CG  1 
ATOM   35   C  CD  . ARG A 1 8   ? 13.563  -0.031  -8.354  1.00 71.11  ? 8   ARG A CD  1 
ATOM   36   N  NE  . ARG A 1 8   ? 12.685  0.810   -9.183  1.00 74.61  ? 8   ARG A NE  1 
ATOM   37   C  CZ  . ARG A 1 8   ? 12.947  1.172   -10.439 1.00 76.17  ? 8   ARG A CZ  1 
ATOM   38   N  NH1 . ARG A 1 8   ? 14.070  0.770   -11.033 1.00 78.12  ? 8   ARG A NH1 1 
ATOM   39   N  NH2 . ARG A 1 8   ? 12.083  1.932   -11.101 1.00 75.24  ? 8   ARG A NH2 1 
ATOM   40   N  N   . ASP A 1 9   ? 9.437   -0.692  -9.262  1.00 55.43  ? 9   ASP A N   1 
ATOM   41   C  CA  . ASP A 1 9   ? 8.898   0.179   -10.314 1.00 54.49  ? 9   ASP A CA  1 
ATOM   42   C  C   . ASP A 1 9   ? 7.577   0.792   -9.859  1.00 52.44  ? 9   ASP A C   1 
ATOM   43   O  O   . ASP A 1 9   ? 7.344   1.992   -10.035 1.00 50.21  ? 9   ASP A O   1 
ATOM   44   C  CB  . ASP A 1 9   ? 8.691   -0.624  -11.601 1.00 56.70  ? 9   ASP A CB  1 
ATOM   45   C  CG  . ASP A 1 9   ? 10.009  -1.153  -12.179 1.00 59.96  ? 9   ASP A CG  1 
ATOM   46   O  OD1 . ASP A 1 9   ? 9.959   -2.081  -13.024 1.00 59.28  ? 9   ASP A OD1 1 
ATOM   47   O  OD2 . ASP A 1 9   ? 11.095  -0.627  -11.796 1.00 59.41  ? 9   ASP A OD2 1 
ATOM   48   N  N   . PHE A 1 10  ? 6.725   -0.052  -9.276  1.00 50.52  ? 10  PHE A N   1 
ATOM   49   C  CA  . PHE A 1 10  ? 5.429   0.366   -8.763  1.00 49.50  ? 10  PHE A CA  1 
ATOM   50   C  C   . PHE A 1 10  ? 5.634   1.387   -7.641  1.00 50.00  ? 10  PHE A C   1 
ATOM   51   O  O   . PHE A 1 10  ? 4.890   2.359   -7.530  1.00 50.83  ? 10  PHE A O   1 
ATOM   52   C  CB  . PHE A 1 10  ? 4.656   -0.828  -8.204  1.00 47.48  ? 10  PHE A CB  1 
ATOM   53   C  CG  . PHE A 1 10  ? 3.194   -0.547  -8.004  1.00 48.06  ? 10  PHE A CG  1 
ATOM   54   C  CD1 . PHE A 1 10  ? 2.262   -0.944  -8.959  1.00 46.18  ? 10  PHE A CD1 1 
ATOM   55   C  CD2 . PHE A 1 10  ? 2.750   0.179   -6.894  1.00 47.90  ? 10  PHE A CD2 1 
ATOM   56   C  CE1 . PHE A 1 10  ? 0.910   -0.620  -8.821  1.00 47.15  ? 10  PHE A CE1 1 
ATOM   57   C  CE2 . PHE A 1 10  ? 1.395   0.512   -6.744  1.00 48.08  ? 10  PHE A CE2 1 
ATOM   58   C  CZ  . PHE A 1 10  ? 0.474   0.111   -7.710  1.00 46.84  ? 10  PHE A CZ  1 
ATOM   59   N  N   . PHE A 1 11  ? 6.628   1.150   -6.795  1.00 48.44  ? 11  PHE A N   1 
ATOM   60   C  CA  . PHE A 1 11  ? 6.885   2.072   -5.717  1.00 48.84  ? 11  PHE A CA  1 
ATOM   61   C  C   . PHE A 1 11  ? 7.375   3.382   -6.283  1.00 50.68  ? 11  PHE A C   1 
ATOM   62   O  O   . PHE A 1 11  ? 6.943   4.449   -5.850  1.00 51.43  ? 11  PHE A O   1 
ATOM   63   C  CB  . PHE A 1 11  ? 7.941   1.536   -4.768  1.00 49.14  ? 11  PHE A CB  1 
ATOM   64   C  CG  . PHE A 1 11  ? 7.392   0.833   -3.560  1.00 49.40  ? 11  PHE A CG  1 
ATOM   65   C  CD1 . PHE A 1 11  ? 6.623   -0.321  -3.695  1.00 50.91  ? 11  PHE A CD1 1 
ATOM   66   C  CD2 . PHE A 1 11  ? 7.742   1.265   -2.280  1.00 49.33  ? 11  PHE A CD2 1 
ATOM   67   C  CE1 . PHE A 1 11  ? 6.216   -1.046  -2.577  1.00 50.31  ? 11  PHE A CE1 1 
ATOM   68   C  CE2 . PHE A 1 11  ? 7.344   0.550   -1.144  1.00 50.64  ? 11  PHE A CE2 1 
ATOM   69   C  CZ  . PHE A 1 11  ? 6.584   -0.606  -1.292  1.00 51.91  ? 11  PHE A CZ  1 
ATOM   70   N  N   . ALA A 1 12  ? 8.292   3.323   -7.242  1.00 51.91  ? 12  ALA A N   1 
ATOM   71   C  CA  . ALA A 1 12  ? 8.800   4.559   -7.831  1.00 53.25  ? 12  ALA A CA  1 
ATOM   72   C  C   . ALA A 1 12  ? 7.655   5.366   -8.438  1.00 54.86  ? 12  ALA A C   1 
ATOM   73   O  O   . ALA A 1 12  ? 7.519   6.553   -8.182  1.00 55.93  ? 12  ALA A O   1 
ATOM   74   C  CB  . ALA A 1 12  ? 9.825   4.239   -8.892  1.00 51.48  ? 12  ALA A CB  1 
ATOM   75   N  N   . GLN A 1 13  ? 6.827   4.691   -9.226  1.00 56.70  ? 13  GLN A N   1 
ATOM   76   C  CA  . GLN A 1 13  ? 5.703   5.314   -9.894  1.00 58.40  ? 13  GLN A CA  1 
ATOM   77   C  C   . GLN A 1 13  ? 4.756   6.004   -8.916  1.00 58.41  ? 13  GLN A C   1 
ATOM   78   O  O   . GLN A 1 13  ? 4.192   7.065   -9.214  1.00 59.00  ? 13  GLN A O   1 
ATOM   79   C  CB  . GLN A 1 13  ? 4.952   4.248   -10.695 1.00 61.16  ? 13  GLN A CB  1 
ATOM   80   C  CG  . GLN A 1 13  ? 3.890   4.776   -11.640 1.00 65.42  ? 13  GLN A CG  1 
ATOM   81   C  CD  . GLN A 1 13  ? 4.470   5.598   -12.767 1.00 68.00  ? 13  GLN A CD  1 
ATOM   82   O  OE1 . GLN A 1 13  ? 5.105   5.064   -13.673 1.00 71.37  ? 13  GLN A OE1 1 
ATOM   83   N  NE2 . GLN A 1 13  ? 4.278   6.912   -12.704 1.00 69.90  ? 13  GLN A NE2 1 
ATOM   84   N  N   . SER A 1 14  ? 4.584   5.406   -7.745  1.00 57.52  ? 14  SER A N   1 
ATOM   85   C  CA  . SER A 1 14  ? 3.681   5.950   -6.734  1.00 57.13  ? 14  SER A CA  1 
ATOM   86   C  C   . SER A 1 14  ? 4.201   7.217   -6.078  1.00 58.74  ? 14  SER A C   1 
ATOM   87   O  O   . SER A 1 14  ? 3.417   8.009   -5.559  1.00 60.16  ? 14  SER A O   1 
ATOM   88   C  CB  . SER A 1 14  ? 3.426   4.906   -5.665  1.00 54.62  ? 14  SER A CB  1 
ATOM   89   O  OG  . SER A 1 14  ? 3.028   3.697   -6.273  1.00 56.78  ? 14  SER A OG  1 
ATOM   90   N  N   . ALA A 1 15  ? 5.520   7.404   -6.099  1.00 59.07  ? 15  ALA A N   1 
ATOM   91   C  CA  . ALA A 1 15  ? 6.146   8.579   -5.502  1.00 57.67  ? 15  ALA A CA  1 
ATOM   92   C  C   . ALA A 1 15  ? 5.479   9.875   -5.978  1.00 57.97  ? 15  ALA A C   1 
ATOM   93   O  O   . ALA A 1 15  ? 5.033   9.964   -7.121  1.00 57.94  ? 15  ALA A O   1 
ATOM   94   C  CB  . ALA A 1 15  ? 7.625   8.587   -5.839  1.00 56.20  ? 15  ALA A CB  1 
ATOM   95   N  N   . GLY A 1 16  ? 5.404   10.870  -5.094  1.00 57.14  ? 16  GLY A N   1 
ATOM   96   C  CA  . GLY A 1 16  ? 4.790   12.139  -5.455  1.00 56.50  ? 16  GLY A CA  1 
ATOM   97   C  C   . GLY A 1 16  ? 3.654   12.549  -4.537  1.00 57.09  ? 16  GLY A C   1 
ATOM   98   O  O   . GLY A 1 16  ? 3.385   11.873  -3.544  1.00 57.22  ? 16  GLY A O   1 
ATOM   99   N  N   . ARG A 1 17  ? 2.995   13.664  -4.851  1.00 57.74  ? 17  ARG A N   1 
ATOM   100  C  CA  . ARG A 1 17  ? 1.865   14.147  -4.041  1.00 56.93  ? 17  ARG A CA  1 
ATOM   101  C  C   . ARG A 1 17  ? 0.559   13.839  -4.770  1.00 54.90  ? 17  ARG A C   1 
ATOM   102  O  O   . ARG A 1 17  ? 0.428   14.067  -5.969  1.00 55.02  ? 17  ARG A O   1 
ATOM   103  C  CB  . ARG A 1 17  ? 1.966   15.657  -3.801  1.00 58.59  ? 17  ARG A CB  1 
ATOM   104  C  CG  . ARG A 1 17  ? 3.053   16.071  -2.824  1.00 63.93  ? 17  ARG A CG  1 
ATOM   105  C  CD  . ARG A 1 17  ? 3.387   17.566  -2.937  1.00 68.34  ? 17  ARG A CD  1 
ATOM   106  N  NE  . ARG A 1 17  ? 2.211   18.422  -2.750  1.00 73.07  ? 17  ARG A NE  1 
ATOM   107  C  CZ  . ARG A 1 17  ? 1.589   19.077  -3.729  1.00 74.30  ? 17  ARG A CZ  1 
ATOM   108  N  NH1 . ARG A 1 17  ? 2.028   18.990  -4.980  1.00 74.84  ? 17  ARG A NH1 1 
ATOM   109  N  NH2 . ARG A 1 17  ? 0.512   19.802  -3.462  1.00 73.73  ? 17  ARG A NH2 1 
ATOM   110  N  N   . TRP A 1 18  ? -0.415  13.334  -4.031  1.00 52.70  ? 18  TRP A N   1 
ATOM   111  C  CA  . TRP A 1 18  ? -1.681  12.972  -4.631  1.00 50.44  ? 18  TRP A CA  1 
ATOM   112  C  C   . TRP A 1 18  ? -2.885  13.453  -3.851  1.00 50.28  ? 18  TRP A C   1 
ATOM   113  O  O   . TRP A 1 18  ? -2.835  13.623  -2.638  1.00 50.39  ? 18  TRP A O   1 
ATOM   114  C  CB  . TRP A 1 18  ? -1.796  11.445  -4.736  1.00 48.89  ? 18  TRP A CB  1 
ATOM   115  C  CG  . TRP A 1 18  ? -0.603  10.741  -5.305  1.00 45.21  ? 18  TRP A CG  1 
ATOM   116  C  CD1 . TRP A 1 18  ? 0.603   10.530  -4.698  1.00 43.02  ? 18  TRP A CD1 1 
ATOM   117  C  CD2 . TRP A 1 18  ? -0.518  10.137  -6.598  1.00 43.03  ? 18  TRP A CD2 1 
ATOM   118  N  NE1 . TRP A 1 18  ? 1.428   9.824   -5.537  1.00 42.98  ? 18  TRP A NE1 1 
ATOM   119  C  CE2 . TRP A 1 18  ? 0.765   9.562   -6.706  1.00 42.84  ? 18  TRP A CE2 1 
ATOM   120  C  CE3 . TRP A 1 18  ? -1.406  10.016  -7.672  1.00 40.99  ? 18  TRP A CE3 1 
ATOM   121  C  CZ2 . TRP A 1 18  ? 1.185   8.883   -7.853  1.00 43.10  ? 18  TRP A CZ2 1 
ATOM   122  C  CZ3 . TRP A 1 18  ? -0.989  9.344   -8.811  1.00 42.69  ? 18  TRP A CZ3 1 
ATOM   123  C  CH2 . TRP A 1 18  ? 0.292   8.781   -8.889  1.00 42.50  ? 18  TRP A CH2 1 
ATOM   124  N  N   . PHE A 1 19  ? -3.978  13.669  -4.565  1.00 50.06  ? 19  PHE A N   1 
ATOM   125  C  CA  . PHE A 1 19  ? -5.217  14.033  -3.919  1.00 50.09  ? 19  PHE A CA  1 
ATOM   126  C  C   . PHE A 1 19  ? -5.950  12.692  -3.899  1.00 50.42  ? 19  PHE A C   1 
ATOM   127  O  O   . PHE A 1 19  ? -6.100  12.048  -4.948  1.00 50.60  ? 19  PHE A O   1 
ATOM   128  C  CB  . PHE A 1 19  ? -5.996  15.049  -4.746  1.00 49.06  ? 19  PHE A CB  1 
ATOM   129  C  CG  . PHE A 1 19  ? -7.410  15.225  -4.282  1.00 47.63  ? 19  PHE A CG  1 
ATOM   130  C  CD1 . PHE A 1 19  ? -7.690  15.837  -3.062  1.00 46.56  ? 19  PHE A CD1 1 
ATOM   131  C  CD2 . PHE A 1 19  ? -8.461  14.712  -5.030  1.00 45.49  ? 19  PHE A CD2 1 
ATOM   132  C  CE1 . PHE A 1 19  ? -9.002  15.927  -2.593  1.00 47.11  ? 19  PHE A CE1 1 
ATOM   133  C  CE2 . PHE A 1 19  ? -9.769  14.797  -4.570  1.00 46.84  ? 19  PHE A CE2 1 
ATOM   134  C  CZ  . PHE A 1 19  ? -10.045 15.404  -3.346  1.00 46.29  ? 19  PHE A CZ  1 
ATOM   135  N  N   . SER A 1 20  ? -6.387  12.261  -2.717  1.00 50.17  ? 20  SER A N   1 
ATOM   136  C  CA  . SER A 1 20  ? -7.069  10.976  -2.590  1.00 50.32  ? 20  SER A CA  1 
ATOM   137  C  C   . SER A 1 20  ? -8.527  11.094  -2.221  1.00 50.19  ? 20  SER A C   1 
ATOM   138  O  O   . SER A 1 20  ? -8.893  11.788  -1.281  1.00 52.05  ? 20  SER A O   1 
ATOM   139  C  CB  . SER A 1 20  ? -6.378  10.097  -1.549  1.00 49.83  ? 20  SER A CB  1 
ATOM   140  O  OG  . SER A 1 20  ? -6.853  8.759   -1.643  1.00 54.46  ? 20  SER A OG  1 
ATOM   141  N  N   . GLN A 1 21  ? -9.364  10.404  -2.972  1.00 48.78  ? 21  GLN A N   1 
ATOM   142  C  CA  . GLN A 1 21  ? -10.777 10.413  -2.693  1.00 48.36  ? 21  GLN A CA  1 
ATOM   143  C  C   . GLN A 1 21  ? -11.141 8.978   -2.290  1.00 48.12  ? 21  GLN A C   1 
ATOM   144  O  O   . GLN A 1 21  ? -10.988 8.054   -3.090  1.00 48.83  ? 21  GLN A O   1 
ATOM   145  C  CB  . GLN A 1 21  ? -11.526 10.844  -3.939  1.00 49.15  ? 21  GLN A CB  1 
ATOM   146  C  CG  . GLN A 1 21  ? -13.015 10.673  -3.849  1.00 54.36  ? 21  GLN A CG  1 
ATOM   147  C  CD  . GLN A 1 21  ? -13.666 11.747  -3.017  1.00 57.12  ? 21  GLN A CD  1 
ATOM   148  O  OE1 . GLN A 1 21  ? -13.649 12.920  -3.388  1.00 59.27  ? 21  GLN A OE1 1 
ATOM   149  N  NE2 . GLN A 1 21  ? -14.249 11.357  -1.885  1.00 57.53  ? 21  GLN A NE2 1 
ATOM   150  N  N   . ARG A 1 22  ? -11.603 8.786   -1.052  1.00 46.39  ? 22  ARG A N   1 
ATOM   151  C  CA  . ARG A 1 22  ? -11.945 7.454   -0.573  1.00 46.61  ? 22  ARG A CA  1 
ATOM   152  C  C   . ARG A 1 22  ? -13.410 7.289   -0.290  1.00 46.02  ? 22  ARG A C   1 
ATOM   153  O  O   . ARG A 1 22  ? -14.050 8.164   0.289   1.00 46.34  ? 22  ARG A O   1 
ATOM   154  C  CB  . ARG A 1 22  ? -11.179 7.085   0.718   1.00 48.36  ? 22  ARG A CB  1 
ATOM   155  C  CG  . ARG A 1 22  ? -11.345 5.594   1.123   1.00 51.24  ? 22  ARG A CG  1 
ATOM   156  C  CD  . ARG A 1 22  ? -11.436 5.334   2.644   1.00 55.17  ? 22  ARG A CD  1 
ATOM   157  N  NE  . ARG A 1 22  ? -12.599 5.997   3.248   1.00 57.75  ? 22  ARG A NE  1 
ATOM   158  C  CZ  . ARG A 1 22  ? -12.541 7.110   3.985   1.00 56.49  ? 22  ARG A CZ  1 
ATOM   159  N  NH1 . ARG A 1 22  ? -13.655 7.630   4.481   1.00 55.51  ? 22  ARG A NH1 1 
ATOM   160  N  NH2 . ARG A 1 22  ? -11.375 7.693   4.245   1.00 54.82  ? 22  ARG A NH2 1 
ATOM   161  N  N   . THR A 1 23  ? -13.934 6.145   -0.703  1.00 44.66  ? 23  THR A N   1 
ATOM   162  C  CA  . THR A 1 23  ? -15.317 5.812   -0.441  1.00 45.11  ? 23  THR A CA  1 
ATOM   163  C  C   . THR A 1 23  ? -15.308 4.396   0.091   1.00 46.33  ? 23  THR A C   1 
ATOM   164  O  O   . THR A 1 23  ? -14.634 3.527   -0.459  1.00 47.76  ? 23  THR A O   1 
ATOM   165  C  CB  . THR A 1 23  ? -16.181 5.835   -1.687  1.00 45.42  ? 23  THR A CB  1 
ATOM   166  O  OG1 . THR A 1 23  ? -16.283 7.177   -2.173  1.00 46.00  ? 23  THR A OG1 1 
ATOM   167  C  CG2 . THR A 1 23  ? -17.586 5.311   -1.345  1.00 45.39  ? 23  THR A CG2 1 
ATOM   168  N  N   . SER A 1 24  ? -16.050 4.164   1.164   1.00 44.80  ? 24  SER A N   1 
ATOM   169  C  CA  . SER A 1 24  ? -16.107 2.845   1.744   1.00 44.46  ? 24  SER A CA  1 
ATOM   170  C  C   . SER A 1 24  ? -17.555 2.469   1.856   1.00 45.85  ? 24  SER A C   1 
ATOM   171  O  O   . SER A 1 24  ? -18.393 3.294   2.214   1.00 48.98  ? 24  SER A O   1 
ATOM   172  C  CB  . SER A 1 24  ? -15.476 2.825   3.128   1.00 45.48  ? 24  SER A CB  1 
ATOM   173  O  OG  . SER A 1 24  ? -14.112 3.236   3.074   1.00 49.04  ? 24  SER A OG  1 
ATOM   174  N  N   . HIS A 1 25  ? -17.847 1.220   1.517   1.00 44.94  ? 25  HIS A N   1 
ATOM   175  C  CA  . HIS A 1 25  ? -19.189 0.697   1.591   1.00 43.75  ? 25  HIS A CA  1 
ATOM   176  C  C   . HIS A 1 25  ? -19.214 -0.262  2.772   1.00 43.90  ? 25  HIS A C   1 
ATOM   177  O  O   . HIS A 1 25  ? -18.387 -1.162  2.840   1.00 43.83  ? 25  HIS A O   1 
ATOM   178  C  CB  . HIS A 1 25  ? -19.544 -0.090  0.327   1.00 43.62  ? 25  HIS A CB  1 
ATOM   179  C  CG  . HIS A 1 25  ? -19.552 0.726   -0.930  1.00 44.21  ? 25  HIS A CG  1 
ATOM   180  N  ND1 . HIS A 1 25  ? -20.118 0.264   -2.099  1.00 41.74  ? 25  HIS A ND1 1 
ATOM   181  C  CD2 . HIS A 1 25  ? -19.059 1.952   -1.201  1.00 44.04  ? 25  HIS A CD2 1 
ATOM   182  C  CE1 . HIS A 1 25  ? -19.972 1.179   -3.042  1.00 41.75  ? 25  HIS A CE1 1 
ATOM   183  N  NE2 . HIS A 1 25  ? -19.334 2.211   -2.525  1.00 44.77  ? 25  HIS A NE2 1 
ATOM   184  N  N   . HIS A 1 26  ? -20.152 -0.072  3.699   1.00 43.91  ? 26  HIS A N   1 
ATOM   185  C  CA  . HIS A 1 26  ? -20.259 -0.967  4.840   1.00 42.76  ? 26  HIS A CA  1 
ATOM   186  C  C   . HIS A 1 26  ? -21.351 -1.948  4.545   1.00 43.41  ? 26  HIS A C   1 
ATOM   187  O  O   . HIS A 1 26  ? -22.521 -1.674  4.771   1.00 44.71  ? 26  HIS A O   1 
ATOM   188  C  CB  . HIS A 1 26  ? -20.547 -0.189  6.104   1.00 41.19  ? 26  HIS A CB  1 
ATOM   189  C  CG  . HIS A 1 26  ? -19.411 0.703   6.504   1.00 41.74  ? 26  HIS A CG  1 
ATOM   190  N  ND1 . HIS A 1 26  ? -19.399 2.054   6.244   1.00 44.34  ? 26  HIS A ND1 1 
ATOM   191  C  CD2 . HIS A 1 26  ? -18.205 0.408   7.043   1.00 41.25  ? 26  HIS A CD2 1 
ATOM   192  C  CE1 . HIS A 1 26  ? -18.228 2.560   6.604   1.00 43.15  ? 26  HIS A CE1 1 
ATOM   193  N  NE2 . HIS A 1 26  ? -17.487 1.582   7.088   1.00 43.30  ? 26  HIS A NE2 1 
ATOM   194  N  N   . LEU A 1 27  ? -20.943 -3.097  4.017   1.00 44.52  ? 27  LEU A N   1 
ATOM   195  C  CA  . LEU A 1 27  ? -21.843 -4.166  3.593   1.00 45.50  ? 27  LEU A CA  1 
ATOM   196  C  C   . LEU A 1 27  ? -23.006 -4.494  4.509   1.00 46.52  ? 27  LEU A C   1 
ATOM   197  O  O   . LEU A 1 27  ? -24.146 -4.254  4.157   1.00 49.40  ? 27  LEU A O   1 
ATOM   198  C  CB  . LEU A 1 27  ? -21.011 -5.416  3.298   1.00 43.32  ? 27  LEU A CB  1 
ATOM   199  C  CG  . LEU A 1 27  ? -19.703 -5.084  2.536   1.00 44.63  ? 27  LEU A CG  1 
ATOM   200  C  CD1 . LEU A 1 27  ? -18.861 -6.343  2.350   1.00 43.18  ? 27  LEU A CD1 1 
ATOM   201  C  CD2 . LEU A 1 27  ? -20.023 -4.452  1.190   1.00 40.69  ? 27  LEU A CD2 1 
ATOM   202  N  N   . ALA A 1 28  ? -22.732 -5.036  5.683   1.00 49.31  ? 28  ALA A N   1 
ATOM   203  C  CA  . ALA A 1 28  ? -23.812 -5.395  6.606   1.00 51.29  ? 28  ALA A CA  1 
ATOM   204  C  C   . ALA A 1 28  ? -24.883 -4.304  6.826   1.00 51.35  ? 28  ALA A C   1 
ATOM   205  O  O   . ALA A 1 28  ? -26.072 -4.603  6.833   1.00 50.04  ? 28  ALA A O   1 
ATOM   206  C  CB  . ALA A 1 28  ? -23.222 -5.834  7.964   1.00 52.69  ? 28  ALA A CB  1 
ATOM   207  N  N   . PHE A 1 29  ? -24.463 -3.056  7.013   1.00 52.22  ? 29  PHE A N   1 
ATOM   208  C  CA  . PHE A 1 29  ? -25.404 -1.960  7.247   1.00 54.70  ? 29  PHE A CA  1 
ATOM   209  C  C   . PHE A 1 29  ? -25.823 -1.188  5.988   1.00 56.33  ? 29  PHE A C   1 
ATOM   210  O  O   . PHE A 1 29  ? -26.513 -0.167  6.080   1.00 55.19  ? 29  PHE A O   1 
ATOM   211  C  CB  . PHE A 1 29  ? -24.800 -0.950  8.221   1.00 55.31  ? 29  PHE A CB  1 
ATOM   212  C  CG  . PHE A 1 29  ? -24.096 -1.564  9.370   1.00 58.36  ? 29  PHE A CG  1 
ATOM   213  C  CD1 . PHE A 1 29  ? -22.845 -2.144  9.199   1.00 60.24  ? 29  PHE A CD1 1 
ATOM   214  C  CD2 . PHE A 1 29  ? -24.679 -1.570  10.633  1.00 59.46  ? 29  PHE A CD2 1 
ATOM   215  C  CE1 . PHE A 1 29  ? -22.174 -2.726  10.277  1.00 61.98  ? 29  PHE A CE1 1 
ATOM   216  C  CE2 . PHE A 1 29  ? -24.023 -2.149  11.723  1.00 60.61  ? 29  PHE A CE2 1 
ATOM   217  C  CZ  . PHE A 1 29  ? -22.764 -2.730  11.545  1.00 62.34  ? 29  PHE A CZ  1 
ATOM   218  N  N   . LYS A 1 30  ? -25.416 -1.676  4.822   1.00 56.69  ? 30  LYS A N   1 
ATOM   219  C  CA  . LYS A 1 30  ? -25.688 -0.999  3.562   1.00 57.72  ? 30  LYS A CA  1 
ATOM   220  C  C   . LYS A 1 30  ? -25.522 0.512   3.692   1.00 57.09  ? 30  LYS A C   1 
ATOM   221  O  O   . LYS A 1 30  ? -26.378 1.290   3.294   1.00 56.16  ? 30  LYS A O   1 
ATOM   222  C  CB  . LYS A 1 30  ? -27.076 -1.335  2.994   1.00 59.41  ? 30  LYS A CB  1 
ATOM   223  C  CG  . LYS A 1 30  ? -28.264 -0.955  3.845   1.00 62.40  ? 30  LYS A CG  1 
ATOM   224  C  CD  . LYS A 1 30  ? -28.926 -2.211  4.409   1.00 66.34  ? 30  LYS A CD  1 
ATOM   225  C  CE  . LYS A 1 30  ? -29.083 -3.280  3.330   1.00 64.36  ? 30  LYS A CE  1 
ATOM   226  N  NZ  . LYS A 1 30  ? -29.658 -2.673  2.101   1.00 63.62  ? 30  LYS A NZ  1 
ATOM   227  N  N   . GLN A 1 31  ? -24.391 0.911   4.261   1.00 58.06  ? 31  GLN A N   1 
ATOM   228  C  CA  . GLN A 1 31  ? -24.048 2.314   4.440   1.00 59.00  ? 31  GLN A CA  1 
ATOM   229  C  C   . GLN A 1 31  ? -22.894 2.682   3.519   1.00 59.44  ? 31  GLN A C   1 
ATOM   230  O  O   . GLN A 1 31  ? -22.464 1.885   2.688   1.00 60.67  ? 31  GLN A O   1 
ATOM   231  C  CB  . GLN A 1 31  ? -23.631 2.574   5.881   1.00 59.85  ? 31  GLN A CB  1 
ATOM   232  C  CG  . GLN A 1 31  ? -24.712 3.211   6.717   1.00 61.92  ? 31  GLN A CG  1 
ATOM   233  C  CD  . GLN A 1 31  ? -24.272 3.414   8.147   1.00 62.44  ? 31  GLN A CD  1 
ATOM   234  O  OE1 . GLN A 1 31  ? -23.128 3.792   8.405   1.00 63.94  ? 31  GLN A OE1 1 
ATOM   235  N  NE2 . GLN A 1 31  ? -25.181 3.183   9.087   1.00 63.51  ? 31  GLN A NE2 1 
ATOM   236  N  N   . THR A 1 32  ? -22.372 3.889   3.681   1.00 59.46  ? 32  THR A N   1 
ATOM   237  C  CA  . THR A 1 32  ? -21.268 4.351   2.845   1.00 58.65  ? 32  THR A CA  1 
ATOM   238  C  C   . THR A 1 32  ? -20.702 5.653   3.411   1.00 58.66  ? 32  THR A C   1 
ATOM   239  O  O   . THR A 1 32  ? -21.447 6.560   3.777   1.00 58.58  ? 32  THR A O   1 
ATOM   240  C  CB  . THR A 1 32  ? -21.750 4.588   1.376   1.00 58.17  ? 32  THR A CB  1 
ATOM   241  O  OG1 . THR A 1 32  ? -20.769 5.341   0.672   1.00 59.78  ? 32  THR A OG1 1 
ATOM   242  C  CG2 . THR A 1 32  ? -23.066 5.367   1.330   1.00 59.28  ? 32  THR A CG2 1 
ATOM   243  N  N   . GLU A 1 33  ? -19.386 5.736   3.517   1.00 58.96  ? 33  GLU A N   1 
ATOM   244  C  CA  . GLU A 1 33  ? -18.768 6.952   4.013   1.00 61.03  ? 33  GLU A CA  1 
ATOM   245  C  C   . GLU A 1 33  ? -17.627 7.308   3.082   1.00 60.36  ? 33  GLU A C   1 
ATOM   246  O  O   . GLU A 1 33  ? -16.859 6.441   2.684   1.00 61.83  ? 33  GLU A O   1 
ATOM   247  C  CB  . GLU A 1 33  ? -18.251 6.766   5.444   1.00 64.26  ? 33  GLU A CB  1 
ATOM   248  C  CG  . GLU A 1 33  ? -17.368 5.547   5.644   1.00 71.18  ? 33  GLU A CG  1 
ATOM   249  C  CD  . GLU A 1 33  ? -16.731 5.501   7.028   1.00 74.10  ? 33  GLU A CD  1 
ATOM   250  O  OE1 . GLU A 1 33  ? -16.096 4.475   7.366   1.00 75.11  ? 33  GLU A OE1 1 
ATOM   251  O  OE2 . GLU A 1 33  ? -16.864 6.496   7.776   1.00 76.34  ? 33  GLU A OE2 1 
ATOM   252  N  N   . SER A 1 34  ? -17.523 8.578   2.717   1.00 59.68  ? 34  SER A N   1 
ATOM   253  C  CA  . SER A 1 34  ? -16.459 9.001   1.824   1.00 59.57  ? 34  SER A CA  1 
ATOM   254  C  C   . SER A 1 34  ? -15.617 10.071  2.504   1.00 59.55  ? 34  SER A C   1 
ATOM   255  O  O   . SER A 1 34  ? -16.063 10.680  3.474   1.00 59.81  ? 34  SER A O   1 
ATOM   256  C  CB  . SER A 1 34  ? -17.061 9.535   0.531   1.00 58.99  ? 34  SER A CB  1 
ATOM   257  O  OG  . SER A 1 34  ? -18.039 8.628   0.052   1.00 61.10  ? 34  SER A OG  1 
ATOM   258  N  N   . GLY A 1 35  ? -14.398 10.289  2.013   1.00 59.32  ? 35  GLY A N   1 
ATOM   259  C  CA  . GLY A 1 35  ? -13.529 11.292  2.607   1.00 58.11  ? 35  GLY A CA  1 
ATOM   260  C  C   . GLY A 1 35  ? -12.349 11.674  1.740   1.00 58.44  ? 35  GLY A C   1 
ATOM   261  O  O   . GLY A 1 35  ? -11.725 10.812  1.132   1.00 59.61  ? 35  GLY A O   1 
ATOM   262  N  N   . LYS A 1 36  ? -12.039 12.964  1.672   1.00 58.71  ? 36  LYS A N   1 
ATOM   263  C  CA  . LYS A 1 36  ? -10.915 13.431  0.862   1.00 59.83  ? 36  LYS A CA  1 
ATOM   264  C  C   . LYS A 1 36  ? -9.641  13.439  1.699   1.00 59.83  ? 36  LYS A C   1 
ATOM   265  O  O   . LYS A 1 36  ? -9.686  13.427  2.925   1.00 60.62  ? 36  LYS A O   1 
ATOM   266  C  CB  . LYS A 1 36  ? -11.197 14.832  0.321   1.00 63.06  ? 36  LYS A CB  1 
ATOM   267  C  CG  . LYS A 1 36  ? -12.524 14.930  -0.420  1.00 66.89  ? 36  LYS A CG  1 
ATOM   268  C  CD  . LYS A 1 36  ? -12.726 16.297  -1.043  1.00 70.49  ? 36  LYS A CD  1 
ATOM   269  C  CE  . LYS A 1 36  ? -13.987 16.332  -1.908  1.00 72.89  ? 36  LYS A CE  1 
ATOM   270  N  NZ  . LYS A 1 36  ? -14.074 17.610  -2.677  1.00 75.76  ? 36  LYS A NZ  1 
ATOM   271  N  N   . SER A 1 37  ? -8.493  13.474  1.044   1.00 59.79  ? 37  SER A N   1 
ATOM   272  C  CA  . SER A 1 37  ? -7.251  13.432  1.786   1.00 59.91  ? 37  SER A CA  1 
ATOM   273  C  C   . SER A 1 37  ? -6.068  13.759  0.890   1.00 61.86  ? 37  SER A C   1 
ATOM   274  O  O   . SER A 1 37  ? -6.177  13.677  -0.328  1.00 62.65  ? 37  SER A O   1 
ATOM   275  C  CB  . SER A 1 37  ? -7.114  12.031  2.395   1.00 58.08  ? 37  SER A CB  1 
ATOM   276  O  OG  . SER A 1 37  ? -5.776  11.716  2.711   1.00 58.45  ? 37  SER A OG  1 
ATOM   277  N  N   . GLN A 1 38  ? -4.949  14.155  1.488   1.00 64.82  ? 38  GLN A N   1 
ATOM   278  C  CA  . GLN A 1 38  ? -3.751  14.466  0.714   1.00 67.70  ? 38  GLN A CA  1 
ATOM   279  C  C   . GLN A 1 38  ? -2.764  13.356  1.003   1.00 68.58  ? 38  GLN A C   1 
ATOM   280  O  O   . GLN A 1 38  ? -2.748  12.821  2.106   1.00 69.52  ? 38  GLN A O   1 
ATOM   281  C  CB  . GLN A 1 38  ? -3.170  15.818  1.124   1.00 70.19  ? 38  GLN A CB  1 
ATOM   282  C  CG  . GLN A 1 38  ? -4.155  16.955  0.941   1.00 75.57  ? 38  GLN A CG  1 
ATOM   283  C  CD  . GLN A 1 38  ? -4.649  17.057  -0.497  1.00 79.32  ? 38  GLN A CD  1 
ATOM   284  O  OE1 . GLN A 1 38  ? -5.748  17.572  -0.760  1.00 80.28  ? 38  GLN A OE1 1 
ATOM   285  N  NE2 . GLN A 1 38  ? -3.836  16.573  -1.438  1.00 79.36  ? 38  GLN A NE2 1 
ATOM   286  N  N   . LEU A 1 39  ? -1.945  13.005  0.019   1.00 69.48  ? 39  LEU A N   1 
ATOM   287  C  CA  . LEU A 1 39  ? -0.993  11.922  0.192   1.00 69.67  ? 39  LEU A CA  1 
ATOM   288  C  C   . LEU A 1 39  ? 0.372   12.276  -0.370  1.00 70.19  ? 39  LEU A C   1 
ATOM   289  O  O   . LEU A 1 39  ? 0.482   12.846  -1.453  1.00 70.30  ? 39  LEU A O   1 
ATOM   290  C  CB  . LEU A 1 39  ? -1.508  10.669  -0.511  1.00 70.95  ? 39  LEU A CB  1 
ATOM   291  C  CG  . LEU A 1 39  ? -1.298  9.341   0.215   1.00 71.80  ? 39  LEU A CG  1 
ATOM   292  C  CD1 . LEU A 1 39  ? -2.590  8.975   0.937   1.00 70.91  ? 39  LEU A CD1 1 
ATOM   293  C  CD2 . LEU A 1 39  ? -0.917  8.251   -0.778  1.00 71.96  ? 39  LEU A CD2 1 
ATOM   294  N  N   . THR A 1 40  ? 1.414   11.917  0.365   1.00 70.75  ? 40  THR A N   1 
ATOM   295  C  CA  . THR A 1 40  ? 2.770   12.197  -0.069  1.00 71.71  ? 40  THR A CA  1 
ATOM   296  C  C   . THR A 1 40  ? 3.574   10.909  0.022   1.00 72.01  ? 40  THR A C   1 
ATOM   297  O  O   . THR A 1 40  ? 3.828   10.395  1.108   1.00 72.72  ? 40  THR A O   1 
ATOM   298  C  CB  . THR A 1 40  ? 3.414   13.288  0.814   1.00 72.23  ? 40  THR A CB  1 
ATOM   299  O  OG1 . THR A 1 40  ? 2.539   14.423  0.877   1.00 73.03  ? 40  THR A OG1 1 
ATOM   300  C  CG2 . THR A 1 40  ? 4.748   13.727  0.235   1.00 70.07  ? 40  THR A CG2 1 
ATOM   301  N  N   . ILE A 1 41  ? 3.959   10.386  -1.134  1.00 72.68  ? 41  ILE A N   1 
ATOM   302  C  CA  . ILE A 1 41  ? 4.721   9.150   -1.199  1.00 73.17  ? 41  ILE A CA  1 
ATOM   303  C  C   . ILE A 1 41  ? 6.132   9.437   -1.685  1.00 75.21  ? 41  ILE A C   1 
ATOM   304  O  O   . ILE A 1 41  ? 6.327   9.844   -2.835  1.00 74.96  ? 41  ILE A O   1 
ATOM   305  C  CB  . ILE A 1 41  ? 4.059   8.133   -2.180  1.00 72.39  ? 41  ILE A CB  1 
ATOM   306  C  CG1 . ILE A 1 41  ? 2.598   7.897   -1.786  1.00 71.46  ? 41  ILE A CG1 1 
ATOM   307  C  CG2 . ILE A 1 41  ? 4.815   6.819   -2.174  1.00 69.92  ? 41  ILE A CG2 1 
ATOM   308  C  CD1 . ILE A 1 41  ? 1.908   6.835   -2.606  1.00 70.24  ? 41  ILE A CD1 1 
ATOM   309  N  N   . GLU A 1 42  ? 7.111   9.246   -0.806  1.00 77.51  ? 42  GLU A N   1 
ATOM   310  C  CA  . GLU A 1 42  ? 8.508   9.448   -1.180  1.00 80.15  ? 42  GLU A CA  1 
ATOM   311  C  C   . GLU A 1 42  ? 9.240   8.115   -1.090  1.00 80.76  ? 42  GLU A C   1 
ATOM   312  O  O   . GLU A 1 42  ? 9.197   7.437   -0.063  1.00 80.64  ? 42  GLU A O   1 
ATOM   313  C  CB  . GLU A 1 42  ? 9.181   10.495  -0.282  1.00 81.36  ? 42  GLU A CB  1 
ATOM   314  C  CG  . GLU A 1 42  ? 9.053   10.248  1.209   1.00 84.88  ? 42  GLU A CG  1 
ATOM   315  C  CD  . GLU A 1 42  ? 9.902   11.204  2.048   1.00 85.96  ? 42  GLU A CD  1 
ATOM   316  O  OE1 . GLU A 1 42  ? 11.150  11.133  1.947   1.00 83.57  ? 42  GLU A OE1 1 
ATOM   317  O  OE2 . GLU A 1 42  ? 9.315   12.020  2.809   1.00 86.63  ? 42  GLU A OE2 1 
ATOM   318  N  N   . LEU A 1 43  ? 9.885   7.732   -2.187  1.00 82.60  ? 43  LEU A N   1 
ATOM   319  C  CA  . LEU A 1 43  ? 10.619  6.478   -2.253  1.00 83.92  ? 43  LEU A CA  1 
ATOM   320  C  C   . LEU A 1 43  ? 11.911  6.610   -1.464  1.00 84.70  ? 43  LEU A C   1 
ATOM   321  O  O   . LEU A 1 43  ? 12.635  7.595   -1.601  1.00 84.74  ? 43  LEU A O   1 
ATOM   322  C  CB  . LEU A 1 43  ? 10.928  6.116   -3.715  1.00 83.75  ? 43  LEU A CB  1 
ATOM   323  C  CG  . LEU A 1 43  ? 11.627  4.768   -3.939  1.00 84.87  ? 43  LEU A CG  1 
ATOM   324  C  CD1 . LEU A 1 43  ? 10.838  3.909   -4.913  1.00 84.90  ? 43  LEU A CD1 1 
ATOM   325  C  CD2 . LEU A 1 43  ? 13.027  5.005   -4.462  1.00 85.47  ? 43  LEU A CD2 1 
ATOM   326  N  N   . LEU A 1 44  ? 12.185  5.621   -0.621  1.00 85.51  ? 44  LEU A N   1 
ATOM   327  C  CA  . LEU A 1 44  ? 13.394  5.632   0.186   1.00 86.69  ? 44  LEU A CA  1 
ATOM   328  C  C   . LEU A 1 44  ? 14.352  4.581   -0.354  1.00 88.51  ? 44  LEU A C   1 
ATOM   329  O  O   . LEU A 1 44  ? 13.920  3.550   -0.875  1.00 88.94  ? 44  LEU A O   1 
ATOM   330  C  CB  . LEU A 1 44  ? 13.053  5.335   1.649   1.00 85.03  ? 44  LEU A CB  1 
ATOM   331  C  CG  . LEU A 1 44  ? 11.928  6.184   2.248   1.00 83.93  ? 44  LEU A CG  1 
ATOM   332  C  CD1 . LEU A 1 44  ? 11.748  5.843   3.723   1.00 83.41  ? 44  LEU A CD1 1 
ATOM   333  C  CD2 . LEU A 1 44  ? 12.253  7.656   2.082   1.00 83.88  ? 44  LEU A CD2 1 
ATOM   334  N  N   . SER A 1 45  ? 15.650  4.851   -0.243  1.00 90.68  ? 45  SER A N   1 
ATOM   335  C  CA  . SER A 1 45  ? 16.667  3.919   -0.720  1.00 92.63  ? 45  SER A CA  1 
ATOM   336  C  C   . SER A 1 45  ? 16.997  2.914   0.379   1.00 93.69  ? 45  SER A C   1 
ATOM   337  O  O   . SER A 1 45  ? 16.815  3.205   1.562   1.00 93.44  ? 45  SER A O   1 
ATOM   338  C  CB  . SER A 1 45  ? 17.931  4.677   -1.140  1.00 93.09  ? 45  SER A CB  1 
ATOM   339  O  OG  . SER A 1 45  ? 18.474  5.409   -0.055  1.00 93.84  ? 45  SER A OG  1 
ATOM   340  N  N   . VAL A 1 46  ? 17.473  1.733   -0.009  1.00 95.20  ? 46  VAL A N   1 
ATOM   341  C  CA  . VAL A 1 46  ? 17.803  0.696   0.965   1.00 96.95  ? 46  VAL A CA  1 
ATOM   342  C  C   . VAL A 1 46  ? 18.783  1.219   2.004   1.00 98.83  ? 46  VAL A C   1 
ATOM   343  O  O   . VAL A 1 46  ? 18.867  0.703   3.125   1.00 99.03  ? 46  VAL A O   1 
ATOM   344  C  CB  . VAL A 1 46  ? 18.429  -0.530  0.291   1.00 96.19  ? 46  VAL A CB  1 
ATOM   345  C  CG1 . VAL A 1 46  ? 18.485  -1.678  1.284   1.00 96.33  ? 46  VAL A CG1 1 
ATOM   346  C  CG2 . VAL A 1 46  ? 17.635  -0.908  -0.942  1.00 95.85  ? 46  VAL A CG2 1 
ATOM   347  N  N   . ASP A 1 47  ? 19.525  2.249   1.607   1.00 100.81 ? 47  ASP A N   1 
ATOM   348  C  CA  . ASP A 1 47  ? 20.517  2.897   2.460   1.00 102.38 ? 47  ASP A CA  1 
ATOM   349  C  C   . ASP A 1 47  ? 19.813  3.671   3.584   1.00 102.88 ? 47  ASP A C   1 
ATOM   350  O  O   . ASP A 1 47  ? 20.282  3.691   4.722   1.00 103.59 ? 47  ASP A O   1 
ATOM   351  C  CB  . ASP A 1 47  ? 21.377  3.868   1.625   1.00 103.37 ? 47  ASP A CB  1 
ATOM   352  C  CG  . ASP A 1 47  ? 22.113  3.176   0.470   1.00 104.52 ? 47  ASP A CG  1 
ATOM   353  O  OD1 . ASP A 1 47  ? 22.703  3.887   -0.377  1.00 103.55 ? 47  ASP A OD1 1 
ATOM   354  O  OD2 . ASP A 1 47  ? 22.112  1.924   0.413   1.00 105.29 ? 47  ASP A OD2 1 
ATOM   355  N  N   . ASP A 1 48  ? 18.681  4.298   3.260   1.00 102.83 ? 48  ASP A N   1 
ATOM   356  C  CA  . ASP A 1 48  ? 17.921  5.089   4.233   1.00 102.22 ? 48  ASP A CA  1 
ATOM   357  C  C   . ASP A 1 48  ? 17.803  4.406   5.601   1.00 101.33 ? 48  ASP A C   1 
ATOM   358  O  O   . ASP A 1 48  ? 17.463  3.226   5.694   1.00 101.20 ? 48  ASP A O   1 
ATOM   359  C  CB  . ASP A 1 48  ? 16.526  5.404   3.684   1.00 102.91 ? 48  ASP A CB  1 
ATOM   360  C  CG  . ASP A 1 48  ? 15.818  6.492   4.476   1.00 104.05 ? 48  ASP A CG  1 
ATOM   361  O  OD1 . ASP A 1 48  ? 15.524  6.270   5.676   1.00 104.45 ? 48  ASP A OD1 1 
ATOM   362  O  OD2 . ASP A 1 48  ? 15.559  7.576   3.900   1.00 103.72 ? 48  ASP A OD2 1 
ATOM   363  N  N   . PRO A 1 49  ? 18.078  5.153   6.683   1.00 100.53 ? 49  PRO A N   1 
ATOM   364  C  CA  . PRO A 1 49  ? 18.014  4.639   8.057   1.00 99.52  ? 49  PRO A CA  1 
ATOM   365  C  C   . PRO A 1 49  ? 16.636  4.139   8.474   1.00 98.49  ? 49  PRO A C   1 
ATOM   366  O  O   . PRO A 1 49  ? 16.520  3.228   9.303   1.00 98.52  ? 49  PRO A O   1 
ATOM   367  C  CB  . PRO A 1 49  ? 18.465  5.834   8.888   1.00 99.74  ? 49  PRO A CB  1 
ATOM   368  C  CG  . PRO A 1 49  ? 17.985  7.001   8.074   1.00 99.99  ? 49  PRO A CG  1 
ATOM   369  C  CD  . PRO A 1 49  ? 18.400  6.592   6.685   1.00 100.04 ? 49  PRO A CD  1 
ATOM   370  N  N   . ALA A 1 50  ? 15.597  4.741   7.901   1.00 96.79  ? 50  ALA A N   1 
ATOM   371  C  CA  . ALA A 1 50  ? 14.226  4.354   8.208   1.00 94.88  ? 50  ALA A CA  1 
ATOM   372  C  C   . ALA A 1 50  ? 13.992  2.906   7.778   1.00 93.64  ? 50  ALA A C   1 
ATOM   373  O  O   . ALA A 1 50  ? 13.366  2.122   8.499   1.00 92.22  ? 50  ALA A O   1 
ATOM   374  C  CB  . ALA A 1 50  ? 13.256  5.288   7.504   1.00 93.56  ? 50  ALA A CB  1 
ATOM   375  N  N   . VAL A 1 51  ? 14.515  2.563   6.602   1.00 92.56  ? 51  VAL A N   1 
ATOM   376  C  CA  . VAL A 1 51  ? 14.392  1.218   6.051   1.00 92.14  ? 51  VAL A CA  1 
ATOM   377  C  C   . VAL A 1 51  ? 15.097  0.214   6.958   1.00 92.66  ? 51  VAL A C   1 
ATOM   378  O  O   . VAL A 1 51  ? 14.492  -0.753  7.431   1.00 92.64  ? 51  VAL A O   1 
ATOM   379  C  CB  . VAL A 1 51  ? 15.023  1.139   4.637   1.00 91.54  ? 51  VAL A CB  1 
ATOM   380  C  CG1 . VAL A 1 51  ? 14.911  -0.275  4.082   1.00 90.63  ? 51  VAL A CG1 1 
ATOM   381  C  CG2 . VAL A 1 51  ? 14.343  2.132   3.709   1.00 91.16  ? 51  VAL A CG2 1 
ATOM   382  N  N   . ILE A 1 52  ? 16.381  0.462   7.192   1.00 93.00  ? 52  ILE A N   1 
ATOM   383  C  CA  . ILE A 1 52  ? 17.219  -0.387  8.035   1.00 92.72  ? 52  ILE A CA  1 
ATOM   384  C  C   . ILE A 1 52  ? 16.534  -0.665  9.372   1.00 91.93  ? 52  ILE A C   1 
ATOM   385  O  O   . ILE A 1 52  ? 16.407  -1.817  9.794   1.00 90.16  ? 52  ILE A O   1 
ATOM   386  C  CB  . ILE A 1 52  ? 18.576  0.300   8.308   1.00 93.15  ? 52  ILE A CB  1 
ATOM   387  C  CG1 . ILE A 1 52  ? 19.169  0.825   6.999   1.00 92.87  ? 52  ILE A CG1 1 
ATOM   388  C  CG2 . ILE A 1 52  ? 19.549  -0.691  8.927   1.00 94.10  ? 52  ILE A CG2 1 
ATOM   389  C  CD1 . ILE A 1 52  ? 20.330  1.760   7.204   1.00 91.68  ? 52  ILE A CD1 1 
ATOM   390  N  N   . ALA A 1 53  ? 16.095  0.412   10.019  1.00 92.11  ? 53  ALA A N   1 
ATOM   391  C  CA  . ALA A 1 53  ? 15.422  0.341   11.308  1.00 93.38  ? 53  ALA A CA  1 
ATOM   392  C  C   . ALA A 1 53  ? 14.255  -0.630  11.281  1.00 94.33  ? 53  ALA A C   1 
ATOM   393  O  O   . ALA A 1 53  ? 14.100  -1.453  12.186  1.00 94.57  ? 53  ALA A O   1 
ATOM   394  C  CB  . ALA A 1 53  ? 14.928  1.718   11.712  1.00 93.24  ? 53  ALA A CB  1 
ATOM   395  N  N   . LEU A 1 54  ? 13.434  -0.524  10.239  1.00 95.04  ? 54  LEU A N   1 
ATOM   396  C  CA  . LEU A 1 54  ? 12.270  -1.388  10.098  1.00 95.21  ? 54  LEU A CA  1 
ATOM   397  C  C   . LEU A 1 54  ? 12.672  -2.837  9.876   1.00 95.36  ? 54  LEU A C   1 
ATOM   398  O  O   . LEU A 1 54  ? 12.068  -3.742  10.444  1.00 95.01  ? 54  LEU A O   1 
ATOM   399  C  CB  . LEU A 1 54  ? 11.390  -0.923  8.937   1.00 95.24  ? 54  LEU A CB  1 
ATOM   400  C  CG  . LEU A 1 54  ? 9.910   -0.661  9.251   1.00 94.95  ? 54  LEU A CG  1 
ATOM   401  C  CD1 . LEU A 1 54  ? 9.172   -0.380  7.951   1.00 95.42  ? 54  LEU A CD1 1 
ATOM   402  C  CD2 . LEU A 1 54  ? 9.292   -1.852  9.954   1.00 93.94  ? 54  LEU A CD2 1 
ATOM   403  N  N   . CYS A 1 55  ? 13.691  -3.060  9.055   1.00 95.89  ? 55  CYS A N   1 
ATOM   404  C  CA  . CYS A 1 55  ? 14.132  -4.419  8.790   1.00 97.57  ? 55  CYS A CA  1 
ATOM   405  C  C   . CYS A 1 55  ? 14.515  -5.122  10.076  1.00 98.65  ? 55  CYS A C   1 
ATOM   406  O  O   . CYS A 1 55  ? 13.897  -6.116  10.461  1.00 99.06  ? 55  CYS A O   1 
ATOM   407  C  CB  . CYS A 1 55  ? 15.318  -4.414  7.840   1.00 98.09  ? 55  CYS A CB  1 
ATOM   408  S  SG  . CYS A 1 55  ? 14.910  -3.728  6.238   1.00 100.33 ? 55  CYS A SG  1 
ATOM   409  N  N   . GLN A 1 56  ? 15.538  -4.606  10.745  1.00 99.41  ? 56  GLN A N   1 
ATOM   410  C  CA  . GLN A 1 56  ? 15.981  -5.204  11.997  1.00 99.57  ? 56  GLN A CA  1 
ATOM   411  C  C   . GLN A 1 56  ? 14.817  -5.230  12.978  1.00 99.33  ? 56  GLN A C   1 
ATOM   412  O  O   . GLN A 1 56  ? 14.693  -6.146  13.793  1.00 98.98  ? 56  GLN A O   1 
ATOM   413  C  CB  . GLN A 1 56  ? 17.146  -4.404  12.576  1.00 99.84  ? 56  GLN A CB  1 
ATOM   414  C  CG  . GLN A 1 56  ? 16.896  -2.916  12.622  1.00 99.16  ? 56  GLN A CG  1 
ATOM   415  C  CD  . GLN A 1 56  ? 18.104  -2.159  13.117  1.00 98.22  ? 56  GLN A CD  1 
ATOM   416  O  OE1 . GLN A 1 56  ? 19.198  -2.278  12.561  1.00 96.69  ? 56  GLN A OE1 1 
ATOM   417  N  NE2 . GLN A 1 56  ? 17.913  -1.367  14.161  1.00 97.88  ? 56  GLN A NE2 1 
ATOM   418  N  N   . GLN A 1 57  ? 13.964  -4.217  12.885  1.00 99.02  ? 57  GLN A N   1 
ATOM   419  C  CA  . GLN A 1 57  ? 12.798  -4.124  13.743  1.00 99.19  ? 57  GLN A CA  1 
ATOM   420  C  C   . GLN A 1 57  ? 12.001  -5.415  13.551  1.00 99.22  ? 57  GLN A C   1 
ATOM   421  O  O   . GLN A 1 57  ? 11.577  -6.049  14.516  1.00 98.50  ? 57  GLN A O   1 
ATOM   422  C  CB  . GLN A 1 57  ? 11.973  -2.901  13.343  1.00 99.35  ? 57  GLN A CB  1 
ATOM   423  C  CG  . GLN A 1 57  ? 11.124  -2.313  14.445  1.00 100.45 ? 57  GLN A CG  1 
ATOM   424  C  CD  . GLN A 1 57  ? 9.773   -2.974  14.554  1.00 100.77 ? 57  GLN A CD  1 
ATOM   425  O  OE1 . GLN A 1 57  ? 9.665   -4.143  14.925  1.00 101.37 ? 57  GLN A OE1 1 
ATOM   426  N  NE2 . GLN A 1 57  ? 8.727   -2.229  14.213  1.00 100.67 ? 57  GLN A NE2 1 
ATOM   427  N  N   . TYR A 1 58  ? 11.814  -5.809  12.296  1.00 99.71  ? 58  TYR A N   1 
ATOM   428  C  CA  . TYR A 1 58  ? 11.096  -7.040  11.985  1.00 100.87 ? 58  TYR A CA  1 
ATOM   429  C  C   . TYR A 1 58  ? 12.065  -8.208  11.998  1.00 102.15 ? 58  TYR A C   1 
ATOM   430  O  O   . TYR A 1 58  ? 11.756  -9.297  11.509  1.00 101.05 ? 58  TYR A O   1 
ATOM   431  C  CB  . TYR A 1 58  ? 10.432  -6.963  10.605  1.00 100.05 ? 58  TYR A CB  1 
ATOM   432  C  CG  . TYR A 1 58  ? 9.033   -6.387  10.607  1.00 99.19  ? 58  TYR A CG  1 
ATOM   433  C  CD1 . TYR A 1 58  ? 8.813   -5.034  10.871  1.00 99.03  ? 58  TYR A CD1 1 
ATOM   434  C  CD2 . TYR A 1 58  ? 7.926   -7.197  10.337  1.00 98.32  ? 58  TYR A CD2 1 
ATOM   435  C  CE1 . TYR A 1 58  ? 7.528   -4.499  10.863  1.00 98.25  ? 58  TYR A CE1 1 
ATOM   436  C  CE2 . TYR A 1 58  ? 6.635   -6.672  10.331  1.00 97.79  ? 58  TYR A CE2 1 
ATOM   437  C  CZ  . TYR A 1 58  ? 6.446   -5.320  10.592  1.00 97.89  ? 58  TYR A CZ  1 
ATOM   438  O  OH  . TYR A 1 58  ? 5.183   -4.779  10.567  1.00 97.69  ? 58  TYR A OH  1 
ATOM   439  N  N   . ASP A 1 59  ? 13.247  -7.974  12.555  1.00 104.20 ? 59  ASP A N   1 
ATOM   440  C  CA  . ASP A 1 59  ? 14.261  -9.014  12.617  1.00 106.42 ? 59  ASP A CA  1 
ATOM   441  C  C   . ASP A 1 59  ? 14.572  -9.438  11.180  1.00 107.05 ? 59  ASP A C   1 
ATOM   442  O  O   . ASP A 1 59  ? 14.485  -10.616 10.832  1.00 106.77 ? 59  ASP A O   1 
ATOM   443  C  CB  . ASP A 1 59  ? 13.731  -10.201 13.431  1.00 107.18 ? 59  ASP A CB  1 
ATOM   444  C  CG  . ASP A 1 59  ? 14.835  -11.101 13.936  1.00 108.50 ? 59  ASP A CG  1 
ATOM   445  O  OD1 . ASP A 1 59  ? 15.626  -11.593 13.099  1.00 109.54 ? 59  ASP A OD1 1 
ATOM   446  O  OD2 . ASP A 1 59  ? 14.909  -11.316 15.170  1.00 107.85 ? 59  ASP A OD2 1 
HETATM 447  N  N   . MSE A 1 60  ? 14.928  -8.457  10.354  1.00 108.24 ? 60  MSE A N   1 
HETATM 448  C  CA  . MSE A 1 60  ? 15.241  -8.693  8.950   1.00 109.28 ? 60  MSE A CA  1 
HETATM 449  C  C   . MSE A 1 60  ? 16.565  -8.040  8.575   1.00 107.94 ? 60  MSE A C   1 
HETATM 450  O  O   . MSE A 1 60  ? 16.993  -7.066  9.198   1.00 107.46 ? 60  MSE A O   1 
HETATM 451  C  CB  . MSE A 1 60  ? 14.140  -8.111  8.066   1.00 113.11 ? 60  MSE A CB  1 
HETATM 452  C  CG  . MSE A 1 60  ? 13.758  -8.979  6.879   1.00 119.06 ? 60  MSE A CG  1 
HETATM 453  SE SE  . MSE A 1 60  ? 12.652  -10.496 7.396   1.00 127.39 ? 60  MSE A SE  1 
HETATM 454  C  CE  . MSE A 1 60  ? 10.995  -9.546  7.722   1.00 124.50 ? 60  MSE A CE  1 
ATOM   455  N  N   . ASP A 1 61  ? 17.204  -8.573  7.540   1.00 106.37 ? 61  ASP A N   1 
ATOM   456  C  CA  . ASP A 1 61  ? 18.478  -8.048  7.069   1.00 105.09 ? 61  ASP A CA  1 
ATOM   457  C  C   . ASP A 1 61  ? 18.273  -7.021  5.950   1.00 103.96 ? 61  ASP A C   1 
ATOM   458  O  O   . ASP A 1 61  ? 17.691  -7.338  4.914   1.00 104.22 ? 61  ASP A O   1 
ATOM   459  C  CB  . ASP A 1 61  ? 19.346  -9.199  6.554   1.00 105.42 ? 61  ASP A CB  1 
ATOM   460  C  CG  . ASP A 1 61  ? 20.661  -8.720  5.976   1.00 105.83 ? 61  ASP A CG  1 
ATOM   461  O  OD1 . ASP A 1 61  ? 21.334  -9.518  5.287   1.00 105.72 ? 61  ASP A OD1 1 
ATOM   462  O  OD2 . ASP A 1 61  ? 21.022  -7.547  6.215   1.00 105.81 ? 61  ASP A OD2 1 
ATOM   463  N  N   . PRO A 1 62  ? 18.753  -5.778  6.147   1.00 102.66 ? 62  PRO A N   1 
ATOM   464  C  CA  . PRO A 1 62  ? 18.628  -4.699  5.158   1.00 102.03 ? 62  PRO A CA  1 
ATOM   465  C  C   . PRO A 1 62  ? 19.138  -5.064  3.761   1.00 101.48 ? 62  PRO A C   1 
ATOM   466  O  O   . PRO A 1 62  ? 18.887  -4.350  2.786   1.00 101.53 ? 62  PRO A O   1 
ATOM   467  C  CB  . PRO A 1 62  ? 19.431  -3.566  5.789   1.00 101.90 ? 62  PRO A CB  1 
ATOM   468  C  CG  . PRO A 1 62  ? 19.156  -3.759  7.237   1.00 102.06 ? 62  PRO A CG  1 
ATOM   469  C  CD  . PRO A 1 62  ? 19.307  -5.258  7.409   1.00 102.17 ? 62  PRO A CD  1 
ATOM   470  N  N   . ALA A 1 63  ? 19.858  -6.177  3.673   1.00 100.31 ? 63  ALA A N   1 
ATOM   471  C  CA  . ALA A 1 63  ? 20.399  -6.639  2.403   1.00 99.79  ? 63  ALA A CA  1 
ATOM   472  C  C   . ALA A 1 63  ? 19.287  -7.222  1.531   1.00 99.29  ? 63  ALA A C   1 
ATOM   473  O  O   . ALA A 1 63  ? 19.486  -7.497  0.344   1.00 99.57  ? 63  ALA A O   1 
ATOM   474  C  CB  . ALA A 1 63  ? 21.476  -7.693  2.647   1.00 99.47  ? 63  ALA A CB  1 
ATOM   475  N  N   . TRP A 1 64  ? 18.114  -7.412  2.123   1.00 97.68  ? 64  TRP A N   1 
ATOM   476  C  CA  . TRP A 1 64  ? 16.984  -7.958  1.384   1.00 96.39  ? 64  TRP A CA  1 
ATOM   477  C  C   . TRP A 1 64  ? 16.037  -6.861  0.906   1.00 94.04  ? 64  TRP A C   1 
ATOM   478  O  O   . TRP A 1 64  ? 15.374  -7.007  -0.125  1.00 93.99  ? 64  TRP A O   1 
ATOM   479  C  CB  . TRP A 1 64  ? 16.213  -8.946  2.253   1.00 98.55  ? 64  TRP A CB  1 
ATOM   480  C  CG  . TRP A 1 64  ? 16.971  -10.185 2.587   1.00 100.53 ? 64  TRP A CG  1 
ATOM   481  C  CD1 . TRP A 1 64  ? 17.672  -10.979 1.722   1.00 101.08 ? 64  TRP A CD1 1 
ATOM   482  C  CD2 . TRP A 1 64  ? 17.029  -10.831 3.860   1.00 101.41 ? 64  TRP A CD2 1 
ATOM   483  N  NE1 . TRP A 1 64  ? 18.151  -12.082 2.377   1.00 101.41 ? 64  TRP A NE1 1 
ATOM   484  C  CE2 . TRP A 1 64  ? 17.770  -12.018 3.691   1.00 101.73 ? 64  TRP A CE2 1 
ATOM   485  C  CE3 . TRP A 1 64  ? 16.516  -10.528 5.128   1.00 102.10 ? 64  TRP A CE3 1 
ATOM   486  C  CZ2 . TRP A 1 64  ? 18.020  -12.900 4.746   1.00 102.74 ? 64  TRP A CZ2 1 
ATOM   487  C  CZ3 . TRP A 1 64  ? 16.762  -11.403 6.176   1.00 102.40 ? 64  TRP A CZ3 1 
ATOM   488  C  CH2 . TRP A 1 64  ? 17.505  -12.578 5.978   1.00 103.13 ? 64  TRP A CH2 1 
ATOM   489  N  N   . ALA A 1 65  ? 15.980  -5.769  1.662   1.00 90.32  ? 65  ALA A N   1 
ATOM   490  C  CA  . ALA A 1 65  ? 15.120  -4.643  1.327   1.00 87.12  ? 65  ALA A CA  1 
ATOM   491  C  C   . ALA A 1 65  ? 15.451  -4.116  -0.063  1.00 85.14  ? 65  ALA A C   1 
ATOM   492  O  O   . ALA A 1 65  ? 16.576  -3.692  -0.329  1.00 84.48  ? 65  ALA A O   1 
ATOM   493  C  CB  . ALA A 1 65  ? 15.283  -3.537  2.360   1.00 86.66  ? 65  ALA A CB  1 
ATOM   494  N  N   . VAL A 1 66  ? 14.463  -4.142  -0.950  1.00 81.98  ? 66  VAL A N   1 
ATOM   495  C  CA  . VAL A 1 66  ? 14.678  -3.668  -2.300  1.00 79.03  ? 66  VAL A CA  1 
ATOM   496  C  C   . VAL A 1 66  ? 14.451  -2.178  -2.391  1.00 76.97  ? 66  VAL A C   1 
ATOM   497  O  O   . VAL A 1 66  ? 14.942  -1.519  -3.307  1.00 77.73  ? 66  VAL A O   1 
ATOM   498  C  CB  . VAL A 1 66  ? 13.747  -4.349  -3.279  1.00 79.66  ? 66  VAL A CB  1 
ATOM   499  C  CG1 . VAL A 1 66  ? 14.178  -4.028  -4.702  1.00 79.86  ? 66  VAL A CG1 1 
ATOM   500  C  CG2 . VAL A 1 66  ? 13.756  -5.839  -3.029  1.00 81.54  ? 66  VAL A CG2 1 
ATOM   501  N  N   . CYS A 1 67  ? 13.699  -1.648  -1.438  1.00 73.30  ? 67  CYS A N   1 
ATOM   502  C  CA  . CYS A 1 67  ? 13.421  -0.221  -1.401  1.00 70.25  ? 67  CYS A CA  1 
ATOM   503  C  C   . CYS A 1 67  ? 12.454  0.039   -0.277  1.00 68.48  ? 67  CYS A C   1 
ATOM   504  O  O   . CYS A 1 67  ? 12.025  -0.882  0.409   1.00 68.51  ? 67  CYS A O   1 
ATOM   505  C  CB  . CYS A 1 67  ? 12.795  0.245   -2.711  1.00 70.81  ? 67  CYS A CB  1 
ATOM   506  S  SG  . CYS A 1 67  ? 11.194  -0.519  -3.075  1.00 68.70  ? 67  CYS A SG  1 
ATOM   507  N  N   . GLY A 1 68  ? 12.107  1.299   -0.088  1.00 66.72  ? 68  GLY A N   1 
ATOM   508  C  CA  . GLY A 1 68  ? 11.180  1.633   0.967   1.00 65.98  ? 68  GLY A CA  1 
ATOM   509  C  C   . GLY A 1 68  ? 10.309  2.775   0.517   1.00 65.40  ? 68  GLY A C   1 
ATOM   510  O  O   . GLY A 1 68  ? 10.391  3.209   -0.628  1.00 65.60  ? 68  GLY A O   1 
ATOM   511  N  N   . ALA A 1 69  ? 9.472   3.265   1.419   1.00 65.45  ? 69  ALA A N   1 
ATOM   512  C  CA  . ALA A 1 69  ? 8.592   4.380   1.097   1.00 65.42  ? 69  ALA A CA  1 
ATOM   513  C  C   . ALA A 1 69  ? 7.990   4.993   2.356   1.00 65.17  ? 69  ALA A C   1 
ATOM   514  O  O   . ALA A 1 69  ? 7.697   4.289   3.330   1.00 64.45  ? 69  ALA A O   1 
ATOM   515  C  CB  . ALA A 1 69  ? 7.480   3.915   0.156   1.00 64.33  ? 69  ALA A CB  1 
ATOM   516  N  N   . ARG A 1 70  ? 7.830   6.312   2.333   1.00 64.81  ? 70  ARG A N   1 
ATOM   517  C  CA  . ARG A 1 70  ? 7.240   7.028   3.449   1.00 65.86  ? 70  ARG A CA  1 
ATOM   518  C  C   . ARG A 1 70  ? 5.949   7.635   2.940   1.00 65.82  ? 70  ARG A C   1 
ATOM   519  O  O   . ARG A 1 70  ? 5.945   8.514   2.071   1.00 65.98  ? 70  ARG A O   1 
ATOM   520  C  CB  . ARG A 1 70  ? 8.172   8.126   3.979   1.00 67.71  ? 70  ARG A CB  1 
ATOM   521  C  CG  . ARG A 1 70  ? 7.589   8.941   5.145   1.00 71.43  ? 70  ARG A CG  1 
ATOM   522  C  CD  . ARG A 1 70  ? 8.670   9.771   5.847   1.00 74.60  ? 70  ARG A CD  1 
ATOM   523  N  NE  . ARG A 1 70  ? 9.681   8.920   6.476   1.00 77.34  ? 70  ARG A NE  1 
ATOM   524  C  CZ  . ARG A 1 70  ? 10.969  9.240   6.591   1.00 80.22  ? 70  ARG A CZ  1 
ATOM   525  N  NH1 . ARG A 1 70  ? 11.417  10.402  6.118   1.00 80.65  ? 70  ARG A NH1 1 
ATOM   526  N  NH2 . ARG A 1 70  ? 11.819  8.391   7.168   1.00 80.70  ? 70  ARG A NH2 1 
ATOM   527  N  N   . VAL A 1 71  ? 4.849   7.124   3.477   1.00 65.21  ? 71  VAL A N   1 
ATOM   528  C  CA  . VAL A 1 71  ? 3.518   7.564   3.109   1.00 63.87  ? 71  VAL A CA  1 
ATOM   529  C  C   . VAL A 1 71  ? 2.955   8.462   4.198   1.00 64.17  ? 71  VAL A C   1 
ATOM   530  O  O   . VAL A 1 71  ? 2.833   8.065   5.357   1.00 61.76  ? 71  VAL A O   1 
ATOM   531  C  CB  . VAL A 1 71  ? 2.589   6.362   2.919   1.00 62.74  ? 71  VAL A CB  1 
ATOM   532  C  CG1 . VAL A 1 71  ? 1.260   6.826   2.363   1.00 62.69  ? 71  VAL A CG1 1 
ATOM   533  C  CG2 . VAL A 1 71  ? 3.240   5.356   2.001   1.00 61.01  ? 71  VAL A CG2 1 
ATOM   534  N  N   . SER A 1 72  ? 2.616   9.680   3.804   1.00 66.07  ? 72  SER A N   1 
ATOM   535  C  CA  . SER A 1 72  ? 2.074   10.670  4.714   1.00 67.71  ? 72  SER A CA  1 
ATOM   536  C  C   . SER A 1 72  ? 0.729   11.107  4.177   1.00 69.23  ? 72  SER A C   1 
ATOM   537  O  O   . SER A 1 72  ? 0.545   11.232  2.968   1.00 70.66  ? 72  SER A O   1 
ATOM   538  C  CB  . SER A 1 72  ? 3.015   11.870  4.795   1.00 67.50  ? 72  SER A CB  1 
ATOM   539  O  OG  . SER A 1 72  ? 4.319   11.461  5.180   1.00 68.58  ? 72  SER A OG  1 
ATOM   540  N  N   . TRP A 1 73  ? -0.212  11.340  5.078   1.00 70.72  ? 73  TRP A N   1 
ATOM   541  C  CA  . TRP A 1 73  ? -1.539  11.752  4.675   1.00 72.09  ? 73  TRP A CA  1 
ATOM   542  C  C   . TRP A 1 73  ? -2.037  12.911  5.528   1.00 73.69  ? 73  TRP A C   1 
ATOM   543  O  O   . TRP A 1 73  ? -1.341  13.372  6.436   1.00 74.34  ? 73  TRP A O   1 
ATOM   544  C  CB  . TRP A 1 73  ? -2.488  10.566  4.787   1.00 72.87  ? 73  TRP A CB  1 
ATOM   545  C  CG  . TRP A 1 73  ? -2.519  9.964   6.148   1.00 74.05  ? 73  TRP A CG  1 
ATOM   546  C  CD1 . TRP A 1 73  ? -3.440  10.198  7.124   1.00 74.99  ? 73  TRP A CD1 1 
ATOM   547  C  CD2 . TRP A 1 73  ? -1.571  9.043   6.701   1.00 74.15  ? 73  TRP A CD2 1 
ATOM   548  N  NE1 . TRP A 1 73  ? -3.128  9.480   8.255   1.00 76.10  ? 73  TRP A NE1 1 
ATOM   549  C  CE2 . TRP A 1 73  ? -1.984  8.762   8.022   1.00 75.26  ? 73  TRP A CE2 1 
ATOM   550  C  CE3 . TRP A 1 73  ? -0.414  8.427   6.211   1.00 73.83  ? 73  TRP A CE3 1 
ATOM   551  C  CZ2 . TRP A 1 73  ? -1.280  7.887   8.860   1.00 74.88  ? 73  TRP A CZ2 1 
ATOM   552  C  CZ3 . TRP A 1 73  ? 0.286   7.558   7.043   1.00 74.47  ? 73  TRP A CZ3 1 
ATOM   553  C  CH2 . TRP A 1 73  ? -0.150  7.298   8.354   1.00 74.22  ? 73  TRP A CH2 1 
ATOM   554  N  N   . ASP A 1 74  ? -3.253  13.367  5.244   1.00 74.44  ? 74  ASP A N   1 
ATOM   555  C  CA  . ASP A 1 74  ? -3.829  14.485  5.970   1.00 74.26  ? 74  ASP A CA  1 
ATOM   556  C  C   . ASP A 1 74  ? -5.287  14.626  5.560   1.00 74.62  ? 74  ASP A C   1 
ATOM   557  O  O   . ASP A 1 74  ? -5.586  14.825  4.385   1.00 73.19  ? 74  ASP A O   1 
ATOM   558  C  CB  . ASP A 1 74  ? -3.072  15.762  5.608   1.00 74.91  ? 74  ASP A CB  1 
ATOM   559  C  CG  . ASP A 1 74  ? -3.226  16.850  6.649   1.00 74.86  ? 74  ASP A CG  1 
ATOM   560  O  OD1 . ASP A 1 74  ? -4.325  16.976  7.225   1.00 75.19  ? 74  ASP A OD1 1 
ATOM   561  O  OD2 . ASP A 1 74  ? -2.247  17.592  6.875   1.00 75.32  ? 74  ASP A OD2 1 
ATOM   562  N  N   . GLY A 1 75  ? -6.188  14.525  6.530   1.00 76.74  ? 75  GLY A N   1 
ATOM   563  C  CA  . GLY A 1 75  ? -7.608  14.646  6.246   1.00 80.21  ? 75  GLY A CA  1 
ATOM   564  C  C   . GLY A 1 75  ? -8.386  13.510  6.876   1.00 82.86  ? 75  GLY A C   1 
ATOM   565  O  O   . GLY A 1 75  ? -7.836  12.426  7.092   1.00 83.45  ? 75  GLY A O   1 
ATOM   566  N  N   . THR A 1 76  ? -9.661  13.744  7.181   1.00 84.81  ? 76  THR A N   1 
ATOM   567  C  CA  . THR A 1 76  ? -10.486 12.702  7.793   1.00 86.23  ? 76  THR A CA  1 
ATOM   568  C  C   . THR A 1 76  ? -11.619 12.316  6.840   1.00 85.33  ? 76  THR A C   1 
ATOM   569  O  O   . THR A 1 76  ? -11.374 11.670  5.822   1.00 84.25  ? 76  THR A O   1 
ATOM   570  C  CB  . THR A 1 76  ? -11.052 13.161  9.202   1.00 87.19  ? 76  THR A CB  1 
ATOM   571  O  OG1 . THR A 1 76  ? -11.408 12.008  9.981   1.00 87.49  ? 76  THR A OG1 1 
ATOM   572  C  CG2 . THR A 1 76  ? -12.277 14.073  9.044   1.00 86.37  ? 76  THR A CG2 1 
ATOM   573  N  N   . HIS A 1 84  ? -7.820  13.399  11.355  1.00 89.21  ? 84  HIS A N   1 
ATOM   574  C  CA  . HIS A 1 84  ? -6.900  12.269  11.446  1.00 90.29  ? 84  HIS A CA  1 
ATOM   575  C  C   . HIS A 1 84  ? -5.784  12.403  10.410  1.00 89.48  ? 84  HIS A C   1 
ATOM   576  O  O   . HIS A 1 84  ? -6.049  12.733  9.253   1.00 89.98  ? 84  HIS A O   1 
ATOM   577  C  CB  . HIS A 1 84  ? -7.653  10.964  11.202  1.00 91.98  ? 84  HIS A CB  1 
ATOM   578  C  CG  . HIS A 1 84  ? -6.922  9.739   11.672  1.00 94.36  ? 84  HIS A CG  1 
ATOM   579  N  ND1 . HIS A 1 84  ? -6.652  9.496   12.999  1.00 95.00  ? 84  HIS A ND1 1 
ATOM   580  C  CD2 . HIS A 1 84  ? -6.483  8.648   10.992  1.00 95.97  ? 84  HIS A CD2 1 
ATOM   581  C  CE1 . HIS A 1 84  ? -6.086  8.303   13.124  1.00 95.56  ? 84  HIS A CE1 1 
ATOM   582  N  NE2 . HIS A 1 84  ? -5.976  7.771   11.922  1.00 95.56  ? 84  HIS A NE2 1 
ATOM   583  N  N   . GLU A 1 85  ? -4.546  12.142  10.820  1.00 87.79  ? 85  GLU A N   1 
ATOM   584  C  CA  . GLU A 1 85  ? -3.418  12.242  9.902   1.00 86.56  ? 85  GLU A CA  1 
ATOM   585  C  C   . GLU A 1 85  ? -2.117  11.658  10.470  1.00 85.36  ? 85  GLU A C   1 
ATOM   586  O  O   . GLU A 1 85  ? -2.033  11.360  11.659  1.00 85.45  ? 85  GLU A O   1 
ATOM   587  C  CB  . GLU A 1 85  ? -3.226  13.707  9.492   1.00 86.72  ? 85  GLU A CB  1 
ATOM   588  C  CG  . GLU A 1 85  ? -2.899  14.647  10.628  1.00 87.07  ? 85  GLU A CG  1 
ATOM   589  C  CD  . GLU A 1 85  ? -1.411  14.845  10.774  1.00 88.11  ? 85  GLU A CD  1 
ATOM   590  O  OE1 . GLU A 1 85  ? -0.984  15.508  11.749  1.00 88.93  ? 85  GLU A OE1 1 
ATOM   591  O  OE2 . GLU A 1 85  ? -0.667  14.340  9.903   1.00 88.26  ? 85  GLU A OE2 1 
ATOM   592  N  N   . GLY A 1 86  ? -1.112  11.473  9.615   1.00 83.92  ? 86  GLY A N   1 
ATOM   593  C  CA  . GLY A 1 86  ? 0.151   10.919  10.080  1.00 81.39  ? 86  GLY A CA  1 
ATOM   594  C  C   . GLY A 1 86  ? 1.145   10.548  8.990   1.00 79.38  ? 86  GLY A C   1 
ATOM   595  O  O   . GLY A 1 86  ? 1.135   11.122  7.900   1.00 78.77  ? 86  GLY A O   1 
ATOM   596  N  N   . SER A 1 87  ? 2.012   9.586   9.301   1.00 77.51  ? 87  SER A N   1 
ATOM   597  C  CA  . SER A 1 87  ? 3.036   9.108   8.375   1.00 76.13  ? 87  SER A CA  1 
ATOM   598  C  C   . SER A 1 87  ? 3.522   7.719   8.783   1.00 75.73  ? 87  SER A C   1 
ATOM   599  O  O   . SER A 1 87  ? 3.765   7.465   9.960   1.00 76.83  ? 87  SER A O   1 
ATOM   600  C  CB  . SER A 1 87  ? 4.228   10.065  8.356   1.00 75.46  ? 87  SER A CB  1 
ATOM   601  O  OG  . SER A 1 87  ? 5.288   9.536   7.577   1.00 76.20  ? 87  SER A OG  1 
ATOM   602  N  N   . THR A 1 88  ? 3.665   6.821   7.814   1.00 74.29  ? 88  THR A N   1 
ATOM   603  C  CA  . THR A 1 88  ? 4.126   5.467   8.094   1.00 72.32  ? 88  THR A CA  1 
ATOM   604  C  C   . THR A 1 88  ? 5.146   5.082   7.036   1.00 71.29  ? 88  THR A C   1 
ATOM   605  O  O   . THR A 1 88  ? 5.186   5.687   5.969   1.00 71.27  ? 88  THR A O   1 
ATOM   606  C  CB  . THR A 1 88  ? 2.958   4.462   8.062   1.00 72.77  ? 88  THR A CB  1 
ATOM   607  O  OG1 . THR A 1 88  ? 3.440   3.144   8.357   1.00 74.38  ? 88  THR A OG1 1 
ATOM   608  C  CG2 . THR A 1 88  ? 2.307   4.459   6.698   1.00 73.07  ? 88  THR A CG2 1 
ATOM   609  N  N   . VAL A 1 89  ? 5.977   4.088   7.336   1.00 70.19  ? 89  VAL A N   1 
ATOM   610  C  CA  . VAL A 1 89  ? 6.992   3.635   6.391   1.00 68.65  ? 89  VAL A CA  1 
ATOM   611  C  C   . VAL A 1 89  ? 6.727   2.188   5.998   1.00 68.35  ? 89  VAL A C   1 
ATOM   612  O  O   . VAL A 1 89  ? 6.387   1.357   6.842   1.00 67.18  ? 89  VAL A O   1 
ATOM   613  C  CB  . VAL A 1 89  ? 8.412   3.735   6.992   1.00 68.63  ? 89  VAL A CB  1 
ATOM   614  C  CG1 . VAL A 1 89  ? 9.445   3.307   5.964   1.00 67.06  ? 89  VAL A CG1 1 
ATOM   615  C  CG2 . VAL A 1 89  ? 8.685   5.160   7.448   1.00 68.89  ? 89  VAL A CG2 1 
ATOM   616  N  N   . LEU A 1 90  ? 6.880   1.895   4.710   1.00 67.77  ? 90  LEU A N   1 
ATOM   617  C  CA  . LEU A 1 90  ? 6.662   0.544   4.195   1.00 67.25  ? 90  LEU A CA  1 
ATOM   618  C  C   . LEU A 1 90  ? 7.937   0.019   3.543   1.00 67.11  ? 90  LEU A C   1 
ATOM   619  O  O   . LEU A 1 90  ? 8.608   0.746   2.807   1.00 67.05  ? 90  LEU A O   1 
ATOM   620  C  CB  . LEU A 1 90  ? 5.525   0.555   3.173   1.00 66.10  ? 90  LEU A CB  1 
ATOM   621  C  CG  . LEU A 1 90  ? 4.150   0.934   3.720   1.00 64.81  ? 90  LEU A CG  1 
ATOM   622  C  CD1 . LEU A 1 90  ? 3.419   1.821   2.730   1.00 62.93  ? 90  LEU A CD1 1 
ATOM   623  C  CD2 . LEU A 1 90  ? 3.361   -0.332  4.013   1.00 64.53  ? 90  LEU A CD2 1 
ATOM   624  N  N   . VAL A 1 91  ? 8.270   -1.242  3.815   1.00 66.37  ? 91  VAL A N   1 
ATOM   625  C  CA  . VAL A 1 91  ? 9.469   -1.844  3.239   1.00 67.01  ? 91  VAL A CA  1 
ATOM   626  C  C   . VAL A 1 91  ? 9.237   -3.265  2.753   1.00 66.65  ? 91  VAL A C   1 
ATOM   627  O  O   . VAL A 1 91  ? 8.974   -4.161  3.545   1.00 65.98  ? 91  VAL A O   1 
ATOM   628  C  CB  . VAL A 1 91  ? 10.641  -1.881  4.248   1.00 68.25  ? 91  VAL A CB  1 
ATOM   629  C  CG1 . VAL A 1 91  ? 11.848  -2.545  3.599   1.00 67.07  ? 91  VAL A CG1 1 
ATOM   630  C  CG2 . VAL A 1 91  ? 10.994  -0.465  4.712   1.00 67.15  ? 91  VAL A CG2 1 
ATOM   631  N  N   . PRO A 1 92  ? 9.337   -3.486  1.434   1.00 67.19  ? 92  PRO A N   1 
ATOM   632  C  CA  . PRO A 1 92  ? 9.142   -4.804  0.821   1.00 67.87  ? 92  PRO A CA  1 
ATOM   633  C  C   . PRO A 1 92  ? 10.364  -5.717  0.904   1.00 69.53  ? 92  PRO A C   1 
ATOM   634  O  O   . PRO A 1 92  ? 11.483  -5.318  0.565   1.00 69.77  ? 92  PRO A O   1 
ATOM   635  C  CB  . PRO A 1 92  ? 8.797   -4.459  -0.621  1.00 66.18  ? 92  PRO A CB  1 
ATOM   636  C  CG  . PRO A 1 92  ? 9.662   -3.275  -0.868  1.00 66.57  ? 92  PRO A CG  1 
ATOM   637  C  CD  . PRO A 1 92  ? 9.465   -2.447  0.395   1.00 66.29  ? 92  PRO A CD  1 
ATOM   638  N  N   . ILE A 1 93  ? 10.136  -6.946  1.351   1.00 71.32  ? 93  ILE A N   1 
ATOM   639  C  CA  . ILE A 1 93  ? 11.189  -7.951  1.465   1.00 73.11  ? 93  ILE A CA  1 
ATOM   640  C  C   . ILE A 1 93  ? 10.892  -9.036  0.436   1.00 75.02  ? 93  ILE A C   1 
ATOM   641  O  O   . ILE A 1 93  ? 9.811   -9.615  0.436   1.00 74.50  ? 93  ILE A O   1 
ATOM   642  C  CB  . ILE A 1 93  ? 11.210  -8.581  2.869   1.00 72.24  ? 93  ILE A CB  1 
ATOM   643  C  CG1 . ILE A 1 93  ? 11.603  -7.525  3.909   1.00 72.12  ? 93  ILE A CG1 1 
ATOM   644  C  CG2 . ILE A 1 93  ? 12.159  -9.759  2.892   1.00 72.95  ? 93  ILE A CG2 1 
ATOM   645  C  CD1 . ILE A 1 93  ? 12.932  -6.831  3.643   1.00 69.71  ? 93  ILE A CD1 1 
HETATM 646  N  N   . MSE A 1 94  ? 11.849  -9.311  -0.440  1.00 78.31  ? 94  MSE A N   1 
HETATM 647  C  CA  . MSE A 1 94  ? 11.653  -10.307 -1.488  1.00 81.47  ? 94  MSE A CA  1 
HETATM 648  C  C   . MSE A 1 94  ? 11.540  -11.757 -1.054  1.00 80.23  ? 94  MSE A C   1 
HETATM 649  O  O   . MSE A 1 94  ? 11.931  -12.124 0.049   1.00 81.11  ? 94  MSE A O   1 
HETATM 650  C  CB  . MSE A 1 94  ? 12.770  -10.193 -2.517  1.00 87.85  ? 94  MSE A CB  1 
HETATM 651  C  CG  . MSE A 1 94  ? 12.689  -8.929  -3.326  1.00 96.37  ? 94  MSE A CG  1 
HETATM 652  SE SE  . MSE A 1 94  ? 10.872  -8.653  -3.956  1.00 108.61 ? 94  MSE A SE  1 
HETATM 653  C  CE  . MSE A 1 94  ? 10.562  -6.923  -3.153  1.00 105.17 ? 94  MSE A CE  1 
ATOM   654  N  N   . ASP A 1 95  ? 10.991  -12.583 -1.936  1.00 77.83  ? 95  ASP A N   1 
ATOM   655  C  CA  . ASP A 1 95  ? 10.881  -13.997 -1.645  1.00 76.55  ? 95  ASP A CA  1 
ATOM   656  C  C   . ASP A 1 95  ? 12.045  -14.685 -2.324  1.00 77.61  ? 95  ASP A C   1 
ATOM   657  O  O   . ASP A 1 95  ? 12.688  -14.105 -3.201  1.00 77.54  ? 95  ASP A O   1 
ATOM   658  C  CB  . ASP A 1 95  ? 9.571   -14.567 -2.171  1.00 74.15  ? 95  ASP A CB  1 
ATOM   659  C  CG  . ASP A 1 95  ? 8.486   -14.567 -1.125  1.00 73.16  ? 95  ASP A CG  1 
ATOM   660  O  OD1 . ASP A 1 95  ? 7.397   -15.112 -1.400  1.00 70.32  ? 95  ASP A OD1 1 
ATOM   661  O  OD2 . ASP A 1 95  ? 8.732   -14.016 -0.028  1.00 71.69  ? 95  ASP A OD2 1 
ATOM   662  N  N   . GLN A 1 96  ? 12.318  -15.920 -1.917  1.00 78.49  ? 96  GLN A N   1 
ATOM   663  C  CA  . GLN A 1 96  ? 13.415  -16.676 -2.506  1.00 79.46  ? 96  GLN A CA  1 
ATOM   664  C  C   . GLN A 1 96  ? 13.402  -16.495 -4.016  1.00 78.03  ? 96  GLN A C   1 
ATOM   665  O  O   . GLN A 1 96  ? 12.484  -16.957 -4.703  1.00 76.31  ? 96  GLN A O   1 
ATOM   666  C  CB  . GLN A 1 96  ? 13.297  -18.174 -2.184  1.00 82.87  ? 96  GLN A CB  1 
ATOM   667  C  CG  . GLN A 1 96  ? 13.057  -18.513 -0.715  1.00 86.73  ? 96  GLN A CG  1 
ATOM   668  C  CD  . GLN A 1 96  ? 11.614  -18.271 -0.284  1.00 88.35  ? 96  GLN A CD  1 
ATOM   669  O  OE1 . GLN A 1 96  ? 11.309  -18.220 0.911   1.00 89.05  ? 96  GLN A OE1 1 
ATOM   670  N  NE2 . GLN A 1 96  ? 10.718  -18.135 -1.262  1.00 88.25  ? 96  GLN A NE2 1 
ATOM   671  N  N   . GLY A 1 97  ? 14.423  -15.804 -4.516  1.00 77.08  ? 97  GLY A N   1 
ATOM   672  C  CA  . GLY A 1 97  ? 14.561  -15.569 -5.943  1.00 76.75  ? 97  GLY A CA  1 
ATOM   673  C  C   . GLY A 1 97  ? 13.317  -15.064 -6.640  1.00 76.71  ? 97  GLY A C   1 
ATOM   674  O  O   . GLY A 1 97  ? 12.922  -15.584 -7.685  1.00 75.65  ? 97  GLY A O   1 
ATOM   675  N  N   . SER A 1 98  ? 12.701  -14.036 -6.069  1.00 77.25  ? 98  SER A N   1 
ATOM   676  C  CA  . SER A 1 98  ? 11.484  -13.466 -6.639  1.00 75.96  ? 98  SER A CA  1 
ATOM   677  C  C   . SER A 1 98  ? 11.540  -11.938 -6.720  1.00 74.33  ? 98  SER A C   1 
ATOM   678  O  O   . SER A 1 98  ? 12.091  -11.279 -5.836  1.00 72.91  ? 98  SER A O   1 
ATOM   679  C  CB  . SER A 1 98  ? 10.277  -13.897 -5.798  1.00 75.48  ? 98  SER A CB  1 
ATOM   680  O  OG  . SER A 1 98  ? 9.075   -13.411 -6.357  1.00 76.41  ? 98  SER A OG  1 
ATOM   681  N  N   . ARG A 1 99  ? 10.980  -11.387 -7.793  1.00 72.47  ? 99  ARG A N   1 
ATOM   682  C  CA  . ARG A 1 99  ? 10.935  -9.942  -7.975  1.00 72.95  ? 99  ARG A CA  1 
ATOM   683  C  C   . ARG A 1 99  ? 9.489   -9.461  -8.097  1.00 73.07  ? 99  ARG A C   1 
ATOM   684  O  O   . ARG A 1 99  ? 9.234   -8.336  -8.530  1.00 72.46  ? 99  ARG A O   1 
ATOM   685  C  CB  . ARG A 1 99  ? 11.717  -9.516  -9.226  1.00 71.22  ? 99  ARG A CB  1 
ATOM   686  C  CG  . ARG A 1 99  ? 13.222  -9.688  -9.136  1.00 70.00  ? 99  ARG A CG  1 
ATOM   687  C  CD  . ARG A 1 99  ? 13.668  -10.753 -10.108 1.00 69.01  ? 99  ARG A CD  1 
ATOM   688  N  NE  . ARG A 1 99  ? 13.048  -10.535 -11.407 1.00 67.44  ? 99  ARG A NE  1 
ATOM   689  C  CZ  . ARG A 1 99  ? 12.982  -11.454 -12.368 1.00 68.24  ? 99  ARG A CZ  1 
ATOM   690  N  NH1 . ARG A 1 99  ? 13.505  -12.664 -12.172 1.00 67.30  ? 99  ARG A NH1 1 
ATOM   691  N  NH2 . ARG A 1 99  ? 12.380  -11.171 -13.520 1.00 66.90  ? 99  ARG A NH2 1 
HETATM 692  N  N   . MSE A 1 100 ? 8.549   -10.316 -7.701  1.00 73.95  ? 100 MSE A N   1 
HETATM 693  C  CA  . MSE A 1 100 ? 7.122   -10.004 -7.786  1.00 74.48  ? 100 MSE A CA  1 
HETATM 694  C  C   . MSE A 1 100 ? 6.361   -10.198 -6.480  1.00 73.16  ? 100 MSE A C   1 
HETATM 695  O  O   . MSE A 1 100 ? 5.444   -9.447  -6.171  1.00 73.49  ? 100 MSE A O   1 
HETATM 696  C  CB  . MSE A 1 100 ? 6.469   -10.873 -8.855  1.00 76.68  ? 100 MSE A CB  1 
HETATM 697  C  CG  . MSE A 1 100 ? 7.037   -10.663 -10.229 1.00 81.36  ? 100 MSE A CG  1 
HETATM 698  SE SE  . MSE A 1 100 ? 6.756   -8.851  -10.842 1.00 91.00  ? 100 MSE A SE  1 
HETATM 699  C  CE  . MSE A 1 100 ? 5.409   -9.185  -12.214 1.00 87.38  ? 100 MSE A CE  1 
ATOM   700  N  N   . GLU A 1 101 ? 6.746   -11.210 -5.719  1.00 72.24  ? 101 GLU A N   1 
ATOM   701  C  CA  . GLU A 1 101 ? 6.083   -11.505 -4.467  1.00 71.10  ? 101 GLU A CA  1 
ATOM   702  C  C   . GLU A 1 101 ? 7.032   -11.418 -3.291  1.00 69.89  ? 101 GLU A C   1 
ATOM   703  O  O   . GLU A 1 101 ? 8.248   -11.359 -3.466  1.00 70.39  ? 101 GLU A O   1 
ATOM   704  C  CB  . GLU A 1 101 ? 5.479   -12.890 -4.562  1.00 72.01  ? 101 GLU A CB  1 
ATOM   705  C  CG  . GLU A 1 101 ? 4.488   -12.965 -5.684  1.00 75.80  ? 101 GLU A CG  1 
ATOM   706  C  CD  . GLU A 1 101 ? 4.235   -14.368 -6.119  1.00 77.51  ? 101 GLU A CD  1 
ATOM   707  O  OE1 . GLU A 1 101 ? 5.165   -14.983 -6.694  1.00 78.82  ? 101 GLU A OE1 1 
ATOM   708  O  OE2 . GLU A 1 101 ? 3.111   -14.856 -5.877  1.00 79.37  ? 101 GLU A OE2 1 
ATOM   709  N  N   . GLY A 1 102 ? 6.462   -11.411 -2.091  1.00 67.93  ? 102 GLY A N   1 
ATOM   710  C  CA  . GLY A 1 102 ? 7.263   -11.322 -0.887  1.00 66.43  ? 102 GLY A CA  1 
ATOM   711  C  C   . GLY A 1 102 ? 6.471   -10.798 0.297   1.00 66.40  ? 102 GLY A C   1 
ATOM   712  O  O   . GLY A 1 102 ? 5.254   -10.962 0.360   1.00 65.05  ? 102 GLY A O   1 
ATOM   713  N  N   . LYS A 1 103 ? 7.170   -10.172 1.242   1.00 66.72  ? 103 LYS A N   1 
ATOM   714  C  CA  . LYS A 1 103 ? 6.543   -9.614  2.434   1.00 67.09  ? 103 LYS A CA  1 
ATOM   715  C  C   . LYS A 1 103 ? 6.637   -8.098  2.452   1.00 65.67  ? 103 LYS A C   1 
ATOM   716  O  O   . LYS A 1 103 ? 7.598   -7.518  1.951   1.00 65.65  ? 103 LYS A O   1 
ATOM   717  C  CB  . LYS A 1 103 ? 7.201   -10.171 3.695   1.00 69.02  ? 103 LYS A CB  1 
ATOM   718  C  CG  . LYS A 1 103 ? 6.896   -11.636 3.941   1.00 73.60  ? 103 LYS A CG  1 
ATOM   719  C  CD  . LYS A 1 103 ? 6.995   -11.997 5.428   1.00 76.84  ? 103 LYS A CD  1 
ATOM   720  C  CE  . LYS A 1 103 ? 8.423   -11.895 5.964   1.00 77.64  ? 103 LYS A CE  1 
ATOM   721  N  NZ  . LYS A 1 103 ? 9.348   -12.907 5.362   1.00 78.61  ? 103 LYS A NZ  1 
ATOM   722  N  N   . LEU A 1 104 ? 5.638   -7.453  3.037   1.00 63.28  ? 104 LEU A N   1 
ATOM   723  C  CA  . LEU A 1 104 ? 5.650   -6.007  3.102   1.00 63.01  ? 104 LEU A CA  1 
ATOM   724  C  C   . LEU A 1 104 ? 5.662   -5.577  4.551   1.00 65.35  ? 104 LEU A C   1 
ATOM   725  O  O   . LEU A 1 104 ? 4.703   -5.819  5.284   1.00 67.55  ? 104 LEU A O   1 
ATOM   726  C  CB  . LEU A 1 104 ? 4.424   -5.439  2.400   1.00 58.52  ? 104 LEU A CB  1 
ATOM   727  C  CG  . LEU A 1 104 ? 4.337   -3.920  2.423   1.00 54.78  ? 104 LEU A CG  1 
ATOM   728  C  CD1 . LEU A 1 104 ? 5.431   -3.301  1.573   1.00 51.38  ? 104 LEU A CD1 1 
ATOM   729  C  CD2 . LEU A 1 104 ? 2.977   -3.525  1.922   1.00 54.76  ? 104 LEU A CD2 1 
ATOM   730  N  N   . LEU A 1 105 ? 6.746   -4.932  4.966   1.00 66.83  ? 105 LEU A N   1 
ATOM   731  C  CA  . LEU A 1 105 ? 6.877   -4.488  6.346   1.00 69.18  ? 105 LEU A CA  1 
ATOM   732  C  C   . LEU A 1 105 ? 6.206   -3.145  6.603   1.00 71.60  ? 105 LEU A C   1 
ATOM   733  O  O   . LEU A 1 105 ? 6.477   -2.163  5.912   1.00 72.40  ? 105 LEU A O   1 
ATOM   734  C  CB  . LEU A 1 105 ? 8.365   -4.412  6.725   1.00 69.75  ? 105 LEU A CB  1 
ATOM   735  C  CG  . LEU A 1 105 ? 9.170   -5.690  7.071   1.00 69.43  ? 105 LEU A CG  1 
ATOM   736  C  CD1 . LEU A 1 105 ? 8.921   -6.800  6.060   1.00 67.98  ? 105 LEU A CD1 1 
ATOM   737  C  CD2 . LEU A 1 105 ? 10.658  -5.338  7.132   1.00 67.02  ? 105 LEU A CD2 1 
ATOM   738  N  N   . ARG A 1 106 ? 5.322   -3.112  7.600   1.00 74.53  ? 106 ARG A N   1 
ATOM   739  C  CA  . ARG A 1 106 ? 4.617   -1.887  7.973   1.00 78.23  ? 106 ARG A CA  1 
ATOM   740  C  C   . ARG A 1 106 ? 5.086   -1.379  9.327   1.00 79.87  ? 106 ARG A C   1 
ATOM   741  O  O   . ARG A 1 106 ? 5.249   -2.154  10.268  1.00 80.52  ? 106 ARG A O   1 
ATOM   742  C  CB  . ARG A 1 106 ? 3.101   -2.107  8.035   1.00 79.87  ? 106 ARG A CB  1 
ATOM   743  C  CG  . ARG A 1 106 ? 2.403   -2.074  6.688   1.00 82.47  ? 106 ARG A CG  1 
ATOM   744  C  CD  . ARG A 1 106 ? 0.918   -1.828  6.864   1.00 83.30  ? 106 ARG A CD  1 
ATOM   745  N  NE  . ARG A 1 106 ? 0.212   -1.699  5.588   1.00 83.71  ? 106 ARG A NE  1 
ATOM   746  C  CZ  . ARG A 1 106 ? 0.174   -2.643  4.651   1.00 83.79  ? 106 ARG A CZ  1 
ATOM   747  N  NH1 . ARG A 1 106 ? -0.507  -2.436  3.534   1.00 82.99  ? 106 ARG A NH1 1 
ATOM   748  N  NH2 . ARG A 1 106 ? 0.817   -3.791  4.831   1.00 83.67  ? 106 ARG A NH2 1 
ATOM   749  N  N   . GLU A 1 107 ? 5.289   -0.070  9.416   1.00 81.49  ? 107 GLU A N   1 
ATOM   750  C  CA  . GLU A 1 107 ? 5.741   0.574   10.645  1.00 82.81  ? 107 GLU A CA  1 
ATOM   751  C  C   . GLU A 1 107 ? 4.562   0.825   11.574  1.00 82.78  ? 107 GLU A C   1 
ATOM   752  O  O   . GLU A 1 107 ? 3.861   1.828   11.438  1.00 82.89  ? 107 GLU A O   1 
ATOM   753  C  CB  . GLU A 1 107 ? 6.421   1.898   10.299  1.00 84.43  ? 107 GLU A CB  1 
ATOM   754  C  CG  . GLU A 1 107 ? 6.870   2.725   11.481  1.00 85.91  ? 107 GLU A CG  1 
ATOM   755  C  CD  . GLU A 1 107 ? 7.396   4.082   11.039  1.00 87.99  ? 107 GLU A CD  1 
ATOM   756  O  OE1 . GLU A 1 107 ? 6.618   4.843   10.423  1.00 88.39  ? 107 GLU A OE1 1 
ATOM   757  O  OE2 . GLU A 1 107 ? 8.578   4.390   11.303  1.00 88.83  ? 107 GLU A OE2 1 
ATOM   758  N  N   . GLY A 1 118 ? 2.592   -8.722  6.508   1.00 59.20  ? 118 GLY A N   1 
ATOM   759  C  CA  . GLY A 1 118 ? 1.633   -8.847  5.427   1.00 59.68  ? 118 GLY A CA  1 
ATOM   760  C  C   . GLY A 1 118 ? 2.339   -9.202  4.139   1.00 60.75  ? 118 GLY A C   1 
ATOM   761  O  O   . GLY A 1 118 ? 3.524   -8.895  3.986   1.00 62.79  ? 118 GLY A O   1 
ATOM   762  N  N   . ARG A 1 119 ? 1.621   -9.830  3.208   1.00 59.45  ? 119 ARG A N   1 
ATOM   763  C  CA  . ARG A 1 119 ? 2.206   -10.248 1.928   1.00 59.58  ? 119 ARG A CA  1 
ATOM   764  C  C   . ARG A 1 119 ? 1.798   -9.441  0.690   1.00 59.02  ? 119 ARG A C   1 
ATOM   765  O  O   . ARG A 1 119 ? 0.662   -9.019  0.571   1.00 61.65  ? 119 ARG A O   1 
ATOM   766  C  CB  . ARG A 1 119 ? 1.888   -11.725 1.679   1.00 59.76  ? 119 ARG A CB  1 
ATOM   767  C  CG  . ARG A 1 119 ? 2.635   -12.681 2.596   1.00 59.79  ? 119 ARG A CG  1 
ATOM   768  C  CD  . ARG A 1 119 ? 2.543   -14.096 2.068   1.00 60.23  ? 119 ARG A CD  1 
ATOM   769  N  NE  . ARG A 1 119 ? 3.127   -14.205 0.727   1.00 62.99  ? 119 ARG A NE  1 
ATOM   770  C  CZ  . ARG A 1 119 ? 4.430   -14.125 0.458   1.00 63.06  ? 119 ARG A CZ  1 
ATOM   771  N  NH1 . ARG A 1 119 ? 5.310   -13.936 1.433   1.00 62.28  ? 119 ARG A NH1 1 
ATOM   772  N  NH2 . ARG A 1 119 ? 4.856   -14.239 -0.791  1.00 64.00  ? 119 ARG A NH2 1 
ATOM   773  N  N   . PHE A 1 120 ? 2.728   -9.247  -0.243  1.00 58.39  ? 120 PHE A N   1 
ATOM   774  C  CA  . PHE A 1 120 ? 2.435   -8.499  -1.459  1.00 56.29  ? 120 PHE A CA  1 
ATOM   775  C  C   . PHE A 1 120 ? 2.638   -9.351  -2.702  1.00 56.62  ? 120 PHE A C   1 
ATOM   776  O  O   . PHE A 1 120 ? 3.287   -10.404 -2.657  1.00 57.42  ? 120 PHE A O   1 
ATOM   777  C  CB  . PHE A 1 120 ? 3.296   -7.236  -1.542  1.00 54.91  ? 120 PHE A CB  1 
ATOM   778  C  CG  . PHE A 1 120 ? 4.745   -7.493  -1.847  1.00 54.12  ? 120 PHE A CG  1 
ATOM   779  C  CD1 . PHE A 1 120 ? 5.178   -7.655  -3.167  1.00 53.82  ? 120 PHE A CD1 1 
ATOM   780  C  CD2 . PHE A 1 120 ? 5.687   -7.544  -0.817  1.00 52.85  ? 120 PHE A CD2 1 
ATOM   781  C  CE1 . PHE A 1 120 ? 6.527   -7.854  -3.448  1.00 51.52  ? 120 PHE A CE1 1 
ATOM   782  C  CE2 . PHE A 1 120 ? 7.040   -7.743  -1.089  1.00 50.67  ? 120 PHE A CE2 1 
ATOM   783  C  CZ  . PHE A 1 120 ? 7.461   -7.898  -2.399  1.00 50.68  ? 120 PHE A CZ  1 
ATOM   784  N  N   . SER A 1 121 ? 2.079   -8.883  -3.813  1.00 56.18  ? 121 SER A N   1 
ATOM   785  C  CA  . SER A 1 121 ? 2.157   -9.606  -5.071  1.00 54.54  ? 121 SER A CA  1 
ATOM   786  C  C   . SER A 1 121 ? 1.918   -8.703  -6.273  1.00 54.76  ? 121 SER A C   1 
ATOM   787  O  O   . SER A 1 121 ? 0.856   -8.107  -6.435  1.00 53.73  ? 121 SER A O   1 
ATOM   788  C  CB  . SER A 1 121 ? 1.138   -10.745 -5.083  1.00 52.99  ? 121 SER A CB  1 
ATOM   789  O  OG  . SER A 1 121 ? 1.122   -11.397 -6.329  1.00 51.71  ? 121 SER A OG  1 
HETATM 790  N  N   . MSE A 1 122 ? 2.934   -8.628  -7.119  1.00 56.42  ? 122 MSE A N   1 
HETATM 791  C  CA  . MSE A 1 122 ? 2.911   -7.835  -8.328  1.00 55.89  ? 122 MSE A CA  1 
HETATM 792  C  C   . MSE A 1 122 ? 2.425   -8.751  -9.416  1.00 54.75  ? 122 MSE A C   1 
HETATM 793  O  O   . MSE A 1 122 ? 2.825   -9.912  -9.469  1.00 55.17  ? 122 MSE A O   1 
HETATM 794  C  CB  . MSE A 1 122 ? 4.321   -7.379  -8.648  1.00 59.02  ? 122 MSE A CB  1 
HETATM 795  C  CG  . MSE A 1 122 ? 4.377   -6.186  -9.527  1.00 66.66  ? 122 MSE A CG  1 
HETATM 796  SE SE  . MSE A 1 122 ? 3.589   -4.676  -8.626  1.00 78.80  ? 122 MSE A SE  1 
HETATM 797  C  CE  . MSE A 1 122 ? 2.518   -4.090  -10.151 1.00 75.58  ? 122 MSE A CE  1 
ATOM   798  N  N   . GLY A 1 123 ? 1.565   -8.255  -10.289 1.00 54.23  ? 123 GLY A N   1 
ATOM   799  C  CA  . GLY A 1 123 ? 1.078   -9.117  -11.357 1.00 54.63  ? 123 GLY A CA  1 
ATOM   800  C  C   . GLY A 1 123 ? 1.445   -8.613  -12.751 1.00 53.99  ? 123 GLY A C   1 
ATOM   801  O  O   . GLY A 1 123 ? 1.849   -7.460  -12.942 1.00 52.59  ? 123 GLY A O   1 
ATOM   802  N  N   . SER A 1 124 ? 1.311   -9.508  -13.722 1.00 53.73  ? 124 SER A N   1 
ATOM   803  C  CA  . SER A 1 124 ? 1.633   -9.197  -15.106 1.00 53.89  ? 124 SER A CA  1 
ATOM   804  C  C   . SER A 1 124 ? 0.892   -7.939  -15.558 1.00 54.12  ? 124 SER A C   1 
ATOM   805  O  O   . SER A 1 124 ? 1.443   -7.104  -16.280 1.00 55.03  ? 124 SER A O   1 
ATOM   806  C  CB  . SER A 1 124 ? 1.258   -10.373 -16.011 1.00 53.23  ? 124 SER A CB  1 
ATOM   807  O  OG  . SER A 1 124 ? -0.141  -10.576 -16.042 1.00 56.14  ? 124 SER A OG  1 
ATOM   808  N  N   . ASP A 1 125 ? -0.353  -7.790  -15.114 1.00 52.33  ? 125 ASP A N   1 
ATOM   809  C  CA  . ASP A 1 125 ? -1.144  -6.632  -15.496 1.00 50.44  ? 125 ASP A CA  1 
ATOM   810  C  C   . ASP A 1 125 ? -0.641  -5.326  -14.897 1.00 48.97  ? 125 ASP A C   1 
ATOM   811  O  O   . ASP A 1 125 ? -1.183  -4.267  -15.204 1.00 49.41  ? 125 ASP A O   1 
ATOM   812  C  CB  . ASP A 1 125 ? -2.603  -6.865  -15.114 1.00 50.66  ? 125 ASP A CB  1 
ATOM   813  C  CG  . ASP A 1 125 ? -2.749  -7.391  -13.712 1.00 53.33  ? 125 ASP A CG  1 
ATOM   814  O  OD1 . ASP A 1 125 ? -3.847  -7.877  -13.376 1.00 54.86  ? 125 ASP A OD1 1 
ATOM   815  O  OD2 . ASP A 1 125 ? -1.769  -7.313  -12.938 1.00 53.73  ? 125 ASP A OD2 1 
ATOM   816  N  N   . GLY A 1 126 ? 0.386   -5.402  -14.051 1.00 46.79  ? 126 GLY A N   1 
ATOM   817  C  CA  . GLY A 1 126 ? 0.933   -4.202  -13.438 1.00 45.91  ? 126 GLY A CA  1 
ATOM   818  C  C   . GLY A 1 126 ? 0.189   -3.696  -12.213 1.00 45.69  ? 126 GLY A C   1 
ATOM   819  O  O   . GLY A 1 126 ? 0.289   -2.526  -11.828 1.00 46.78  ? 126 GLY A O   1 
ATOM   820  N  N   . ALA A 1 127 ? -0.580  -4.575  -11.594 1.00 43.75  ? 127 ALA A N   1 
ATOM   821  C  CA  . ALA A 1 127 ? -1.329  -4.202  -10.409 1.00 40.75  ? 127 ALA A CA  1 
ATOM   822  C  C   . ALA A 1 127 ? -0.758  -4.924  -9.196  1.00 39.77  ? 127 ALA A C   1 
ATOM   823  O  O   . ALA A 1 127 ? -0.441  -6.117  -9.225  1.00 40.50  ? 127 ALA A O   1 
ATOM   824  C  CB  . ALA A 1 127 ? -2.794  -4.549  -10.586 1.00 37.35  ? 127 ALA A CB  1 
ATOM   825  N  N   . LEU A 1 128 ? -0.635  -4.175  -8.118  1.00 38.89  ? 128 LEU A N   1 
ATOM   826  C  CA  . LEU A 1 128 ? -0.110  -4.690  -6.875  1.00 37.67  ? 128 LEU A CA  1 
ATOM   827  C  C   . LEU A 1 128 ? -1.222  -5.214  -5.974  1.00 37.96  ? 128 LEU A C   1 
ATOM   828  O  O   . LEU A 1 128 ? -2.302  -4.638  -5.904  1.00 38.68  ? 128 LEU A O   1 
ATOM   829  C  CB  . LEU A 1 128 ? 0.623   -3.563  -6.175  1.00 35.85  ? 128 LEU A CB  1 
ATOM   830  C  CG  . LEU A 1 128 ? 1.048   -3.827  -4.743  1.00 38.22  ? 128 LEU A CG  1 
ATOM   831  C  CD1 . LEU A 1 128 ? 1.891   -5.103  -4.648  1.00 36.27  ? 128 LEU A CD1 1 
ATOM   832  C  CD2 . LEU A 1 128 ? 1.821   -2.609  -4.258  1.00 35.63  ? 128 LEU A CD2 1 
ATOM   833  N  N   . THR A 1 129 ? -0.976  -6.317  -5.292  1.00 37.82  ? 129 THR A N   1 
ATOM   834  C  CA  . THR A 1 129 ? -1.992  -6.804  -4.388  1.00 39.27  ? 129 THR A CA  1 
ATOM   835  C  C   . THR A 1 129 ? -1.393  -7.025  -3.014  1.00 40.89  ? 129 THR A C   1 
ATOM   836  O  O   . THR A 1 129 ? -0.335  -7.624  -2.871  1.00 42.48  ? 129 THR A O   1 
ATOM   837  C  CB  . THR A 1 129 ? -2.653  -8.067  -4.896  1.00 37.44  ? 129 THR A CB  1 
ATOM   838  O  OG1 . THR A 1 129 ? -3.462  -7.736  -6.029  1.00 39.06  ? 129 THR A OG1 1 
ATOM   839  C  CG2 . THR A 1 129 ? -3.535  -8.658  -3.820  1.00 36.91  ? 129 THR A CG2 1 
ATOM   840  N  N   . LEU A 1 130 ? -2.074  -6.509  -2.002  1.00 43.20  ? 130 LEU A N   1 
ATOM   841  C  CA  . LEU A 1 130 ? -1.607  -6.612  -0.634  1.00 44.84  ? 130 LEU A CA  1 
ATOM   842  C  C   . LEU A 1 130 ? -2.587  -7.434  0.189   1.00 46.78  ? 130 LEU A C   1 
ATOM   843  O  O   . LEU A 1 130 ? -3.807  -7.241  0.141   1.00 47.27  ? 130 LEU A O   1 
ATOM   844  C  CB  . LEU A 1 130 ? -1.446  -5.207  -0.036  1.00 42.56  ? 130 LEU A CB  1 
ATOM   845  C  CG  . LEU A 1 130 ? -0.747  -4.186  -0.942  1.00 44.38  ? 130 LEU A CG  1 
ATOM   846  C  CD1 . LEU A 1 130 ? -0.547  -2.868  -0.223  1.00 42.12  ? 130 LEU A CD1 1 
ATOM   847  C  CD2 . LEU A 1 130 ? 0.592   -4.754  -1.395  1.00 44.64  ? 130 LEU A CD2 1 
ATOM   848  N  N   . ILE A 1 131 ? -2.042  -8.361  0.954   1.00 48.32  ? 131 ILE A N   1 
ATOM   849  C  CA  . ILE A 1 131 ? -2.878  -9.203  1.765   1.00 52.03  ? 131 ILE A CA  1 
ATOM   850  C  C   . ILE A 1 131 ? -2.308  -9.350  3.147   1.00 56.41  ? 131 ILE A C   1 
ATOM   851  O  O   . ILE A 1 131 ? -1.153  -9.726  3.314   1.00 59.03  ? 131 ILE A O   1 
ATOM   852  C  CB  . ILE A 1 131 ? -3.021  -10.591 1.136   1.00 49.40  ? 131 ILE A CB  1 
ATOM   853  C  CG1 . ILE A 1 131 ? -3.776  -10.472 -0.186  1.00 47.97  ? 131 ILE A CG1 1 
ATOM   854  C  CG2 . ILE A 1 131 ? -3.719  -11.529 2.102   1.00 48.97  ? 131 ILE A CG2 1 
ATOM   855  C  CD1 . ILE A 1 131 ? -3.965  -11.778 -0.904  1.00 45.03  ? 131 ILE A CD1 1 
ATOM   856  N  N   . THR A 1 132 ? -3.114  -9.029  4.144   1.00 60.04  ? 132 THR A N   1 
ATOM   857  C  CA  . THR A 1 132 ? -2.676  -9.186  5.510   1.00 64.70  ? 132 THR A CA  1 
ATOM   858  C  C   . THR A 1 132 ? -3.860  -9.831  6.221   1.00 67.64  ? 132 THR A C   1 
ATOM   859  O  O   . THR A 1 132 ? -5.002  -9.387  6.073   1.00 66.42  ? 132 THR A O   1 
ATOM   860  C  CB  . THR A 1 132 ? -2.273  -7.829  6.147   1.00 64.31  ? 132 THR A CB  1 
ATOM   861  O  OG1 . THR A 1 132 ? -3.441  -7.057  6.413   1.00 68.61  ? 132 THR A OG1 1 
ATOM   862  C  CG2 . THR A 1 132 ? -1.370  -7.038  5.197   1.00 64.41  ? 132 THR A CG2 1 
ATOM   863  N  N   . GLU A 1 133 ? -3.591  -10.920 6.941   1.00 71.92  ? 133 GLU A N   1 
ATOM   864  C  CA  . GLU A 1 133 ? -4.632  -11.624 7.683   1.00 75.70  ? 133 GLU A CA  1 
ATOM   865  C  C   . GLU A 1 133 ? -4.104  -12.108 9.022   1.00 78.35  ? 133 GLU A C   1 
ATOM   866  O  O   . GLU A 1 133 ? -3.052  -12.744 9.084   1.00 80.15  ? 133 GLU A O   1 
ATOM   867  C  CB  . GLU A 1 133 ? -5.187  -12.804 6.876   1.00 74.28  ? 133 GLU A CB  1 
ATOM   868  C  CG  . GLU A 1 133 ? -4.181  -13.861 6.477   1.00 73.90  ? 133 GLU A CG  1 
ATOM   869  C  CD  . GLU A 1 133 ? -4.791  -14.887 5.530   1.00 75.59  ? 133 GLU A CD  1 
ATOM   870  O  OE1 . GLU A 1 133 ? -5.781  -15.551 5.921   1.00 74.24  ? 133 GLU A OE1 1 
ATOM   871  O  OE2 . GLU A 1 133 ? -4.286  -15.031 4.389   1.00 75.31  ? 133 GLU A OE2 1 
ATOM   872  N  N   . TYR A 1 134 ? -4.833  -11.783 10.092  1.00 80.53  ? 134 TYR A N   1 
ATOM   873  C  CA  . TYR A 1 134 ? -4.455  -12.179 11.448  1.00 80.74  ? 134 TYR A CA  1 
ATOM   874  C  C   . TYR A 1 134 ? -5.087  -13.521 11.758  1.00 80.90  ? 134 TYR A C   1 
ATOM   875  O  O   . TYR A 1 134 ? -4.447  -14.561 11.605  1.00 81.23  ? 134 TYR A O   1 
ATOM   876  C  CB  . TYR A 1 134 ? -4.936  -11.154 12.475  1.00 81.47  ? 134 TYR A CB  1 
ATOM   877  C  CG  . TYR A 1 134 ? -4.616  -9.724  12.128  1.00 83.18  ? 134 TYR A CG  1 
ATOM   878  C  CD1 . TYR A 1 134 ? -3.647  -9.418  11.168  1.00 82.46  ? 134 TYR A CD1 1 
ATOM   879  C  CD2 . TYR A 1 134 ? -5.276  -8.670  12.768  1.00 83.58  ? 134 TYR A CD2 1 
ATOM   880  C  CE1 . TYR A 1 134 ? -3.342  -8.102  10.853  1.00 84.38  ? 134 TYR A CE1 1 
ATOM   881  C  CE2 . TYR A 1 134 ? -4.981  -7.345  12.467  1.00 84.56  ? 134 TYR A CE2 1 
ATOM   882  C  CZ  . TYR A 1 134 ? -4.012  -7.064  11.505  1.00 85.70  ? 134 TYR A CZ  1 
ATOM   883  O  OH  . TYR A 1 134 ? -3.707  -5.750  11.200  1.00 84.31  ? 134 TYR A OH  1 
ATOM   884  N  N   . GLU A 1 135 ? -6.344  -13.501 12.193  1.00 81.10  ? 135 GLU A N   1 
ATOM   885  C  CA  . GLU A 1 135 ? -7.036  -14.745 12.508  1.00 82.00  ? 135 GLU A CA  1 
ATOM   886  C  C   . GLU A 1 135 ? -8.382  -14.870 11.796  1.00 80.51  ? 135 GLU A C   1 
ATOM   887  O  O   . GLU A 1 135 ? -8.565  -15.783 10.985  1.00 81.52  ? 135 GLU A O   1 
ATOM   888  C  CB  . GLU A 1 135 ? -7.210  -14.893 14.027  1.00 84.67  ? 135 GLU A CB  1 
ATOM   889  C  CG  . GLU A 1 135 ? -8.187  -13.923 14.691  1.00 88.92  ? 135 GLU A CG  1 
ATOM   890  C  CD  . GLU A 1 135 ? -7.840  -12.459 14.461  1.00 90.66  ? 135 GLU A CD  1 
ATOM   891  O  OE1 . GLU A 1 135 ? -6.635  -12.106 14.539  1.00 90.53  ? 135 GLU A OE1 1 
ATOM   892  O  OE2 . GLU A 1 135 ? -8.784  -11.660 14.230  1.00 91.08  ? 135 GLU A OE2 1 
ATOM   893  N  N   . THR A 1 136 ? -9.313  -13.962 12.095  1.00 77.50  ? 136 THR A N   1 
ATOM   894  C  CA  . THR A 1 136 ? -10.641 -13.954 11.466  1.00 74.20  ? 136 THR A CA  1 
ATOM   895  C  C   . THR A 1 136 ? -10.740 -12.743 10.568  1.00 71.63  ? 136 THR A C   1 
ATOM   896  O  O   . THR A 1 136 ? -11.692 -12.613 9.797   1.00 70.86  ? 136 THR A O   1 
ATOM   897  C  CB  . THR A 1 136 ? -11.797 -13.860 12.502  1.00 74.17  ? 136 THR A CB  1 
ATOM   898  O  OG1 . THR A 1 136 ? -11.415 -12.975 13.561  1.00 73.41  ? 136 THR A OG1 1 
ATOM   899  C  CG2 . THR A 1 136 ? -12.148 -15.229 13.063  1.00 73.70  ? 136 THR A CG2 1 
ATOM   900  N  N   . ILE A 1 137 ? -9.750  -11.862 10.693  1.00 69.51  ? 137 ILE A N   1 
ATOM   901  C  CA  . ILE A 1 137 ? -9.689  -10.636 9.911   1.00 67.84  ? 137 ILE A CA  1 
ATOM   902  C  C   . ILE A 1 137 ? -8.758  -10.751 8.707   1.00 65.46  ? 137 ILE A C   1 
ATOM   903  O  O   . ILE A 1 137 ? -7.545  -10.864 8.845   1.00 66.05  ? 137 ILE A O   1 
ATOM   904  C  CB  . ILE A 1 137 ? -9.280  -9.406  10.791  1.00 67.95  ? 137 ILE A CB  1 
ATOM   905  C  CG1 . ILE A 1 137 ? -8.752  -8.280  9.889   1.00 68.91  ? 137 ILE A CG1 1 
ATOM   906  C  CG2 . ILE A 1 137 ? -8.294  -9.815  11.855  1.00 66.17  ? 137 ILE A CG2 1 
ATOM   907  C  CD1 . ILE A 1 137 ? -8.517  -6.951  10.615  1.00 70.84  ? 137 ILE A CD1 1 
ATOM   908  N  N   . TYR A 1 138 ? -9.373  -10.722 7.530   1.00 62.86  ? 138 TYR A N   1 
ATOM   909  C  CA  . TYR A 1 138 ? -8.696  -10.821 6.253   1.00 60.24  ? 138 TYR A CA  1 
ATOM   910  C  C   . TYR A 1 138 ? -8.786  -9.479  5.546   1.00 58.15  ? 138 TYR A C   1 
ATOM   911  O  O   . TYR A 1 138 ? -9.861  -8.879  5.455   1.00 57.90  ? 138 TYR A O   1 
ATOM   912  C  CB  . TYR A 1 138 ? -9.366  -11.885 5.391   1.00 60.46  ? 138 TYR A CB  1 
ATOM   913  C  CG  . TYR A 1 138 ? -8.641  -12.152 4.108   1.00 60.81  ? 138 TYR A CG  1 
ATOM   914  C  CD1 . TYR A 1 138 ? -7.527  -12.974 4.085   1.00 61.56  ? 138 TYR A CD1 1 
ATOM   915  C  CD2 . TYR A 1 138 ? -9.044  -11.550 2.916   1.00 62.71  ? 138 TYR A CD2 1 
ATOM   916  C  CE1 . TYR A 1 138 ? -6.819  -13.192 2.899   1.00 62.49  ? 138 TYR A CE1 1 
ATOM   917  C  CE2 . TYR A 1 138 ? -8.342  -11.758 1.724   1.00 61.99  ? 138 TYR A CE2 1 
ATOM   918  C  CZ  . TYR A 1 138 ? -7.230  -12.583 1.730   1.00 61.77  ? 138 TYR A CZ  1 
ATOM   919  O  OH  . TYR A 1 138 ? -6.519  -12.790 0.578   1.00 61.87  ? 138 TYR A OH  1 
ATOM   920  N  N   . SER A 1 139 ? -7.660  -9.005  5.033   1.00 55.63  ? 139 SER A N   1 
ATOM   921  C  CA  . SER A 1 139 ? -7.638  -7.716  4.339   1.00 51.99  ? 139 SER A CA  1 
ATOM   922  C  C   . SER A 1 139 ? -6.967  -7.853  2.984   1.00 50.02  ? 139 SER A C   1 
ATOM   923  O  O   . SER A 1 139 ? -5.814  -8.242  2.903   1.00 50.09  ? 139 SER A O   1 
ATOM   924  C  CB  . SER A 1 139 ? -6.879  -6.696  5.177   1.00 49.78  ? 139 SER A CB  1 
ATOM   925  O  OG  . SER A 1 139 ? -6.797  -5.481  4.508   1.00 49.16  ? 139 SER A OG  1 
ATOM   926  N  N   . GLU A 1 140 ? -7.682  -7.516  1.921   1.00 48.71  ? 140 GLU A N   1 
ATOM   927  C  CA  . GLU A 1 140 ? -7.106  -7.614  0.587   1.00 49.31  ? 140 GLU A CA  1 
ATOM   928  C  C   . GLU A 1 140 ? -7.237  -6.331  -0.216  1.00 47.69  ? 140 GLU A C   1 
ATOM   929  O  O   . GLU A 1 140 ? -8.343  -5.902  -0.547  1.00 48.24  ? 140 GLU A O   1 
ATOM   930  C  CB  . GLU A 1 140 ? -7.756  -8.755  -0.172  1.00 50.04  ? 140 GLU A CB  1 
ATOM   931  C  CG  . GLU A 1 140 ? -7.189  -8.983  -1.543  1.00 51.87  ? 140 GLU A CG  1 
ATOM   932  C  CD  . GLU A 1 140 ? -7.870  -10.148 -2.216  1.00 55.79  ? 140 GLU A CD  1 
ATOM   933  O  OE1 . GLU A 1 140 ? -7.938  -11.231 -1.581  1.00 56.28  ? 140 GLU A OE1 1 
ATOM   934  O  OE2 . GLU A 1 140 ? -8.327  -9.991  -3.373  1.00 56.28  ? 140 GLU A OE2 1 
ATOM   935  N  N   . GLU A 1 141 ? -6.102  -5.730  -0.546  1.00 45.66  ? 141 GLU A N   1 
ATOM   936  C  CA  . GLU A 1 141 ? -6.103  -4.489  -1.294  1.00 44.99  ? 141 GLU A CA  1 
ATOM   937  C  C   . GLU A 1 141 ? -5.434  -4.648  -2.655  1.00 44.92  ? 141 GLU A C   1 
ATOM   938  O  O   . GLU A 1 141 ? -4.494  -5.417  -2.812  1.00 45.09  ? 141 GLU A O   1 
ATOM   939  C  CB  . GLU A 1 141 ? -5.394  -3.437  -0.472  1.00 45.77  ? 141 GLU A CB  1 
ATOM   940  C  CG  . GLU A 1 141 ? -5.369  -2.059  -1.055  1.00 51.72  ? 141 GLU A CG  1 
ATOM   941  C  CD  . GLU A 1 141 ? -4.630  -1.094  -0.136  1.00 57.51  ? 141 GLU A CD  1 
ATOM   942  O  OE1 . GLU A 1 141 ? -4.564  0.117   -0.461  1.00 58.68  ? 141 GLU A OE1 1 
ATOM   943  O  OE2 . GLU A 1 141 ? -4.105  -1.554  0.918   1.00 59.52  ? 141 GLU A OE2 1 
ATOM   944  N  N   . ARG A 1 142 ? -5.930  -3.919  -3.644  1.00 44.13  ? 142 ARG A N   1 
ATOM   945  C  CA  . ARG A 1 142 ? -5.382  -3.999  -4.988  1.00 41.26  ? 142 ARG A CA  1 
ATOM   946  C  C   . ARG A 1 142 ? -5.119  -2.610  -5.570  1.00 39.89  ? 142 ARG A C   1 
ATOM   947  O  O   . ARG A 1 142 ? -6.047  -1.870  -5.840  1.00 39.45  ? 142 ARG A O   1 
ATOM   948  C  CB  . ARG A 1 142 ? -6.354  -4.751  -5.883  1.00 38.36  ? 142 ARG A CB  1 
ATOM   949  C  CG  . ARG A 1 142 ? -5.892  -4.809  -7.306  1.00 40.93  ? 142 ARG A CG  1 
ATOM   950  C  CD  . ARG A 1 142 ? -7.009  -5.286  -8.176  1.00 43.45  ? 142 ARG A CD  1 
ATOM   951  N  NE  . ARG A 1 142 ? -6.677  -5.207  -9.596  1.00 45.77  ? 142 ARG A NE  1 
ATOM   952  C  CZ  . ARG A 1 142 ? -6.007  -6.138  -10.261 1.00 44.97  ? 142 ARG A CZ  1 
ATOM   953  N  NH1 . ARG A 1 142 ? -5.590  -7.238  -9.642  0.50 42.28  ? 142 ARG A NH1 1 
ATOM   954  N  NH2 . ARG A 1 142 ? -5.755  -5.958  -11.546 1.00 45.39  ? 142 ARG A NH2 1 
ATOM   955  N  N   . LEU A 1 143 ? -3.859  -2.259  -5.789  1.00 38.48  ? 143 LEU A N   1 
ATOM   956  C  CA  . LEU A 1 143 ? -3.560  -0.942  -6.333  1.00 37.36  ? 143 LEU A CA  1 
ATOM   957  C  C   . LEU A 1 143 ? -3.106  -0.963  -7.797  1.00 37.65  ? 143 LEU A C   1 
ATOM   958  O  O   . LEU A 1 143 ? -2.416  -1.884  -8.228  1.00 38.21  ? 143 LEU A O   1 
ATOM   959  C  CB  . LEU A 1 143 ? -2.498  -0.253  -5.469  1.00 37.20  ? 143 LEU A CB  1 
ATOM   960  C  CG  . LEU A 1 143 ? -2.833  -0.031  -3.991  1.00 37.21  ? 143 LEU A CG  1 
ATOM   961  C  CD1 . LEU A 1 143 ? -2.501  -1.294  -3.202  1.00 37.44  ? 143 LEU A CD1 1 
ATOM   962  C  CD2 . LEU A 1 143 ? -2.041  1.141   -3.442  1.00 36.12  ? 143 LEU A CD2 1 
ATOM   963  N  N   . TRP A 1 144 ? -3.499  0.043   -8.570  1.00 36.55  ? 144 TRP A N   1 
ATOM   964  C  CA  . TRP A 1 144 ? -3.062  0.074   -9.944  1.00 37.19  ? 144 TRP A CA  1 
ATOM   965  C  C   . TRP A 1 144 ? -3.183  1.433   -10.609 1.00 39.80  ? 144 TRP A C   1 
ATOM   966  O  O   . TRP A 1 144 ? -3.963  2.294   -10.192 1.00 38.94  ? 144 TRP A O   1 
ATOM   967  C  CB  . TRP A 1 144 ? -3.784  -0.983  -10.763 1.00 34.28  ? 144 TRP A CB  1 
ATOM   968  C  CG  . TRP A 1 144 ? -5.169  -0.634  -11.107 1.00 37.95  ? 144 TRP A CG  1 
ATOM   969  C  CD1 . TRP A 1 144 ? -5.635  -0.209  -12.319 1.00 35.80  ? 144 TRP A CD1 1 
ATOM   970  C  CD2 . TRP A 1 144 ? -6.314  -0.713  -10.238 1.00 39.32  ? 144 TRP A CD2 1 
ATOM   971  N  NE1 . TRP A 1 144 ? -7.000  -0.021  -12.262 1.00 37.32  ? 144 TRP A NE1 1 
ATOM   972  C  CE2 . TRP A 1 144 ? -7.441  -0.314  -10.997 1.00 38.60  ? 144 TRP A CE2 1 
ATOM   973  C  CE3 . TRP A 1 144 ? -6.492  -1.072  -8.892  1.00 37.23  ? 144 TRP A CE3 1 
ATOM   974  C  CZ2 . TRP A 1 144 ? -8.730  -0.280  -10.461 1.00 39.07  ? 144 TRP A CZ2 1 
ATOM   975  C  CZ3 . TRP A 1 144 ? -7.767  -1.041  -8.354  1.00 38.41  ? 144 TRP A CZ3 1 
ATOM   976  C  CH2 . TRP A 1 144 ? -8.878  -0.638  -9.139  1.00 40.95  ? 144 TRP A CH2 1 
ATOM   977  N  N   . PHE A 1 145 ? -2.379  1.624   -11.649 1.00 41.64  ? 145 PHE A N   1 
ATOM   978  C  CA  . PHE A 1 145 ? -2.365  2.881   -12.363 1.00 43.33  ? 145 PHE A CA  1 
ATOM   979  C  C   . PHE A 1 145 ? -3.236  2.829   -13.595 1.00 46.22  ? 145 PHE A C   1 
ATOM   980  O  O   . PHE A 1 145 ? -3.076  1.970   -14.456 1.00 46.89  ? 145 PHE A O   1 
ATOM   981  C  CB  . PHE A 1 145 ? -0.936  3.228   -12.759 1.00 41.78  ? 145 PHE A CB  1 
ATOM   982  C  CG  . PHE A 1 145 ? -0.057  3.568   -11.595 1.00 41.65  ? 145 PHE A CG  1 
ATOM   983  C  CD1 . PHE A 1 145 ? -0.011  4.865   -11.098 1.00 41.63  ? 145 PHE A CD1 1 
ATOM   984  C  CD2 . PHE A 1 145 ? 0.731   2.592   -10.995 1.00 41.45  ? 145 PHE A CD2 1 
ATOM   985  C  CE1 . PHE A 1 145 ? 0.812   5.188   -10.020 1.00 42.14  ? 145 PHE A CE1 1 
ATOM   986  C  CE2 . PHE A 1 145 ? 1.555   2.905   -9.919  1.00 41.83  ? 145 PHE A CE2 1 
ATOM   987  C  CZ  . PHE A 1 145 ? 1.597   4.209   -9.430  1.00 41.12  ? 145 PHE A CZ  1 
ATOM   988  N  N   . ALA A 1 146 ? -4.179  3.752   -13.676 1.00 49.35  ? 146 ALA A N   1 
ATOM   989  C  CA  . ALA A 1 146 ? -5.028  3.814   -14.849 1.00 51.14  ? 146 ALA A CA  1 
ATOM   990  C  C   . ALA A 1 146 ? -4.329  4.830   -15.756 1.00 53.44  ? 146 ALA A C   1 
ATOM   991  O  O   . ALA A 1 146 ? -4.605  4.917   -16.951 1.00 54.48  ? 146 ALA A O   1 
ATOM   992  C  CB  . ALA A 1 146 ? -6.407  4.292   -14.468 1.00 50.06  ? 146 ALA A CB  1 
ATOM   993  N  N   . SER A 1 147 ? -3.401  5.577   -15.163 1.00 54.71  ? 147 SER A N   1 
ATOM   994  C  CA  . SER A 1 147 ? -2.629  6.604   -15.849 1.00 54.89  ? 147 SER A CA  1 
ATOM   995  C  C   . SER A 1 147 ? -1.440  6.946   -14.953 1.00 56.13  ? 147 SER A C   1 
ATOM   996  O  O   . SER A 1 147 ? -1.475  6.712   -13.748 1.00 56.63  ? 147 SER A O   1 
ATOM   997  C  CB  . SER A 1 147 ? -3.502  7.842   -16.078 1.00 53.93  ? 147 SER A CB  1 
ATOM   998  O  OG  . SER A 1 147 ? -2.761  9.040   -15.985 1.00 55.05  ? 147 SER A OG  1 
ATOM   999  N  N   . PRO A 1 148 ? -0.361  7.496   -15.530 1.00 57.45  ? 148 PRO A N   1 
ATOM   1000 C  CA  . PRO A 1 148 ? 0.792   7.829   -14.684 1.00 56.49  ? 148 PRO A CA  1 
ATOM   1001 C  C   . PRO A 1 148 ? 0.399   8.837   -13.607 1.00 55.85  ? 148 PRO A C   1 
ATOM   1002 O  O   . PRO A 1 148 ? 1.105   9.008   -12.610 1.00 55.53  ? 148 PRO A O   1 
ATOM   1003 C  CB  . PRO A 1 148 ? 1.803   8.394   -15.683 1.00 55.94  ? 148 PRO A CB  1 
ATOM   1004 C  CG  . PRO A 1 148 ? 1.422   7.681   -16.984 1.00 57.01  ? 148 PRO A CG  1 
ATOM   1005 C  CD  . PRO A 1 148 ? -0.076  7.771   -16.951 1.00 56.93  ? 148 PRO A CD  1 
ATOM   1006 N  N   . ASN A 1 149 ? -0.747  9.489   -13.799 1.00 55.09  ? 149 ASN A N   1 
ATOM   1007 C  CA  . ASN A 1 149 ? -1.234  10.481  -12.828 1.00 54.13  ? 149 ASN A CA  1 
ATOM   1008 C  C   . ASN A 1 149 ? -2.569  10.104  -12.191 1.00 52.66  ? 149 ASN A C   1 
ATOM   1009 O  O   . ASN A 1 149 ? -3.232  10.939  -11.580 1.00 51.95  ? 149 ASN A O   1 
ATOM   1010 C  CB  . ASN A 1 149 ? -1.357  11.821  -13.515 1.00 54.00  ? 149 ASN A CB  1 
ATOM   1011 C  CG  . ASN A 1 149 ? -0.108  12.174  -14.268 1.00 56.36  ? 149 ASN A CG  1 
ATOM   1012 O  OD1 . ASN A 1 149 ? 0.972   12.263  -13.682 1.00 55.49  ? 149 ASN A OD1 1 
ATOM   1013 N  ND2 . ASN A 1 149 ? -0.236  12.367  -15.575 1.00 59.30  ? 149 ASN A ND2 1 
ATOM   1014 N  N   . LEU A 1 150 ? -2.947  8.839   -12.345 1.00 50.35  ? 150 LEU A N   1 
ATOM   1015 C  CA  . LEU A 1 150 ? -4.176  8.331   -11.778 1.00 48.51  ? 150 LEU A CA  1 
ATOM   1016 C  C   . LEU A 1 150 ? -3.944  6.949   -11.178 1.00 48.47  ? 150 LEU A C   1 
ATOM   1017 O  O   . LEU A 1 150 ? -3.853  5.948   -11.904 1.00 49.03  ? 150 LEU A O   1 
ATOM   1018 C  CB  . LEU A 1 150 ? -5.267  8.228   -12.841 1.00 45.88  ? 150 LEU A CB  1 
ATOM   1019 C  CG  . LEU A 1 150 ? -6.651  8.773   -12.433 1.00 44.45  ? 150 LEU A CG  1 
ATOM   1020 C  CD1 . LEU A 1 150 ? -7.665  8.374   -13.485 1.00 41.77  ? 150 LEU A CD1 1 
ATOM   1021 C  CD2 . LEU A 1 150 ? -7.062  8.261   -11.068 1.00 42.98  ? 150 LEU A CD2 1 
ATOM   1022 N  N   . ARG A 1 151 ? -3.838  6.892   -9.854  1.00 47.03  ? 151 ARG A N   1 
ATOM   1023 C  CA  . ARG A 1 151 ? -3.652  5.617   -9.179  1.00 46.06  ? 151 ARG A CA  1 
ATOM   1024 C  C   . ARG A 1 151 ? -4.967  5.257   -8.517  1.00 45.57  ? 151 ARG A C   1 
ATOM   1025 O  O   . ARG A 1 151 ? -5.588  6.095   -7.887  1.00 48.10  ? 151 ARG A O   1 
ATOM   1026 C  CB  . ARG A 1 151 ? -2.554  5.692   -8.124  1.00 43.73  ? 151 ARG A CB  1 
ATOM   1027 C  CG  . ARG A 1 151 ? -1.963  4.319   -7.888  1.00 45.98  ? 151 ARG A CG  1 
ATOM   1028 C  CD  . ARG A 1 151 ? -0.898  4.313   -6.822  1.00 48.02  ? 151 ARG A CD  1 
ATOM   1029 N  NE  . ARG A 1 151 ? -1.467  4.722   -5.547  1.00 48.84  ? 151 ARG A NE  1 
ATOM   1030 C  CZ  . ARG A 1 151 ? -0.869  4.600   -4.372  1.00 47.18  ? 151 ARG A CZ  1 
ATOM   1031 N  NH1 . ARG A 1 151 ? 0.337   4.069   -4.283  1.00 46.00  ? 151 ARG A NH1 1 
ATOM   1032 N  NH2 . ARG A 1 151 ? -1.492  5.026   -3.283  1.00 50.39  ? 151 ARG A NH2 1 
ATOM   1033 N  N   . LEU A 1 152 ? -5.399  4.014   -8.670  1.00 44.23  ? 152 LEU A N   1 
ATOM   1034 C  CA  . LEU A 1 152 ? -6.654  3.578   -8.087  1.00 41.76  ? 152 LEU A CA  1 
ATOM   1035 C  C   . LEU A 1 152 ? -6.441  2.360   -7.205  1.00 41.48  ? 152 LEU A C   1 
ATOM   1036 O  O   . LEU A 1 152 ? -5.485  1.614   -7.394  1.00 41.38  ? 152 LEU A O   1 
ATOM   1037 C  CB  . LEU A 1 152 ? -7.635  3.212   -9.197  1.00 42.55  ? 152 LEU A CB  1 
ATOM   1038 C  CG  . LEU A 1 152 ? -7.938  4.298   -10.218 1.00 45.26  ? 152 LEU A CG  1 
ATOM   1039 C  CD1 . LEU A 1 152 ? -8.935  3.783   -11.252 1.00 46.55  ? 152 LEU A CD1 1 
ATOM   1040 C  CD2 . LEU A 1 152 ? -8.499  5.508   -9.498  1.00 46.66  ? 152 LEU A CD2 1 
ATOM   1041 N  N   . ARG A 1 153 ? -7.332  2.145   -6.248  1.00 39.90  ? 153 ARG A N   1 
ATOM   1042 C  CA  . ARG A 1 153 ? -7.198  0.975   -5.406  1.00 42.20  ? 153 ARG A CA  1 
ATOM   1043 C  C   . ARG A 1 153 ? -8.512  0.505   -4.787  1.00 41.76  ? 153 ARG A C   1 
ATOM   1044 O  O   . ARG A 1 153 ? -9.323  1.303   -4.349  1.00 42.39  ? 153 ARG A O   1 
ATOM   1045 C  CB  . ARG A 1 153 ? -6.114  1.200   -4.328  1.00 44.53  ? 153 ARG A CB  1 
ATOM   1046 C  CG  . ARG A 1 153 ? -6.101  2.554   -3.686  1.00 46.90  ? 153 ARG A CG  1 
ATOM   1047 C  CD  . ARG A 1 153 ? -6.449  2.451   -2.224  1.00 52.01  ? 153 ARG A CD  1 
ATOM   1048 N  NE  . ARG A 1 153 ? -5.271  2.348   -1.357  1.00 54.74  ? 153 ARG A NE  1 
ATOM   1049 C  CZ  . ARG A 1 153 ? -4.339  3.292   -1.236  1.00 53.75  ? 153 ARG A CZ  1 
ATOM   1050 N  NH1 . ARG A 1 153 ? -4.445  4.419   -1.935  1.00 51.26  ? 153 ARG A NH1 1 
ATOM   1051 N  NH2 . ARG A 1 153 ? -3.307  3.107   -0.415  1.00 50.12  ? 153 ARG A NH2 1 
ATOM   1052 N  N   . THR A 1 154 ? -8.739  -0.800  -4.809  1.00 41.71  ? 154 THR A N   1 
ATOM   1053 C  CA  . THR A 1 154 ? -9.938  -1.370  -4.223  1.00 43.98  ? 154 THR A CA  1 
ATOM   1054 C  C   . THR A 1 154 ? -9.486  -2.264  -3.070  1.00 43.94  ? 154 THR A C   1 
ATOM   1055 O  O   . THR A 1 154 ? -8.308  -2.621  -2.988  1.00 43.65  ? 154 THR A O   1 
ATOM   1056 C  CB  . THR A 1 154 ? -10.759 -2.202  -5.266  1.00 46.65  ? 154 THR A CB  1 
ATOM   1057 O  OG1 . THR A 1 154 ? -9.942  -3.235  -5.848  1.00 46.30  ? 154 THR A OG1 1 
ATOM   1058 C  CG2 . THR A 1 154 ? -11.297 -1.294  -6.356  1.00 47.67  ? 154 THR A CG2 1 
ATOM   1059 N  N   . SER A 1 155 ? -10.413 -2.623  -2.189  1.00 42.45  ? 155 SER A N   1 
ATOM   1060 C  CA  . SER A 1 155 ? -10.071 -3.434  -1.033  1.00 42.31  ? 155 SER A CA  1 
ATOM   1061 C  C   . SER A 1 155 ? -11.306 -4.070  -0.404  1.00 43.33  ? 155 SER A C   1 
ATOM   1062 O  O   . SER A 1 155 ? -12.424 -3.578  -0.570  1.00 44.31  ? 155 SER A O   1 
ATOM   1063 C  CB  . SER A 1 155 ? -9.418  -2.555  0.030   1.00 39.27  ? 155 SER A CB  1 
ATOM   1064 O  OG  . SER A 1 155 ? -10.398 -2.029  0.897   1.00 38.27  ? 155 SER A OG  1 
ATOM   1065 N  N   . ILE A 1 156 ? -11.100 -5.167  0.315   1.00 43.10  ? 156 ILE A N   1 
ATOM   1066 C  CA  . ILE A 1 156 ? -12.190 -5.801  1.029   1.00 46.65  ? 156 ILE A CA  1 
ATOM   1067 C  C   . ILE A 1 156 ? -11.679 -6.150  2.400   1.00 46.89  ? 156 ILE A C   1 
ATOM   1068 O  O   . ILE A 1 156 ? -10.500 -6.403  2.588   1.00 47.65  ? 156 ILE A O   1 
ATOM   1069 C  CB  . ILE A 1 156 ? -12.717 -7.072  0.343   1.00 48.11  ? 156 ILE A CB  1 
ATOM   1070 C  CG1 . ILE A 1 156 ? -11.576 -8.062  0.123   1.00 50.04  ? 156 ILE A CG1 1 
ATOM   1071 C  CG2 . ILE A 1 156 ? -13.446 -6.707  -0.937  1.00 49.23  ? 156 ILE A CG2 1 
ATOM   1072 C  CD1 . ILE A 1 156 ? -11.492 -9.140  1.201   1.00 51.49  ? 156 ILE A CD1 1 
ATOM   1073 N  N   . LEU A 1 157 ? -12.578 -6.136  3.368   1.00 50.41  ? 157 LEU A N   1 
ATOM   1074 C  CA  . LEU A 1 157 ? -12.224 -6.438  4.745   1.00 51.89  ? 157 LEU A CA  1 
ATOM   1075 C  C   . LEU A 1 157 ? -13.198 -7.510  5.222   1.00 52.45  ? 157 LEU A C   1 
ATOM   1076 O  O   . LEU A 1 157 ? -14.415 -7.312  5.180   1.00 52.39  ? 157 LEU A O   1 
ATOM   1077 C  CB  . LEU A 1 157 ? -12.350 -5.159  5.580   1.00 52.00  ? 157 LEU A CB  1 
ATOM   1078 C  CG  . LEU A 1 157 ? -11.459 -4.978  6.799   1.00 52.03  ? 157 LEU A CG  1 
ATOM   1079 C  CD1 . LEU A 1 157 ? -11.746 -6.072  7.807   1.00 53.14  ? 157 LEU A CD1 1 
ATOM   1080 C  CD2 . LEU A 1 157 ? -10.004 -5.000  6.369   1.00 52.56  ? 157 LEU A CD2 1 
ATOM   1081 N  N   . LYS A 1 158 ? -12.665 -8.658  5.632   1.00 53.30  ? 158 LYS A N   1 
ATOM   1082 C  CA  . LYS A 1 158 ? -13.493 -9.756  6.122   1.00 54.28  ? 158 LYS A CA  1 
ATOM   1083 C  C   . LYS A 1 158 ? -13.255 -9.759  7.622   1.00 55.04  ? 158 LYS A C   1 
ATOM   1084 O  O   . LYS A 1 158 ? -12.131 -9.549  8.069   1.00 54.28  ? 158 LYS A O   1 
ATOM   1085 C  CB  . LYS A 1 158 ? -13.054 -11.077 5.491   1.00 55.28  ? 158 LYS A CB  1 
ATOM   1086 C  CG  . LYS A 1 158 ? -14.009 -12.250 5.715   1.00 59.05  ? 158 LYS A CG  1 
ATOM   1087 C  CD  . LYS A 1 158 ? -13.625 -13.452 4.839   1.00 60.25  ? 158 LYS A CD  1 
ATOM   1088 C  CE  . LYS A 1 158 ? -14.496 -14.671 5.115   1.00 61.00  ? 158 LYS A CE  1 
ATOM   1089 N  NZ  . LYS A 1 158 ? -15.937 -14.371 4.914   1.00 63.42  ? 158 LYS A NZ  1 
ATOM   1090 N  N   . ARG A 1 159 ? -14.299 -9.984  8.408   1.00 57.22  ? 159 ARG A N   1 
ATOM   1091 C  CA  . ARG A 1 159 ? -14.138 -9.930  9.857   1.00 58.14  ? 159 ARG A CA  1 
ATOM   1092 C  C   . ARG A 1 159 ? -15.173 -10.786 10.584  1.00 59.32  ? 159 ARG A C   1 
ATOM   1093 O  O   . ARG A 1 159 ? -16.375 -10.580 10.424  1.00 59.06  ? 159 ARG A O   1 
ATOM   1094 C  CB  . ARG A 1 159 ? -14.288 -8.479  10.280  1.00 58.06  ? 159 ARG A CB  1 
ATOM   1095 C  CG  . ARG A 1 159 ? -13.563 -8.097  11.519  1.00 60.20  ? 159 ARG A CG  1 
ATOM   1096 C  CD  . ARG A 1 159 ? -14.208 -6.858  12.120  1.00 60.29  ? 159 ARG A CD  1 
ATOM   1097 N  NE  . ARG A 1 159 ? -14.395 -5.796  11.150  1.00 60.46  ? 159 ARG A NE  1 
ATOM   1098 C  CZ  . ARG A 1 159 ? -15.033 -4.662  11.411  1.00 61.58  ? 159 ARG A CZ  1 
ATOM   1099 N  NH1 . ARG A 1 159 ? -15.169 -3.723  10.477  1.00 62.27  ? 159 ARG A NH1 1 
ATOM   1100 N  NH2 . ARG A 1 159 ? -15.543 -4.466  12.613  1.00 62.40  ? 159 ARG A NH2 1 
ATOM   1101 N  N   . PHE A 1 160 ? -14.707 -11.732 11.392  1.00 61.26  ? 160 PHE A N   1 
ATOM   1102 C  CA  . PHE A 1 160 ? -15.616 -12.599 12.147  1.00 63.34  ? 160 PHE A CA  1 
ATOM   1103 C  C   . PHE A 1 160 ? -16.563 -13.334 11.214  1.00 65.67  ? 160 PHE A C   1 
ATOM   1104 O  O   . PHE A 1 160 ? -17.788 -13.294 11.387  1.00 65.99  ? 160 PHE A O   1 
ATOM   1105 C  CB  . PHE A 1 160 ? -16.437 -11.780 13.158  1.00 61.97  ? 160 PHE A CB  1 
ATOM   1106 C  CG  . PHE A 1 160 ? -15.591 -11.029 14.147  1.00 61.53  ? 160 PHE A CG  1 
ATOM   1107 C  CD1 . PHE A 1 160 ? -14.937 -11.700 15.174  1.00 61.18  ? 160 PHE A CD1 1 
ATOM   1108 C  CD2 . PHE A 1 160 ? -15.374 -9.665  13.999  1.00 60.40  ? 160 PHE A CD2 1 
ATOM   1109 C  CE1 . PHE A 1 160 ? -14.076 -11.024 16.029  1.00 60.81  ? 160 PHE A CE1 1 
ATOM   1110 C  CE2 . PHE A 1 160 ? -14.512 -8.982  14.850  1.00 60.41  ? 160 PHE A CE2 1 
ATOM   1111 C  CZ  . PHE A 1 160 ? -13.863 -9.661  15.862  1.00 60.35  ? 160 PHE A CZ  1 
ATOM   1112 N  N   . GLY A 1 161 ? -15.986 -13.989 10.211  1.00 66.50  ? 161 GLY A N   1 
ATOM   1113 C  CA  . GLY A 1 161 ? -16.782 -14.757 9.268   1.00 68.23  ? 161 GLY A CA  1 
ATOM   1114 C  C   . GLY A 1 161 ? -17.676 -13.999 8.303   1.00 68.60  ? 161 GLY A C   1 
ATOM   1115 O  O   . GLY A 1 161 ? -18.543 -14.595 7.658   1.00 69.33  ? 161 GLY A O   1 
ATOM   1116 N  N   . GLY A 1 162 ? -17.488 -12.693 8.191   1.00 67.78  ? 162 GLY A N   1 
ATOM   1117 C  CA  . GLY A 1 162 ? -18.323 -11.948 7.272   1.00 67.55  ? 162 GLY A CA  1 
ATOM   1118 C  C   . GLY A 1 162 ? -17.623 -10.753 6.671   1.00 67.11  ? 162 GLY A C   1 
ATOM   1119 O  O   . GLY A 1 162 ? -16.847 -10.075 7.351   1.00 67.39  ? 162 GLY A O   1 
ATOM   1120 N  N   . PHE A 1 163 ? -17.877 -10.488 5.394   1.00 65.45  ? 163 PHE A N   1 
ATOM   1121 C  CA  . PHE A 1 163 ? -17.252 -9.330  4.761   1.00 63.10  ? 163 PHE A CA  1 
ATOM   1122 C  C   . PHE A 1 163 ? -17.879 -8.113  5.402   1.00 61.96  ? 163 PHE A C   1 
ATOM   1123 O  O   . PHE A 1 163 ? -19.088 -8.068  5.585   1.00 63.25  ? 163 PHE A O   1 
ATOM   1124 C  CB  . PHE A 1 163 ? -17.520 -9.334  3.261   1.00 60.79  ? 163 PHE A CB  1 
ATOM   1125 C  CG  . PHE A 1 163 ? -16.745 -10.374 2.524   1.00 58.54  ? 163 PHE A CG  1 
ATOM   1126 C  CD1 . PHE A 1 163 ? -15.424 -10.150 2.161   1.00 58.06  ? 163 PHE A CD1 1 
ATOM   1127 C  CD2 . PHE A 1 163 ? -17.323 -11.598 2.225   1.00 57.86  ? 163 PHE A CD2 1 
ATOM   1128 C  CE1 . PHE A 1 163 ? -14.692 -11.134 1.512   1.00 57.03  ? 163 PHE A CE1 1 
ATOM   1129 C  CE2 . PHE A 1 163 ? -16.598 -12.586 1.577   1.00 56.69  ? 163 PHE A CE2 1 
ATOM   1130 C  CZ  . PHE A 1 163 ? -15.284 -12.357 1.220   1.00 55.17  ? 163 PHE A CZ  1 
ATOM   1131 N  N   . SER A 1 164 ? -17.066 -7.135  5.767   1.00 59.92  ? 164 SER A N   1 
ATOM   1132 C  CA  . SER A 1 164 ? -17.628 -5.961  6.391   1.00 59.40  ? 164 SER A CA  1 
ATOM   1133 C  C   . SER A 1 164 ? -17.368 -4.665  5.642   1.00 58.87  ? 164 SER A C   1 
ATOM   1134 O  O   . SER A 1 164 ? -18.150 -3.720  5.742   1.00 58.95  ? 164 SER A O   1 
ATOM   1135 C  CB  . SER A 1 164 ? -17.155 -5.835  7.853   1.00 59.68  ? 164 SER A CB  1 
ATOM   1136 O  OG  . SER A 1 164 ? -15.795 -5.474  7.962   1.00 58.87  ? 164 SER A OG  1 
HETATM 1137 N  N   . MSE A 1 165 ? -16.291 -4.596  4.877   1.00 58.33  ? 165 MSE A N   1 
HETATM 1138 C  CA  . MSE A 1 165 ? -16.047 -3.353  4.183   1.00 57.54  ? 165 MSE A CA  1 
HETATM 1139 C  C   . MSE A 1 165 ? -15.419 -3.514  2.820   1.00 53.87  ? 165 MSE A C   1 
HETATM 1140 O  O   . MSE A 1 165 ? -14.559 -4.361  2.620   1.00 52.85  ? 165 MSE A O   1 
HETATM 1141 C  CB  . MSE A 1 165 ? -15.189 -2.448  5.050   1.00 62.27  ? 165 MSE A CB  1 
HETATM 1142 C  CG  . MSE A 1 165 ? -15.278 -0.991  4.687   1.00 70.43  ? 165 MSE A CG  1 
HETATM 1143 SE SE  . MSE A 1 165 ? -14.058 0.037   5.773   1.00 82.91  ? 165 MSE A SE  1 
HETATM 1144 C  CE  . MSE A 1 165 ? -15.007 -0.077  7.458   1.00 80.51  ? 165 MSE A CE  1 
ATOM   1145 N  N   . ALA A 1 166 ? -15.889 -2.694  1.884   1.00 49.84  ? 166 ALA A N   1 
ATOM   1146 C  CA  . ALA A 1 166 ? -15.411 -2.670  0.505   1.00 46.71  ? 166 ALA A CA  1 
ATOM   1147 C  C   . ALA A 1 166 ? -15.063 -1.207  0.231   1.00 44.37  ? 166 ALA A C   1 
ATOM   1148 O  O   . ALA A 1 166 ? -15.874 -0.332  0.497   1.00 44.73  ? 166 ALA A O   1 
ATOM   1149 C  CB  . ALA A 1 166 ? -16.507 -3.131  -0.416  1.00 45.63  ? 166 ALA A CB  1 
ATOM   1150 N  N   . SER A 1 167 ? -13.873 -0.928  -0.288  1.00 41.36  ? 167 SER A N   1 
ATOM   1151 C  CA  . SER A 1 167 ? -13.519 0.465   -0.515  1.00 41.31  ? 167 SER A CA  1 
ATOM   1152 C  C   . SER A 1 167 ? -12.824 0.754   -1.823  1.00 41.76  ? 167 SER A C   1 
ATOM   1153 O  O   . SER A 1 167 ? -12.177 -0.111  -2.411  1.00 43.15  ? 167 SER A O   1 
ATOM   1154 C  CB  . SER A 1 167 ? -12.655 0.998   0.627   1.00 37.82  ? 167 SER A CB  1 
ATOM   1155 O  OG  . SER A 1 167 ? -13.299 0.788   1.857   1.00 39.31  ? 167 SER A OG  1 
ATOM   1156 N  N   . PHE A 1 168 ? -12.938 2.005   -2.251  1.00 41.22  ? 168 PHE A N   1 
ATOM   1157 C  CA  . PHE A 1 168 ? -12.349 2.446   -3.496  1.00 41.56  ? 168 PHE A CA  1 
ATOM   1158 C  C   . PHE A 1 168 ? -11.625 3.790   -3.270  1.00 41.93  ? 168 PHE A C   1 
ATOM   1159 O  O   . PHE A 1 168 ? -12.038 4.589   -2.442  1.00 42.29  ? 168 PHE A O   1 
ATOM   1160 C  CB  . PHE A 1 168 ? -13.485 2.558   -4.517  1.00 43.05  ? 168 PHE A CB  1 
ATOM   1161 C  CG  . PHE A 1 168 ? -13.037 2.954   -5.886  1.00 47.22  ? 168 PHE A CG  1 
ATOM   1162 C  CD1 . PHE A 1 168 ? -12.205 2.123   -6.633  1.00 47.93  ? 168 PHE A CD1 1 
ATOM   1163 C  CD2 . PHE A 1 168 ? -13.409 4.185   -6.415  1.00 46.49  ? 168 PHE A CD2 1 
ATOM   1164 C  CE1 . PHE A 1 168 ? -11.749 2.520   -7.882  1.00 48.39  ? 168 PHE A CE1 1 
ATOM   1165 C  CE2 . PHE A 1 168 ? -12.960 4.588   -7.655  1.00 47.20  ? 168 PHE A CE2 1 
ATOM   1166 C  CZ  . PHE A 1 168 ? -12.127 3.757   -8.392  1.00 47.46  ? 168 PHE A CZ  1 
ATOM   1167 N  N   . CYS A 1 169 ? -10.519 4.015   -3.970  1.00 42.40  ? 169 CYS A N   1 
ATOM   1168 C  CA  . CYS A 1 169 ? -9.792  5.269   -3.845  1.00 45.08  ? 169 CYS A CA  1 
ATOM   1169 C  C   . CYS A 1 169 ? -9.304  5.739   -5.206  1.00 45.38  ? 169 CYS A C   1 
ATOM   1170 O  O   . CYS A 1 169 ? -8.762  4.961   -5.988  1.00 43.58  ? 169 CYS A O   1 
ATOM   1171 C  CB  . CYS A 1 169 ? -8.569  5.151   -2.931  1.00 46.61  ? 169 CYS A CB  1 
ATOM   1172 S  SG  . CYS A 1 169 ? -8.925  4.716   -1.249  1.00 56.75  ? 169 CYS A SG  1 
ATOM   1173 N  N   . SER A 1 170 ? -9.505  7.025   -5.464  1.00 45.75  ? 170 SER A N   1 
ATOM   1174 C  CA  . SER A 1 170 ? -9.084  7.668   -6.691  1.00 46.93  ? 170 SER A CA  1 
ATOM   1175 C  C   . SER A 1 170 ? -7.956  8.579   -6.243  1.00 47.36  ? 170 SER A C   1 
ATOM   1176 O  O   . SER A 1 170 ? -8.151  9.402   -5.354  1.00 47.02  ? 170 SER A O   1 
ATOM   1177 C  CB  . SER A 1 170 ? -10.200 8.550   -7.241  1.00 48.59  ? 170 SER A CB  1 
ATOM   1178 O  OG  . SER A 1 170 ? -11.431 7.872   -7.315  1.00 54.20  ? 170 SER A OG  1 
ATOM   1179 N  N   . GLU A 1 171 ? -6.781  8.456   -6.840  1.00 47.60  ? 171 GLU A N   1 
ATOM   1180 C  CA  . GLU A 1 171 ? -5.696  9.329   -6.437  1.00 50.24  ? 171 GLU A CA  1 
ATOM   1181 C  C   . GLU A 1 171 ? -5.105  10.002  -7.653  1.00 51.44  ? 171 GLU A C   1 
ATOM   1182 O  O   . GLU A 1 171 ? -4.520  9.343   -8.519  1.00 51.65  ? 171 GLU A O   1 
ATOM   1183 C  CB  . GLU A 1 171 ? -4.646  8.523   -5.680  1.00 51.49  ? 171 GLU A CB  1 
ATOM   1184 C  CG  . GLU A 1 171 ? -5.262  7.779   -4.516  1.00 55.00  ? 171 GLU A CG  1 
ATOM   1185 C  CD  . GLU A 1 171 ? -4.307  6.843   -3.825  1.00 58.34  ? 171 GLU A CD  1 
ATOM   1186 O  OE1 . GLU A 1 171 ? -3.721  5.972   -4.501  1.00 58.70  ? 171 GLU A OE1 1 
ATOM   1187 O  OE2 . GLU A 1 171 ? -4.152  6.964   -2.591  1.00 62.65  ? 171 GLU A OE2 1 
ATOM   1188 N  N   . ILE A 1 172 ? -5.291  11.317  -7.745  1.00 51.83  ? 172 ILE A N   1 
ATOM   1189 C  CA  . ILE A 1 172 ? -4.734  12.040  -8.877  1.00 51.29  ? 172 ILE A CA  1 
ATOM   1190 C  C   . ILE A 1 172 ? -3.502  12.805  -8.431  1.00 52.06  ? 172 ILE A C   1 
ATOM   1191 O  O   . ILE A 1 172 ? -3.494  13.438  -7.388  1.00 51.09  ? 172 ILE A O   1 
ATOM   1192 C  CB  . ILE A 1 172 ? -5.814  12.954  -9.618  1.00 50.22  ? 172 ILE A CB  1 
ATOM   1193 C  CG1 . ILE A 1 172 ? -5.154  14.220  -10.144 1.00 48.46  ? 172 ILE A CG1 1 
ATOM   1194 C  CG2 . ILE A 1 172 ? -7.052  13.182  -8.747  1.00 46.64  ? 172 ILE A CG2 1 
ATOM   1195 C  CD1 . ILE A 1 172 ? -4.925  15.316  -9.117  1.00 51.83  ? 172 ILE A CD1 1 
ATOM   1196 N  N   . ARG A 1 173 ? -2.441  12.685  -9.219  1.00 55.27  ? 173 ARG A N   1 
ATOM   1197 C  CA  . ARG A 1 173 ? -1.176  13.327  -8.918  1.00 58.17  ? 173 ARG A CA  1 
ATOM   1198 C  C   . ARG A 1 173 ? -1.308  14.843  -8.910  1.00 61.91  ? 173 ARG A C   1 
ATOM   1199 O  O   . ARG A 1 173 ? -1.940  15.427  -9.794  1.00 61.83  ? 173 ARG A O   1 
ATOM   1200 C  CB  . ARG A 1 173 ? -0.128  12.890  -9.933  1.00 55.80  ? 173 ARG A CB  1 
ATOM   1201 C  CG  . ARG A 1 173 ? 1.296   13.163  -9.518  1.00 54.95  ? 173 ARG A CG  1 
ATOM   1202 C  CD  . ARG A 1 173 ? 2.245   12.822  -10.656 1.00 52.80  ? 173 ARG A CD  1 
ATOM   1203 N  NE  . ARG A 1 173 ? 2.242   11.393  -10.968 1.00 52.88  ? 173 ARG A NE  1 
ATOM   1204 C  CZ  . ARG A 1 173 ? 2.912   10.480  -10.273 1.00 51.90  ? 173 ARG A CZ  1 
ATOM   1205 N  NH1 . ARG A 1 173 ? 3.637   10.850  -9.228  1.00 53.52  ? 173 ARG A NH1 1 
ATOM   1206 N  NH2 . ARG A 1 173 ? 2.859   9.201   -10.615 1.00 51.51  ? 173 ARG A NH2 1 
ATOM   1207 N  N   . LEU A 1 174 ? -0.705  15.472  -7.904  1.00 66.32  ? 174 LEU A N   1 
ATOM   1208 C  CA  . LEU A 1 174 ? -0.759  16.919  -7.756  1.00 70.51  ? 174 LEU A CA  1 
ATOM   1209 C  C   . LEU A 1 174 ? 0.316   17.690  -8.536  1.00 74.93  ? 174 LEU A C   1 
ATOM   1210 O  O   . LEU A 1 174 ? 0.013   18.334  -9.548  1.00 75.86  ? 174 LEU A O   1 
ATOM   1211 C  CB  . LEU A 1 174 ? -0.683  17.285  -6.277  1.00 68.68  ? 174 LEU A CB  1 
ATOM   1212 C  CG  . LEU A 1 174 ? -1.784  16.683  -5.406  1.00 69.26  ? 174 LEU A CG  1 
ATOM   1213 C  CD1 . LEU A 1 174 ? -1.543  17.107  -3.972  1.00 68.52  ? 174 LEU A CD1 1 
ATOM   1214 C  CD2 . LEU A 1 174 ? -3.166  17.134  -5.878  1.00 67.07  ? 174 LEU A CD2 1 
ATOM   1215 N  N   . GLY A 1 175 ? 1.562   17.648  -8.070  1.00 78.17  ? 175 GLY A N   1 
ATOM   1216 C  CA  . GLY A 1 175 ? 2.615   18.379  -8.763  1.00 82.53  ? 175 GLY A CA  1 
ATOM   1217 C  C   . GLY A 1 175 ? 3.458   19.299  -7.888  1.00 85.24  ? 175 GLY A C   1 
ATOM   1218 O  O   . GLY A 1 175 ? 4.112   18.840  -6.947  1.00 86.28  ? 175 GLY A O   1 
ATOM   1219 N  N   . VAL A 1 176 ? 3.446   20.597  -8.195  1.00 86.83  ? 176 VAL A N   1 
ATOM   1220 C  CA  . VAL A 1 176 ? 4.226   21.614  -7.453  1.00 88.03  ? 176 VAL A CA  1 
ATOM   1221 C  C   . VAL A 1 176 ? 5.737   21.417  -7.620  1.00 88.02  ? 176 VAL A C   1 
ATOM   1222 O  O   . VAL A 1 176 ? 6.346   21.918  -8.571  1.00 87.50  ? 176 VAL A O   1 
ATOM   1223 C  CB  . VAL A 1 176 ? 3.932   21.608  -5.919  1.00 88.56  ? 176 VAL A CB  1 
ATOM   1224 C  CG1 . VAL A 1 176 ? 4.760   22.688  -5.231  1.00 87.03  ? 176 VAL A CG1 1 
ATOM   1225 C  CG2 . VAL A 1 176 ? 2.446   21.837  -5.655  1.00 89.26  ? 176 VAL A CG2 1 
HETATM 1226 P  P   . PO4 B 2 .   ? 2.141   2.057   -1.627  1.00 97.90  ? 201 PO4 A P   1 
HETATM 1227 O  O1  . PO4 B 2 .   ? 2.155   2.318   -3.088  1.00 96.48  ? 201 PO4 A O1  1 
HETATM 1228 O  O2  . PO4 B 2 .   ? 1.090   2.897   -0.977  1.00 96.51  ? 201 PO4 A O2  1 
HETATM 1229 O  O3  . PO4 B 2 .   ? 1.847   0.620   -1.381  1.00 96.00  ? 201 PO4 A O3  1 
HETATM 1230 O  O4  . PO4 B 2 .   ? 3.472   2.394   -1.064  1.00 98.29  ? 201 PO4 A O4  1 
HETATM 1231 O  O   . HOH C 3 .   ? -1.504  -9.159  -17.911 1.00 56.78  ? 202 HOH A O   1 
# 
